data_1U5F
# 
_entry.id   1U5F 
# 
_audit_conform.dict_name       mmcif_pdbx.dic 
_audit_conform.dict_version    5.386 
_audit_conform.dict_location   http://mmcif.pdb.org/dictionaries/ascii/mmcif_pdbx.dic 
# 
loop_
_database_2.database_id 
_database_2.database_code 
_database_2.pdbx_database_accession 
_database_2.pdbx_DOI 
PDB   1U5F         pdb_00001u5f 10.2210/pdb1u5f/pdb 
RCSB  RCSB023267   ?            ?                   
WWPDB D_1000023267 ?            ?                   
# 
loop_
_pdbx_audit_revision_history.ordinal 
_pdbx_audit_revision_history.data_content_type 
_pdbx_audit_revision_history.major_revision 
_pdbx_audit_revision_history.minor_revision 
_pdbx_audit_revision_history.revision_date 
1 'Structure model' 1 0 2005-07-26 
2 'Structure model' 1 1 2008-04-30 
3 'Structure model' 1 2 2011-07-13 
4 'Structure model' 1 3 2021-10-20 
5 'Structure model' 1 4 2024-02-14 
# 
_pdbx_audit_revision_details.ordinal             1 
_pdbx_audit_revision_details.revision_ordinal    1 
_pdbx_audit_revision_details.data_content_type   'Structure model' 
_pdbx_audit_revision_details.provider            repository 
_pdbx_audit_revision_details.type                'Initial release' 
_pdbx_audit_revision_details.description         ? 
_pdbx_audit_revision_details.details             ? 
# 
loop_
_pdbx_audit_revision_group.ordinal 
_pdbx_audit_revision_group.revision_ordinal 
_pdbx_audit_revision_group.data_content_type 
_pdbx_audit_revision_group.group 
1 2 'Structure model' 'Version format compliance' 
2 3 'Structure model' 'Derived calculations'      
3 3 'Structure model' 'Version format compliance' 
4 4 'Structure model' 'Database references'       
5 4 'Structure model' 'Derived calculations'      
6 5 'Structure model' 'Data collection'           
# 
loop_
_pdbx_audit_revision_category.ordinal 
_pdbx_audit_revision_category.revision_ordinal 
_pdbx_audit_revision_category.data_content_type 
_pdbx_audit_revision_category.category 
1 4 'Structure model' database_2         
2 4 'Structure model' struct_ref_seq_dif 
3 4 'Structure model' struct_site        
4 5 'Structure model' chem_comp_atom     
5 5 'Structure model' chem_comp_bond     
# 
loop_
_pdbx_audit_revision_item.ordinal 
_pdbx_audit_revision_item.revision_ordinal 
_pdbx_audit_revision_item.data_content_type 
_pdbx_audit_revision_item.item 
1 4 'Structure model' '_database_2.pdbx_DOI'                
2 4 'Structure model' '_database_2.pdbx_database_accession' 
3 4 'Structure model' '_struct_ref_seq_dif.details'         
4 4 'Structure model' '_struct_site.pdbx_auth_asym_id'      
5 4 'Structure model' '_struct_site.pdbx_auth_comp_id'      
6 4 'Structure model' '_struct_site.pdbx_auth_seq_id'       
# 
_pdbx_database_status.status_code                     REL 
_pdbx_database_status.entry_id                        1U5F 
_pdbx_database_status.recvd_initial_deposition_date   2004-07-27 
_pdbx_database_status.deposit_site                    RCSB 
_pdbx_database_status.process_site                    RCSB 
_pdbx_database_status.status_code_sf                  REL 
_pdbx_database_status.status_code_mr                  ? 
_pdbx_database_status.SG_entry                        ? 
_pdbx_database_status.pdb_format_compatible           Y 
_pdbx_database_status.status_code_cs                  ? 
_pdbx_database_status.status_code_nmr_data            ? 
_pdbx_database_status.methods_development_category    ? 
# 
loop_
_pdbx_database_related.db_name 
_pdbx_database_related.db_id 
_pdbx_database_related.details 
_pdbx_database_related.content_type 
PDB 1U5E 
'Crystal Structure of a N-terminal Fragment of SKAP-Hom Containing Both the Helical Dimerization Domain and the PH Domain' 
unspecified 
PDB 1u5g 'Crystal Structure of the PH Domain of SKAP-Hom' unspecified 
PDB 1U5D 'Crystal Structure of the PH Domain of SKAP55' unspecified 
# 
loop_
_audit_author.name 
_audit_author.pdbx_ordinal 
'Tang, Y.'      1 
'Swanson, K.D.' 2 
'Neel, B.G.'    3 
'Eck, M.J.'     4 
# 
_citation.id                        primary 
_citation.title                     
;Structural Basis for the Dimerization and Phosphoinositide Specificity of the Src Kinase-associated Phosphoproteins SKAP55 and SKAP-Hom
;
_citation.journal_abbrev            'To be Published' 
_citation.journal_volume            ? 
_citation.page_first                ? 
_citation.page_last                 ? 
_citation.year                      ? 
_citation.journal_id_ASTM           ? 
_citation.country                   ? 
_citation.journal_id_ISSN           ? 
_citation.journal_id_CSD            0353 
_citation.book_publisher            ? 
_citation.pdbx_database_id_PubMed   ? 
_citation.pdbx_database_id_DOI      ? 
# 
loop_
_citation_author.citation_id 
_citation_author.name 
_citation_author.ordinal 
_citation_author.identifier_ORCID 
primary 'Tang, Y.'      1 ? 
primary 'Swanson, K.D.' 2 ? 
primary 'Neel, B.G.'    3 ? 
primary 'Eck, M.J.'     4 ? 
# 
loop_
_entity.id 
_entity.type 
_entity.src_method 
_entity.pdbx_description 
_entity.formula_weight 
_entity.pdbx_number_of_molecules 
_entity.pdbx_ec 
_entity.pdbx_mutation 
_entity.pdbx_fragment 
_entity.details 
1 polymer     man 'Src-associated adaptor protein' 17006.016 1 ? A110P 'PH Domain, residues 109-248' ? 
2 non-polymer syn 'SULFATE ION'                    96.063    2 ? ?     ?                             ? 
3 water       nat water                            18.015    8 ? ?     ?                             ? 
# 
_entity_name_com.entity_id   1 
_entity_name_com.name        'SKAP55 Homologue' 
# 
_entity_poly.entity_id                      1 
_entity_poly.type                           'polypeptide(L)' 
_entity_poly.nstd_linkage                   no 
_entity_poly.nstd_monomer                   no 
_entity_poly.pdbx_seq_one_letter_code       
;RASVGSPGIPAQDLPFVIKAGYLEKRRKDHSFLGFEWQKRWCALSKTVFYYYGSDKDKQQKGEFAIDGYDVRMNNTLRKD
GKKDCCFEICAPDKRIYQFTAASPKDAEEWVQQLKFILQDLGSDVIPEDDEERGELYDDVDHPAAVSS
;
_entity_poly.pdbx_seq_one_letter_code_can   
;RASVGSPGIPAQDLPFVIKAGYLEKRRKDHSFLGFEWQKRWCALSKTVFYYYGSDKDKQQKGEFAIDGYDVRMNNTLRKD
GKKDCCFEICAPDKRIYQFTAASPKDAEEWVQQLKFILQDLGSDVIPEDDEERGELYDDVDHPAAVSS
;
_entity_poly.pdbx_strand_id                 A 
_entity_poly.pdbx_target_identifier         ? 
# 
loop_
_pdbx_entity_nonpoly.entity_id 
_pdbx_entity_nonpoly.name 
_pdbx_entity_nonpoly.comp_id 
2 'SULFATE ION' SO4 
3 water         HOH 
# 
loop_
_entity_poly_seq.entity_id 
_entity_poly_seq.num 
_entity_poly_seq.mon_id 
_entity_poly_seq.hetero 
1 1   ARG n 
1 2   ALA n 
1 3   SER n 
1 4   VAL n 
1 5   GLY n 
1 6   SER n 
1 7   PRO n 
1 8   GLY n 
1 9   ILE n 
1 10  PRO n 
1 11  ALA n 
1 12  GLN n 
1 13  ASP n 
1 14  LEU n 
1 15  PRO n 
1 16  PHE n 
1 17  VAL n 
1 18  ILE n 
1 19  LYS n 
1 20  ALA n 
1 21  GLY n 
1 22  TYR n 
1 23  LEU n 
1 24  GLU n 
1 25  LYS n 
1 26  ARG n 
1 27  ARG n 
1 28  LYS n 
1 29  ASP n 
1 30  HIS n 
1 31  SER n 
1 32  PHE n 
1 33  LEU n 
1 34  GLY n 
1 35  PHE n 
1 36  GLU n 
1 37  TRP n 
1 38  GLN n 
1 39  LYS n 
1 40  ARG n 
1 41  TRP n 
1 42  CYS n 
1 43  ALA n 
1 44  LEU n 
1 45  SER n 
1 46  LYS n 
1 47  THR n 
1 48  VAL n 
1 49  PHE n 
1 50  TYR n 
1 51  TYR n 
1 52  TYR n 
1 53  GLY n 
1 54  SER n 
1 55  ASP n 
1 56  LYS n 
1 57  ASP n 
1 58  LYS n 
1 59  GLN n 
1 60  GLN n 
1 61  LYS n 
1 62  GLY n 
1 63  GLU n 
1 64  PHE n 
1 65  ALA n 
1 66  ILE n 
1 67  ASP n 
1 68  GLY n 
1 69  TYR n 
1 70  ASP n 
1 71  VAL n 
1 72  ARG n 
1 73  MET n 
1 74  ASN n 
1 75  ASN n 
1 76  THR n 
1 77  LEU n 
1 78  ARG n 
1 79  LYS n 
1 80  ASP n 
1 81  GLY n 
1 82  LYS n 
1 83  LYS n 
1 84  ASP n 
1 85  CYS n 
1 86  CYS n 
1 87  PHE n 
1 88  GLU n 
1 89  ILE n 
1 90  CYS n 
1 91  ALA n 
1 92  PRO n 
1 93  ASP n 
1 94  LYS n 
1 95  ARG n 
1 96  ILE n 
1 97  TYR n 
1 98  GLN n 
1 99  PHE n 
1 100 THR n 
1 101 ALA n 
1 102 ALA n 
1 103 SER n 
1 104 PRO n 
1 105 LYS n 
1 106 ASP n 
1 107 ALA n 
1 108 GLU n 
1 109 GLU n 
1 110 TRP n 
1 111 VAL n 
1 112 GLN n 
1 113 GLN n 
1 114 LEU n 
1 115 LYS n 
1 116 PHE n 
1 117 ILE n 
1 118 LEU n 
1 119 GLN n 
1 120 ASP n 
1 121 LEU n 
1 122 GLY n 
1 123 SER n 
1 124 ASP n 
1 125 VAL n 
1 126 ILE n 
1 127 PRO n 
1 128 GLU n 
1 129 ASP n 
1 130 ASP n 
1 131 GLU n 
1 132 GLU n 
1 133 ARG n 
1 134 GLY n 
1 135 GLU n 
1 136 LEU n 
1 137 TYR n 
1 138 ASP n 
1 139 ASP n 
1 140 VAL n 
1 141 ASP n 
1 142 HIS n 
1 143 PRO n 
1 144 ALA n 
1 145 ALA n 
1 146 VAL n 
1 147 SER n 
1 148 SER n 
# 
_entity_src_gen.entity_id                          1 
_entity_src_gen.pdbx_src_id                        1 
_entity_src_gen.pdbx_alt_source_flag               sample 
_entity_src_gen.pdbx_seq_type                      ? 
_entity_src_gen.pdbx_beg_seq_num                   ? 
_entity_src_gen.pdbx_end_seq_num                   ? 
_entity_src_gen.gene_src_common_name               'house mouse' 
_entity_src_gen.gene_src_genus                     Mus 
_entity_src_gen.pdbx_gene_src_gene                 SCAP2 
_entity_src_gen.gene_src_species                   ? 
_entity_src_gen.gene_src_strain                    ? 
_entity_src_gen.gene_src_tissue                    ? 
_entity_src_gen.gene_src_tissue_fraction           ? 
_entity_src_gen.gene_src_details                   ? 
_entity_src_gen.pdbx_gene_src_fragment             ? 
_entity_src_gen.pdbx_gene_src_scientific_name      'Mus musculus' 
_entity_src_gen.pdbx_gene_src_ncbi_taxonomy_id     10090 
_entity_src_gen.pdbx_gene_src_variant              ? 
_entity_src_gen.pdbx_gene_src_cell_line            ? 
_entity_src_gen.pdbx_gene_src_atcc                 ? 
_entity_src_gen.pdbx_gene_src_organ                ? 
_entity_src_gen.pdbx_gene_src_organelle            ? 
_entity_src_gen.pdbx_gene_src_cell                 ? 
_entity_src_gen.pdbx_gene_src_cellular_location    ? 
_entity_src_gen.host_org_common_name               ? 
_entity_src_gen.pdbx_host_org_scientific_name      'Escherichia coli BL21(DE3)' 
_entity_src_gen.pdbx_host_org_ncbi_taxonomy_id     469008 
_entity_src_gen.host_org_genus                     Escherichia 
_entity_src_gen.pdbx_host_org_gene                 ? 
_entity_src_gen.pdbx_host_org_organ                ? 
_entity_src_gen.host_org_species                   'Escherichia coli' 
_entity_src_gen.pdbx_host_org_tissue               ? 
_entity_src_gen.pdbx_host_org_tissue_fraction      ? 
_entity_src_gen.pdbx_host_org_strain               'BL21(DE3)' 
_entity_src_gen.pdbx_host_org_variant              ? 
_entity_src_gen.pdbx_host_org_cell_line            ? 
_entity_src_gen.pdbx_host_org_atcc                 ? 
_entity_src_gen.pdbx_host_org_culture_collection   ? 
_entity_src_gen.pdbx_host_org_cell                 ? 
_entity_src_gen.pdbx_host_org_organelle            ? 
_entity_src_gen.pdbx_host_org_cellular_location    ? 
_entity_src_gen.pdbx_host_org_vector_type          plasmid 
_entity_src_gen.pdbx_host_org_vector               ? 
_entity_src_gen.host_org_details                   ? 
_entity_src_gen.expression_system_id               ? 
_entity_src_gen.plasmid_name                       pGEX-2TK 
_entity_src_gen.plasmid_details                    ? 
_entity_src_gen.pdbx_description                   ? 
# 
loop_
_chem_comp.id 
_chem_comp.type 
_chem_comp.mon_nstd_flag 
_chem_comp.name 
_chem_comp.pdbx_synonyms 
_chem_comp.formula 
_chem_comp.formula_weight 
ALA 'L-peptide linking' y ALANINE         ? 'C3 H7 N O2'     89.093  
ARG 'L-peptide linking' y ARGININE        ? 'C6 H15 N4 O2 1' 175.209 
ASN 'L-peptide linking' y ASPARAGINE      ? 'C4 H8 N2 O3'    132.118 
ASP 'L-peptide linking' y 'ASPARTIC ACID' ? 'C4 H7 N O4'     133.103 
CYS 'L-peptide linking' y CYSTEINE        ? 'C3 H7 N O2 S'   121.158 
GLN 'L-peptide linking' y GLUTAMINE       ? 'C5 H10 N2 O3'   146.144 
GLU 'L-peptide linking' y 'GLUTAMIC ACID' ? 'C5 H9 N O4'     147.129 
GLY 'peptide linking'   y GLYCINE         ? 'C2 H5 N O2'     75.067  
HIS 'L-peptide linking' y HISTIDINE       ? 'C6 H10 N3 O2 1' 156.162 
HOH non-polymer         . WATER           ? 'H2 O'           18.015  
ILE 'L-peptide linking' y ISOLEUCINE      ? 'C6 H13 N O2'    131.173 
LEU 'L-peptide linking' y LEUCINE         ? 'C6 H13 N O2'    131.173 
LYS 'L-peptide linking' y LYSINE          ? 'C6 H15 N2 O2 1' 147.195 
MET 'L-peptide linking' y METHIONINE      ? 'C5 H11 N O2 S'  149.211 
PHE 'L-peptide linking' y PHENYLALANINE   ? 'C9 H11 N O2'    165.189 
PRO 'L-peptide linking' y PROLINE         ? 'C5 H9 N O2'     115.130 
SER 'L-peptide linking' y SERINE          ? 'C3 H7 N O3'     105.093 
SO4 non-polymer         . 'SULFATE ION'   ? 'O4 S -2'        96.063  
THR 'L-peptide linking' y THREONINE       ? 'C4 H9 N O3'     119.119 
TRP 'L-peptide linking' y TRYPTOPHAN      ? 'C11 H12 N2 O2'  204.225 
TYR 'L-peptide linking' y TYROSINE        ? 'C9 H11 N O3'    181.189 
VAL 'L-peptide linking' y VALINE          ? 'C5 H11 N O2'    117.146 
# 
loop_
_pdbx_poly_seq_scheme.asym_id 
_pdbx_poly_seq_scheme.entity_id 
_pdbx_poly_seq_scheme.seq_id 
_pdbx_poly_seq_scheme.mon_id 
_pdbx_poly_seq_scheme.ndb_seq_num 
_pdbx_poly_seq_scheme.pdb_seq_num 
_pdbx_poly_seq_scheme.auth_seq_num 
_pdbx_poly_seq_scheme.pdb_mon_id 
_pdbx_poly_seq_scheme.auth_mon_id 
_pdbx_poly_seq_scheme.pdb_strand_id 
_pdbx_poly_seq_scheme.pdb_ins_code 
_pdbx_poly_seq_scheme.hetero 
A 1 1   ARG 1   109 109 ARG ARG A H n 
A 1 2   ALA 2   109 109 ALA ALA A G n 
A 1 3   SER 3   109 109 SER SER A F n 
A 1 4   VAL 4   109 109 VAL VAL A E n 
A 1 5   GLY 5   109 109 GLY GLY A D n 
A 1 6   SER 6   109 109 SER SER A C n 
A 1 7   PRO 7   109 109 PRO PRO A B n 
A 1 8   GLY 8   109 109 GLY GLY A A n 
A 1 9   ILE 9   109 109 ILE ILE A . n 
A 1 10  PRO 10  110 110 PRO PRO A . n 
A 1 11  ALA 11  111 111 ALA ALA A . n 
A 1 12  GLN 12  112 112 GLN GLN A . n 
A 1 13  ASP 13  113 113 ASP ASP A . n 
A 1 14  LEU 14  114 114 LEU LEU A . n 
A 1 15  PRO 15  115 115 PRO PRO A . n 
A 1 16  PHE 16  116 116 PHE PHE A . n 
A 1 17  VAL 17  117 117 VAL VAL A . n 
A 1 18  ILE 18  118 118 ILE ILE A . n 
A 1 19  LYS 19  119 119 LYS LYS A . n 
A 1 20  ALA 20  120 120 ALA ALA A . n 
A 1 21  GLY 21  121 121 GLY GLY A . n 
A 1 22  TYR 22  122 122 TYR TYR A . n 
A 1 23  LEU 23  123 123 LEU LEU A . n 
A 1 24  GLU 24  124 124 GLU GLU A . n 
A 1 25  LYS 25  125 125 LYS LYS A . n 
A 1 26  ARG 26  126 126 ARG ARG A . n 
A 1 27  ARG 27  127 127 ARG ARG A . n 
A 1 28  LYS 28  128 128 LYS LYS A . n 
A 1 29  ASP 29  129 129 ASP ASP A . n 
A 1 30  HIS 30  130 130 HIS HIS A . n 
A 1 31  SER 31  131 131 SER SER A . n 
A 1 32  PHE 32  132 132 PHE PHE A . n 
A 1 33  LEU 33  133 133 LEU LEU A . n 
A 1 34  GLY 34  134 134 GLY GLY A . n 
A 1 35  PHE 35  135 135 PHE PHE A . n 
A 1 36  GLU 36  136 136 GLU GLU A . n 
A 1 37  TRP 37  137 137 TRP TRP A . n 
A 1 38  GLN 38  138 138 GLN GLN A . n 
A 1 39  LYS 39  139 139 LYS LYS A . n 
A 1 40  ARG 40  140 140 ARG ARG A . n 
A 1 41  TRP 41  141 141 TRP TRP A . n 
A 1 42  CYS 42  142 142 CYS CYS A . n 
A 1 43  ALA 43  143 143 ALA ALA A . n 
A 1 44  LEU 44  144 144 LEU LEU A . n 
A 1 45  SER 45  145 145 SER SER A . n 
A 1 46  LYS 46  146 146 LYS LYS A . n 
A 1 47  THR 47  147 147 THR THR A . n 
A 1 48  VAL 48  148 148 VAL VAL A . n 
A 1 49  PHE 49  149 149 PHE PHE A . n 
A 1 50  TYR 50  150 150 TYR TYR A . n 
A 1 51  TYR 51  151 151 TYR TYR A . n 
A 1 52  TYR 52  152 152 TYR TYR A . n 
A 1 53  GLY 53  153 153 GLY GLY A . n 
A 1 54  SER 54  154 154 SER SER A . n 
A 1 55  ASP 55  155 155 ASP ASP A . n 
A 1 56  LYS 56  156 156 LYS LYS A . n 
A 1 57  ASP 57  157 157 ASP ASP A . n 
A 1 58  LYS 58  158 158 LYS LYS A . n 
A 1 59  GLN 59  159 159 GLN GLN A . n 
A 1 60  GLN 60  160 160 GLN GLN A . n 
A 1 61  LYS 61  161 161 LYS LYS A . n 
A 1 62  GLY 62  162 162 GLY GLY A . n 
A 1 63  GLU 63  163 163 GLU GLU A . n 
A 1 64  PHE 64  164 164 PHE PHE A . n 
A 1 65  ALA 65  165 165 ALA ALA A . n 
A 1 66  ILE 66  166 166 ILE ILE A . n 
A 1 67  ASP 67  167 167 ASP ASP A . n 
A 1 68  GLY 68  168 168 GLY GLY A . n 
A 1 69  TYR 69  169 169 TYR TYR A . n 
A 1 70  ASP 70  170 170 ASP ASP A . n 
A 1 71  VAL 71  171 171 VAL VAL A . n 
A 1 72  ARG 72  172 172 ARG ARG A . n 
A 1 73  MET 73  173 173 MET MET A . n 
A 1 74  ASN 74  174 174 ASN ASN A . n 
A 1 75  ASN 75  175 175 ASN ASN A . n 
A 1 76  THR 76  176 176 THR THR A . n 
A 1 77  LEU 77  177 177 LEU LEU A . n 
A 1 78  ARG 78  178 178 ARG ARG A . n 
A 1 79  LYS 79  179 179 LYS LYS A . n 
A 1 80  ASP 80  180 180 ASP ASP A . n 
A 1 81  GLY 81  181 181 GLY GLY A . n 
A 1 82  LYS 82  182 182 LYS LYS A . n 
A 1 83  LYS 83  183 183 LYS LYS A . n 
A 1 84  ASP 84  184 184 ASP ASP A . n 
A 1 85  CYS 85  185 185 CYS CYS A . n 
A 1 86  CYS 86  186 186 CYS CYS A . n 
A 1 87  PHE 87  187 187 PHE PHE A . n 
A 1 88  GLU 88  188 188 GLU GLU A . n 
A 1 89  ILE 89  189 189 ILE ILE A . n 
A 1 90  CYS 90  190 190 CYS CYS A . n 
A 1 91  ALA 91  191 191 ALA ALA A . n 
A 1 92  PRO 92  192 192 PRO PRO A . n 
A 1 93  ASP 93  193 193 ASP ASP A . n 
A 1 94  LYS 94  194 194 LYS LYS A . n 
A 1 95  ARG 95  195 195 ARG ARG A . n 
A 1 96  ILE 96  196 196 ILE ILE A . n 
A 1 97  TYR 97  197 197 TYR TYR A . n 
A 1 98  GLN 98  198 198 GLN GLN A . n 
A 1 99  PHE 99  199 199 PHE PHE A . n 
A 1 100 THR 100 200 200 THR THR A . n 
A 1 101 ALA 101 201 201 ALA ALA A . n 
A 1 102 ALA 102 202 202 ALA ALA A . n 
A 1 103 SER 103 203 203 SER SER A . n 
A 1 104 PRO 104 204 204 PRO PRO A . n 
A 1 105 LYS 105 205 205 LYS LYS A . n 
A 1 106 ASP 106 206 206 ASP ASP A . n 
A 1 107 ALA 107 207 207 ALA ALA A . n 
A 1 108 GLU 108 208 208 GLU GLU A . n 
A 1 109 GLU 109 209 209 GLU GLU A . n 
A 1 110 TRP 110 210 210 TRP TRP A . n 
A 1 111 VAL 111 211 211 VAL VAL A . n 
A 1 112 GLN 112 212 212 GLN GLN A . n 
A 1 113 GLN 113 213 213 GLN GLN A . n 
A 1 114 LEU 114 214 214 LEU LEU A . n 
A 1 115 LYS 115 215 215 LYS LYS A . n 
A 1 116 PHE 116 216 216 PHE PHE A . n 
A 1 117 ILE 117 217 217 ILE ILE A . n 
A 1 118 LEU 118 218 218 LEU LEU A . n 
A 1 119 GLN 119 219 219 GLN GLN A . n 
A 1 120 ASP 120 220 ?   ?   ?   A . n 
A 1 121 LEU 121 221 ?   ?   ?   A . n 
A 1 122 GLY 122 222 ?   ?   ?   A . n 
A 1 123 SER 123 223 ?   ?   ?   A . n 
A 1 124 ASP 124 224 ?   ?   ?   A . n 
A 1 125 VAL 125 225 ?   ?   ?   A . n 
A 1 126 ILE 126 226 ?   ?   ?   A . n 
A 1 127 PRO 127 227 ?   ?   ?   A . n 
A 1 128 GLU 128 228 ?   ?   ?   A . n 
A 1 129 ASP 129 229 ?   ?   ?   A . n 
A 1 130 ASP 130 230 ?   ?   ?   A . n 
A 1 131 GLU 131 231 ?   ?   ?   A . n 
A 1 132 GLU 132 232 ?   ?   ?   A . n 
A 1 133 ARG 133 233 ?   ?   ?   A . n 
A 1 134 GLY 134 234 ?   ?   ?   A . n 
A 1 135 GLU 135 235 ?   ?   ?   A . n 
A 1 136 LEU 136 236 ?   ?   ?   A . n 
A 1 137 TYR 137 237 ?   ?   ?   A . n 
A 1 138 ASP 138 238 ?   ?   ?   A . n 
A 1 139 ASP 139 239 ?   ?   ?   A . n 
A 1 140 VAL 140 240 ?   ?   ?   A . n 
A 1 141 ASP 141 241 ?   ?   ?   A . n 
A 1 142 HIS 142 242 ?   ?   ?   A . n 
A 1 143 PRO 143 243 ?   ?   ?   A . n 
A 1 144 ALA 144 244 ?   ?   ?   A . n 
A 1 145 ALA 145 245 ?   ?   ?   A . n 
A 1 146 VAL 146 246 ?   ?   ?   A . n 
A 1 147 SER 147 247 ?   ?   ?   A . n 
A 1 148 SER 148 248 ?   ?   ?   A . n 
# 
loop_
_pdbx_nonpoly_scheme.asym_id 
_pdbx_nonpoly_scheme.entity_id 
_pdbx_nonpoly_scheme.mon_id 
_pdbx_nonpoly_scheme.ndb_seq_num 
_pdbx_nonpoly_scheme.pdb_seq_num 
_pdbx_nonpoly_scheme.auth_seq_num 
_pdbx_nonpoly_scheme.pdb_mon_id 
_pdbx_nonpoly_scheme.auth_mon_id 
_pdbx_nonpoly_scheme.pdb_strand_id 
_pdbx_nonpoly_scheme.pdb_ins_code 
B 2 SO4 1 1   1   SO4 SO4 A . 
C 2 SO4 1 2   2   SO4 SO4 A . 
D 3 HOH 1 249 101 HOH HOH A . 
D 3 HOH 2 250 102 HOH HOH A . 
D 3 HOH 3 251 104 HOH HOH A . 
D 3 HOH 4 252 106 HOH HOH A . 
D 3 HOH 5 253 107 HOH HOH A . 
D 3 HOH 6 254 108 HOH HOH A . 
D 3 HOH 7 255 109 HOH HOH A . 
D 3 HOH 8 256 110 HOH HOH A . 
# 
loop_
_software.name 
_software.classification 
_software.version 
_software.citation_id 
_software.pdbx_ordinal 
REFMAC    refinement       5.1.19 ? 1 
DENZO     'data reduction' .      ? 2 
SCALEPACK 'data scaling'   .      ? 3 
MLPHARE   phasing          .      ? 4 
# 
_cell.entry_id           1U5F 
_cell.length_a           78.750 
_cell.length_b           78.750 
_cell.length_c           130.123 
_cell.angle_alpha        90.00 
_cell.angle_beta         90.00 
_cell.angle_gamma        120.00 
_cell.Z_PDB              18 
_cell.pdbx_unique_axis   ? 
# 
_symmetry.entry_id                         1U5F 
_symmetry.space_group_name_H-M             'H 3 2' 
_symmetry.pdbx_full_space_group_name_H-M   ? 
_symmetry.cell_setting                     ? 
_symmetry.Int_Tables_number                155 
_symmetry.space_group_name_Hall            ? 
# 
_exptl.entry_id          1U5F 
_exptl.method            'X-RAY DIFFRACTION' 
_exptl.crystals_number   1 
# 
_exptl_crystal.id                    1 
_exptl_crystal.density_meas          ? 
_exptl_crystal.density_Matthews      2.4 
_exptl_crystal.density_percent_sol   48.4 
_exptl_crystal.description           ? 
_exptl_crystal.F_000                 ? 
_exptl_crystal.preparation           ? 
# 
_exptl_crystal_grow.crystal_id      1 
_exptl_crystal_grow.method          'VAPOR DIFFUSION, HANGING DROP' 
_exptl_crystal_grow.temp            298 
_exptl_crystal_grow.temp_details    ? 
_exptl_crystal_grow.pH              5.5 
_exptl_crystal_grow.pdbx_details    'Ammonium Sulfate, Sodium Citrate, pH 5.5, VAPOR DIFFUSION, HANGING DROP, temperature 298K' 
_exptl_crystal_grow.pdbx_pH_range   . 
# 
_diffrn.id                     1 
_diffrn.ambient_temp           100 
_diffrn.ambient_temp_details   ? 
_diffrn.crystal_id             1 
# 
_diffrn_detector.diffrn_id              1 
_diffrn_detector.detector               CCD 
_diffrn_detector.type                   ? 
_diffrn_detector.pdbx_collection_date   2003-01-30 
_diffrn_detector.details                ? 
# 
_diffrn_radiation.diffrn_id                        1 
_diffrn_radiation.wavelength_id                    1 
_diffrn_radiation.pdbx_monochromatic_or_laue_m_l   M 
_diffrn_radiation.monochromator                    graphite 
_diffrn_radiation.pdbx_diffrn_protocol             'SINGLE WAVELENGTH' 
_diffrn_radiation.pdbx_scattering_type             x-ray 
# 
_diffrn_radiation_wavelength.id           1 
_diffrn_radiation_wavelength.wavelength   0.916 
_diffrn_radiation_wavelength.wt           1.0 
# 
_diffrn_source.diffrn_id                   1 
_diffrn_source.source                      SYNCHROTRON 
_diffrn_source.type                        'CHESS BEAMLINE A1' 
_diffrn_source.pdbx_synchrotron_site       CHESS 
_diffrn_source.pdbx_synchrotron_beamline   A1 
_diffrn_source.pdbx_wavelength             ? 
_diffrn_source.pdbx_wavelength_list        0.916 
# 
_reflns.entry_id                     1U5F 
_reflns.observed_criterion_sigma_F   0 
_reflns.observed_criterion_sigma_I   0 
_reflns.d_resolution_high            1.9 
_reflns.d_resolution_low             30 
_reflns.number_all                   12365 
_reflns.number_obs                   11889 
_reflns.percent_possible_obs         95.2 
_reflns.pdbx_Rmerge_I_obs            0.072 
_reflns.pdbx_Rsym_value              ? 
_reflns.pdbx_netI_over_sigmaI        19.6 
_reflns.B_iso_Wilson_estimate        37.0 
_reflns.pdbx_redundancy              7.7 
_reflns.R_free_details               ? 
_reflns.limit_h_max                  ? 
_reflns.limit_h_min                  ? 
_reflns.limit_k_max                  ? 
_reflns.limit_k_min                  ? 
_reflns.limit_l_max                  ? 
_reflns.limit_l_min                  ? 
_reflns.observed_criterion_F_max     ? 
_reflns.observed_criterion_F_min     ? 
_reflns.pdbx_chi_squared             ? 
_reflns.pdbx_scaling_rejects         ? 
_reflns.pdbx_ordinal                 1 
_reflns.pdbx_diffrn_id               1 
# 
_reflns_shell.d_res_high             1.90 
_reflns_shell.d_res_low              1.94 
_reflns_shell.percent_possible_all   97.7 
_reflns_shell.Rmerge_I_obs           0.429 
_reflns_shell.pdbx_Rsym_value        ? 
_reflns_shell.meanI_over_sigI_obs    2.0 
_reflns_shell.pdbx_redundancy        ? 
_reflns_shell.percent_possible_obs   ? 
_reflns_shell.number_unique_all      797 
_reflns_shell.number_measured_all    ? 
_reflns_shell.number_measured_obs    ? 
_reflns_shell.number_unique_obs      ? 
_reflns_shell.pdbx_chi_squared       ? 
_reflns_shell.pdbx_ordinal           1 
_reflns_shell.pdbx_diffrn_id         1 
# 
_refine.entry_id                                 1U5F 
_refine.ls_number_reflns_obs                     11768 
_refine.ls_number_reflns_all                     12365 
_refine.pdbx_ls_sigma_I                          0 
_refine.pdbx_ls_sigma_F                          0 
_refine.pdbx_data_cutoff_high_absF               ? 
_refine.pdbx_data_cutoff_low_absF                ? 
_refine.pdbx_data_cutoff_high_rms_absF           ? 
_refine.ls_d_res_low                             30.00 
_refine.ls_d_res_high                            1.90 
_refine.ls_percent_reflns_obs                    98.99 
_refine.ls_R_factor_obs                          0.22686 
_refine.ls_R_factor_all                          ? 
_refine.ls_R_factor_R_work                       0.22585 
_refine.ls_R_factor_R_free                       0.246 
_refine.ls_R_factor_R_free_error                 ? 
_refine.ls_R_factor_R_free_error_details         ? 
_refine.ls_percent_reflns_R_free                 4.8 
_refine.ls_number_reflns_R_free                  596 
_refine.ls_number_parameters                     ? 
_refine.ls_number_restraints                     ? 
_refine.occupancy_min                            ? 
_refine.occupancy_max                            ? 
_refine.correlation_coeff_Fo_to_Fc               0.951 
_refine.correlation_coeff_Fo_to_Fc_free          0.926 
_refine.B_iso_mean                               48.919 
_refine.aniso_B[1][1]                            -0.98 
_refine.aniso_B[2][2]                            -0.98 
_refine.aniso_B[3][3]                            1.47 
_refine.aniso_B[1][2]                            -0.49 
_refine.aniso_B[1][3]                            0.0 
_refine.aniso_B[2][3]                            0.0 
_refine.solvent_model_details                    'BABINET MODEL WITH MASK' 
_refine.solvent_model_param_ksol                 ? 
_refine.solvent_model_param_bsol                 ? 
_refine.pdbx_solvent_vdw_probe_radii             1.40 
_refine.pdbx_solvent_ion_probe_radii             0.80 
_refine.pdbx_solvent_shrinkage_radii             0.80 
_refine.pdbx_ls_cross_valid_method               THROUGHOUT 
_refine.details                                  'HYDROGENS HAVE BEEN ADDED IN THE RIDING POSITIONS' 
_refine.pdbx_starting_model                      ? 
_refine.pdbx_method_to_determine_struct          SIRAS 
_refine.pdbx_isotropic_thermal_model             ? 
_refine.pdbx_stereochemistry_target_values       'MAXIMUM LIKELIHOOD' 
_refine.pdbx_stereochem_target_val_spec_case     ? 
_refine.pdbx_R_Free_selection_details            RANDOM 
_refine.pdbx_overall_ESU_R                       0.157 
_refine.pdbx_overall_ESU_R_Free                  0.139 
_refine.overall_SU_ML                            0.102 
_refine.overall_SU_B                             3.481 
_refine.ls_redundancy_reflns_obs                 ? 
_refine.B_iso_min                                ? 
_refine.B_iso_max                                ? 
_refine.overall_SU_R_Cruickshank_DPI             ? 
_refine.overall_SU_R_free                        ? 
_refine.ls_wR_factor_R_free                      ? 
_refine.ls_wR_factor_R_work                      ? 
_refine.overall_FOM_free_R_set                   ? 
_refine.overall_FOM_work_R_set                   ? 
_refine.pdbx_refine_id                           'X-RAY DIFFRACTION' 
_refine.pdbx_diffrn_id                           1 
_refine.pdbx_TLS_residual_ADP_flag               ? 
_refine.pdbx_overall_phase_error                 ? 
_refine.pdbx_overall_SU_R_free_Cruickshank_DPI   ? 
_refine.pdbx_overall_SU_R_Blow_DPI               ? 
_refine.pdbx_overall_SU_R_free_Blow_DPI          ? 
# 
_refine_hist.pdbx_refine_id                   'X-RAY DIFFRACTION' 
_refine_hist.cycle_id                         LAST 
_refine_hist.pdbx_number_atoms_protein        977 
_refine_hist.pdbx_number_atoms_nucleic_acid   0 
_refine_hist.pdbx_number_atoms_ligand         10 
_refine_hist.number_atoms_solvent             8 
_refine_hist.number_atoms_total               995 
_refine_hist.d_res_high                       1.90 
_refine_hist.d_res_low                        30.00 
# 
loop_
_refine_ls_restr.type 
_refine_ls_restr.dev_ideal 
_refine_ls_restr.dev_ideal_target 
_refine_ls_restr.weight 
_refine_ls_restr.number 
_refine_ls_restr.pdbx_refine_id 
_refine_ls_restr.pdbx_restraint_function 
r_bond_refined_d         0.031 0.022 ? 1011 'X-RAY DIFFRACTION' ? 
r_bond_other_d           0.004 0.020 ? 877  'X-RAY DIFFRACTION' ? 
r_angle_refined_deg      2.011 1.952 ? 1358 'X-RAY DIFFRACTION' ? 
r_angle_other_deg        0.933 3.000 ? 2055 'X-RAY DIFFRACTION' ? 
r_dihedral_angle_1_deg   6.493 5.000 ? 118  'X-RAY DIFFRACTION' ? 
r_dihedral_angle_2_deg   ?     ?     ? ?    'X-RAY DIFFRACTION' ? 
r_dihedral_angle_3_deg   ?     ?     ? ?    'X-RAY DIFFRACTION' ? 
r_dihedral_angle_4_deg   ?     ?     ? ?    'X-RAY DIFFRACTION' ? 
r_chiral_restr           0.157 0.200 ? 132  'X-RAY DIFFRACTION' ? 
r_gen_planes_refined     0.011 0.020 ? 1114 'X-RAY DIFFRACTION' ? 
r_gen_planes_other       0.002 0.020 ? 222  'X-RAY DIFFRACTION' ? 
r_nbd_refined            0.203 0.200 ? 153  'X-RAY DIFFRACTION' ? 
r_nbd_other              0.262 0.200 ? 913  'X-RAY DIFFRACTION' ? 
r_nbtor_refined          ?     ?     ? ?    'X-RAY DIFFRACTION' ? 
r_nbtor_other            0.097 0.200 ? 598  'X-RAY DIFFRACTION' ? 
r_xyhbond_nbd_refined    0.299 0.200 ? 21   'X-RAY DIFFRACTION' ? 
r_xyhbond_nbd_other      ?     ?     ? ?    'X-RAY DIFFRACTION' ? 
r_metal_ion_refined      ?     ?     ? ?    'X-RAY DIFFRACTION' ? 
r_metal_ion_other        ?     ?     ? ?    'X-RAY DIFFRACTION' ? 
r_symmetry_vdw_refined   0.099 0.200 ? 8    'X-RAY DIFFRACTION' ? 
r_symmetry_vdw_other     0.300 0.200 ? 55   'X-RAY DIFFRACTION' ? 
r_symmetry_hbond_refined 0.160 0.200 ? 4    'X-RAY DIFFRACTION' ? 
r_symmetry_hbond_other   ?     ?     ? ?    'X-RAY DIFFRACTION' ? 
r_mcbond_it              1.805 1.500 ? 592  'X-RAY DIFFRACTION' ? 
r_mcbond_other           ?     ?     ? ?    'X-RAY DIFFRACTION' ? 
r_mcangle_it             3.221 2.000 ? 946  'X-RAY DIFFRACTION' ? 
r_scbond_it              4.295 3.000 ? 419  'X-RAY DIFFRACTION' ? 
r_scangle_it             6.673 4.500 ? 412  'X-RAY DIFFRACTION' ? 
r_rigid_bond_restr       ?     ?     ? ?    'X-RAY DIFFRACTION' ? 
r_sphericity_free        ?     ?     ? ?    'X-RAY DIFFRACTION' ? 
r_sphericity_bonded      ?     ?     ? ?    'X-RAY DIFFRACTION' ? 
# 
_refine_ls_shell.pdbx_total_number_of_bins_used   20 
_refine_ls_shell.d_res_high                       1.901 
_refine_ls_shell.d_res_low                        1.950 
_refine_ls_shell.number_reflns_R_work             841 
_refine_ls_shell.R_factor_R_work                  0.27 
_refine_ls_shell.percent_reflns_obs               ? 
_refine_ls_shell.R_factor_R_free                  0.226 
_refine_ls_shell.R_factor_R_free_error            ? 
_refine_ls_shell.percent_reflns_R_free            ? 
_refine_ls_shell.number_reflns_R_free             39 
_refine_ls_shell.number_reflns_obs                476 
_refine_ls_shell.redundancy_reflns_obs            ? 
_refine_ls_shell.number_reflns_all                ? 
_refine_ls_shell.pdbx_refine_id                   'X-RAY DIFFRACTION' 
_refine_ls_shell.R_factor_all                     ? 
# 
_struct.entry_id                  1U5F 
_struct.title                     'Crystal Structure of the PH Domain of SKAP-Hom with 8 Vector-derived N-terminal Residues' 
_struct.pdbx_model_details        ? 
_struct.pdbx_CASP_flag            ? 
_struct.pdbx_model_type_details   ? 
# 
_struct_keywords.entry_id        1U5F 
_struct_keywords.pdbx_keywords   'SIGNALING PROTEIN' 
_struct_keywords.text            
'PH domain of SKAP-Hom, Artefactual dimerization induced by vector-derived sequence, SIGNALING PROTEIN' 
# 
loop_
_struct_asym.id 
_struct_asym.pdbx_blank_PDB_chainid_flag 
_struct_asym.pdbx_modified 
_struct_asym.entity_id 
_struct_asym.details 
A N N 1 ? 
B N N 2 ? 
C N N 2 ? 
D N N 3 ? 
# 
_struct_ref.id                         1 
_struct_ref.db_name                    UNP 
_struct_ref.db_code                    Q8BK74_MOUSE 
_struct_ref.pdbx_db_accession          Q8BK74 
_struct_ref.entity_id                  1 
_struct_ref.pdbx_seq_one_letter_code   
;IAAQDLPFVIKAGYLEKRRKDHSFLGFEWQKRWCALSKTVFYYYGSDKDKQQKGEFAIDGYDVRMNNTLRKDGKKDCCFE
ICAPDKRIYQFTAASPKDAEEWVQQLKFILQDLGSDVIPEDDEERGELYDDVDHPAAVSS
;
_struct_ref.pdbx_align_begin           109 
_struct_ref.pdbx_db_isoform            ? 
# 
_struct_ref_seq.align_id                      1 
_struct_ref_seq.ref_id                        1 
_struct_ref_seq.pdbx_PDB_id_code              1U5F 
_struct_ref_seq.pdbx_strand_id                A 
_struct_ref_seq.seq_align_beg                 9 
_struct_ref_seq.pdbx_seq_align_beg_ins_code   ? 
_struct_ref_seq.seq_align_end                 148 
_struct_ref_seq.pdbx_seq_align_end_ins_code   ? 
_struct_ref_seq.pdbx_db_accession             Q8BK74 
_struct_ref_seq.db_align_beg                  109 
_struct_ref_seq.pdbx_db_align_beg_ins_code    ? 
_struct_ref_seq.db_align_end                  248 
_struct_ref_seq.pdbx_db_align_end_ins_code    ? 
_struct_ref_seq.pdbx_auth_seq_align_beg       109 
_struct_ref_seq.pdbx_auth_seq_align_end       248 
# 
loop_
_struct_ref_seq_dif.align_id 
_struct_ref_seq_dif.pdbx_pdb_id_code 
_struct_ref_seq_dif.mon_id 
_struct_ref_seq_dif.pdbx_pdb_strand_id 
_struct_ref_seq_dif.seq_num 
_struct_ref_seq_dif.pdbx_pdb_ins_code 
_struct_ref_seq_dif.pdbx_seq_db_name 
_struct_ref_seq_dif.pdbx_seq_db_accession_code 
_struct_ref_seq_dif.db_mon_id 
_struct_ref_seq_dif.pdbx_seq_db_seq_num 
_struct_ref_seq_dif.details 
_struct_ref_seq_dif.pdbx_auth_seq_num 
_struct_ref_seq_dif.pdbx_ordinal 
1 1U5F ARG A 1  H UNP Q8BK74 ?   ?   'SEE REMARK 999'      109 1 
1 1U5F ALA A 2  G UNP Q8BK74 ?   ?   'SEE REMARK 999'      109 2 
1 1U5F SER A 3  F UNP Q8BK74 ?   ?   'SEE REMARK 999'      109 3 
1 1U5F VAL A 4  E UNP Q8BK74 ?   ?   'SEE REMARK 999'      109 4 
1 1U5F GLY A 5  D UNP Q8BK74 ?   ?   'SEE REMARK 999'      109 5 
1 1U5F SER A 6  C UNP Q8BK74 ?   ?   'SEE REMARK 999'      109 6 
1 1U5F PRO A 7  B UNP Q8BK74 ?   ?   'SEE REMARK 999'      109 7 
1 1U5F GLY A 8  A UNP Q8BK74 ?   ?   'SEE REMARK 999'      109 8 
1 1U5F PRO A 10 ? UNP Q8BK74 ALA 110 'engineered mutation' 110 9 
# 
loop_
_pdbx_struct_assembly.id 
_pdbx_struct_assembly.details 
_pdbx_struct_assembly.method_details 
_pdbx_struct_assembly.oligomeric_details 
_pdbx_struct_assembly.oligomeric_count 
1 author_defined_assembly   ?        monomeric 1 
2 software_defined_assembly PISA,PQS dimeric   2 
# 
loop_
_pdbx_struct_assembly_prop.biol_id 
_pdbx_struct_assembly_prop.type 
_pdbx_struct_assembly_prop.value 
_pdbx_struct_assembly_prop.details 
2 'ABSA (A^2)' 3640  ? 
2 MORE         -84   ? 
2 'SSA (A^2)'  12760 ? 
# 
loop_
_pdbx_struct_assembly_gen.assembly_id 
_pdbx_struct_assembly_gen.oper_expression 
_pdbx_struct_assembly_gen.asym_id_list 
1 1   A,B,C,D 
2 1,2 A,B,C,D 
# 
loop_
_pdbx_struct_oper_list.id 
_pdbx_struct_oper_list.type 
_pdbx_struct_oper_list.name 
_pdbx_struct_oper_list.symmetry_operation 
_pdbx_struct_oper_list.matrix[1][1] 
_pdbx_struct_oper_list.matrix[1][2] 
_pdbx_struct_oper_list.matrix[1][3] 
_pdbx_struct_oper_list.vector[1] 
_pdbx_struct_oper_list.matrix[2][1] 
_pdbx_struct_oper_list.matrix[2][2] 
_pdbx_struct_oper_list.matrix[2][3] 
_pdbx_struct_oper_list.vector[2] 
_pdbx_struct_oper_list.matrix[3][1] 
_pdbx_struct_oper_list.matrix[3][2] 
_pdbx_struct_oper_list.matrix[3][3] 
_pdbx_struct_oper_list.vector[3] 
1 'identity operation'         1_555  x,y,z              1.0000000000 0.0000000000  0.0000000000  0.0000000000   0.0000000000  1.0000000000  0.0000000000 0.0000000000   0.0000000000  0.0000000000 1.0000000000  0.0000000000   
2 'crystal symmetry operation' 10_455 y-1/3,x+1/3,-z+1/3 0.5007157445 -0.1368881391 -0.8547194748 -11.3250978586 -0.1368881391 -0.9875137162 0.0779634377 -15.4596764289 -0.8547194748 0.0779634377 -0.5132020283 -17.4086431458 
# 
_struct_biol.id   1 
# 
loop_
_struct_conf.conf_type_id 
_struct_conf.id 
_struct_conf.pdbx_PDB_helix_id 
_struct_conf.beg_label_comp_id 
_struct_conf.beg_label_asym_id 
_struct_conf.beg_label_seq_id 
_struct_conf.pdbx_beg_PDB_ins_code 
_struct_conf.end_label_comp_id 
_struct_conf.end_label_asym_id 
_struct_conf.end_label_seq_id 
_struct_conf.pdbx_end_PDB_ins_code 
_struct_conf.beg_auth_comp_id 
_struct_conf.beg_auth_asym_id 
_struct_conf.beg_auth_seq_id 
_struct_conf.end_auth_comp_id 
_struct_conf.end_auth_asym_id 
_struct_conf.end_auth_seq_id 
_struct_conf.pdbx_PDB_helix_class 
_struct_conf.details 
_struct_conf.pdbx_PDB_helix_length 
HELX_P HELX_P1 1 PRO A 10  ? LEU A 14  ? PRO A 110 LEU A 114 5 ? 5  
HELX_P HELX_P2 2 LYS A 82  ? ASP A 84  ? LYS A 182 ASP A 184 5 ? 3  
HELX_P HELX_P3 3 SER A 103 ? LEU A 118 ? SER A 203 LEU A 218 1 ? 16 
# 
_struct_conf_type.id          HELX_P 
_struct_conf_type.criteria    ? 
_struct_conf_type.reference   ? 
# 
_struct_sheet.id               A 
_struct_sheet.type             ? 
_struct_sheet.number_strands   7 
_struct_sheet.details          ? 
# 
loop_
_struct_sheet_order.sheet_id 
_struct_sheet_order.range_id_1 
_struct_sheet_order.range_id_2 
_struct_sheet_order.offset 
_struct_sheet_order.sense 
A 1 2 ? anti-parallel 
A 2 3 ? anti-parallel 
A 3 4 ? anti-parallel 
A 4 5 ? anti-parallel 
A 5 6 ? anti-parallel 
A 6 7 ? anti-parallel 
# 
loop_
_struct_sheet_range.sheet_id 
_struct_sheet_range.id 
_struct_sheet_range.beg_label_comp_id 
_struct_sheet_range.beg_label_asym_id 
_struct_sheet_range.beg_label_seq_id 
_struct_sheet_range.pdbx_beg_PDB_ins_code 
_struct_sheet_range.end_label_comp_id 
_struct_sheet_range.end_label_asym_id 
_struct_sheet_range.end_label_seq_id 
_struct_sheet_range.pdbx_end_PDB_ins_code 
_struct_sheet_range.beg_auth_comp_id 
_struct_sheet_range.beg_auth_asym_id 
_struct_sheet_range.beg_auth_seq_id 
_struct_sheet_range.end_auth_comp_id 
_struct_sheet_range.end_auth_asym_id 
_struct_sheet_range.end_auth_seq_id 
A 1 GLY A 62 ? ALA A 65  ? GLY A 162 ALA A 165 
A 2 VAL A 48 ? TYR A 52  ? VAL A 148 TYR A 152 
A 3 TRP A 37 ? SER A 45  ? TRP A 137 SER A 145 
A 4 VAL A 17 ? ARG A 26  ? VAL A 117 ARG A 126 
A 5 ILE A 96 ? THR A 100 ? ILE A 196 THR A 200 
A 6 CYS A 86 ? CYS A 90  ? CYS A 186 CYS A 190 
A 7 ASP A 70 ? MET A 73  ? ASP A 170 MET A 173 
# 
loop_
_pdbx_struct_sheet_hbond.sheet_id 
_pdbx_struct_sheet_hbond.range_id_1 
_pdbx_struct_sheet_hbond.range_id_2 
_pdbx_struct_sheet_hbond.range_1_label_atom_id 
_pdbx_struct_sheet_hbond.range_1_label_comp_id 
_pdbx_struct_sheet_hbond.range_1_label_asym_id 
_pdbx_struct_sheet_hbond.range_1_label_seq_id 
_pdbx_struct_sheet_hbond.range_1_PDB_ins_code 
_pdbx_struct_sheet_hbond.range_1_auth_atom_id 
_pdbx_struct_sheet_hbond.range_1_auth_comp_id 
_pdbx_struct_sheet_hbond.range_1_auth_asym_id 
_pdbx_struct_sheet_hbond.range_1_auth_seq_id 
_pdbx_struct_sheet_hbond.range_2_label_atom_id 
_pdbx_struct_sheet_hbond.range_2_label_comp_id 
_pdbx_struct_sheet_hbond.range_2_label_asym_id 
_pdbx_struct_sheet_hbond.range_2_label_seq_id 
_pdbx_struct_sheet_hbond.range_2_PDB_ins_code 
_pdbx_struct_sheet_hbond.range_2_auth_atom_id 
_pdbx_struct_sheet_hbond.range_2_auth_comp_id 
_pdbx_struct_sheet_hbond.range_2_auth_asym_id 
_pdbx_struct_sheet_hbond.range_2_auth_seq_id 
A 1 2 O PHE A 64 ? O PHE A 164 N PHE A 49  ? N PHE A 149 
A 2 3 O VAL A 48 ? O VAL A 148 N SER A 45  ? N SER A 145 
A 3 4 O ARG A 40 ? O ARG A 140 N LEU A 23  ? N LEU A 123 
A 4 5 N GLU A 24 ? N GLU A 124 O THR A 100 ? O THR A 200 
A 5 6 O PHE A 99 ? O PHE A 199 N PHE A 87  ? N PHE A 187 
A 6 7 O CYS A 90 ? O CYS A 190 N ASP A 70  ? N ASP A 170 
# 
loop_
_struct_site.id 
_struct_site.pdbx_evidence_code 
_struct_site.pdbx_auth_asym_id 
_struct_site.pdbx_auth_comp_id 
_struct_site.pdbx_auth_seq_id 
_struct_site.pdbx_auth_ins_code 
_struct_site.pdbx_num_residues 
_struct_site.details 
AC1 Software A SO4 1 ? 5 'BINDING SITE FOR RESIDUE SO4 A 1' 
AC2 Software A SO4 2 ? 6 'BINDING SITE FOR RESIDUE SO4 A 2' 
# 
loop_
_struct_site_gen.id 
_struct_site_gen.site_id 
_struct_site_gen.pdbx_num_res 
_struct_site_gen.label_comp_id 
_struct_site_gen.label_asym_id 
_struct_site_gen.label_seq_id 
_struct_site_gen.pdbx_auth_ins_code 
_struct_site_gen.auth_comp_id 
_struct_site_gen.auth_asym_id 
_struct_site_gen.auth_seq_id 
_struct_site_gen.label_atom_id 
_struct_site_gen.label_alt_id 
_struct_site_gen.symmetry 
_struct_site_gen.details 
1  AC1 5 ARG A 1  H ARG A 109 . ? 10_455 ? 
2  AC1 5 LYS A 25 ? LYS A 125 . ? 1_555  ? 
3  AC1 5 ARG A 40 ? ARG A 140 . ? 1_555  ? 
4  AC1 5 TYR A 51 ? TYR A 151 . ? 1_555  ? 
5  AC1 5 LYS A 61 ? LYS A 161 . ? 1_555  ? 
6  AC2 6 ARG A 1  H ARG A 109 . ? 10_455 ? 
7  AC2 6 TYR A 51 ? TYR A 151 . ? 1_555  ? 
8  AC2 6 GLY A 62 ? GLY A 162 . ? 1_555  ? 
9  AC2 6 GLU A 63 ? GLU A 163 . ? 1_555  ? 
10 AC2 6 ARG A 95 ? ARG A 195 . ? 10_455 ? 
11 AC2 6 TYR A 97 ? TYR A 197 . ? 1_555  ? 
# 
loop_
_pdbx_validate_rmsd_bond.id 
_pdbx_validate_rmsd_bond.PDB_model_num 
_pdbx_validate_rmsd_bond.auth_atom_id_1 
_pdbx_validate_rmsd_bond.auth_asym_id_1 
_pdbx_validate_rmsd_bond.auth_comp_id_1 
_pdbx_validate_rmsd_bond.auth_seq_id_1 
_pdbx_validate_rmsd_bond.PDB_ins_code_1 
_pdbx_validate_rmsd_bond.label_alt_id_1 
_pdbx_validate_rmsd_bond.auth_atom_id_2 
_pdbx_validate_rmsd_bond.auth_asym_id_2 
_pdbx_validate_rmsd_bond.auth_comp_id_2 
_pdbx_validate_rmsd_bond.auth_seq_id_2 
_pdbx_validate_rmsd_bond.PDB_ins_code_2 
_pdbx_validate_rmsd_bond.label_alt_id_2 
_pdbx_validate_rmsd_bond.bond_value 
_pdbx_validate_rmsd_bond.bond_target_value 
_pdbx_validate_rmsd_bond.bond_deviation 
_pdbx_validate_rmsd_bond.bond_standard_deviation 
_pdbx_validate_rmsd_bond.linker_flag 
1 1 CB  A ASP 129 ? ? CG  A ASP 129 ? ? 1.682 1.513 0.169  0.021 N 
2 1 CZ  A TYR 150 ? ? CE2 A TYR 150 ? ? 1.300 1.381 -0.081 0.013 N 
3 1 CE1 A PHE 199 ? ? CZ  A PHE 199 ? ? 1.252 1.369 -0.117 0.019 N 
# 
loop_
_pdbx_validate_rmsd_angle.id 
_pdbx_validate_rmsd_angle.PDB_model_num 
_pdbx_validate_rmsd_angle.auth_atom_id_1 
_pdbx_validate_rmsd_angle.auth_asym_id_1 
_pdbx_validate_rmsd_angle.auth_comp_id_1 
_pdbx_validate_rmsd_angle.auth_seq_id_1 
_pdbx_validate_rmsd_angle.PDB_ins_code_1 
_pdbx_validate_rmsd_angle.label_alt_id_1 
_pdbx_validate_rmsd_angle.auth_atom_id_2 
_pdbx_validate_rmsd_angle.auth_asym_id_2 
_pdbx_validate_rmsd_angle.auth_comp_id_2 
_pdbx_validate_rmsd_angle.auth_seq_id_2 
_pdbx_validate_rmsd_angle.PDB_ins_code_2 
_pdbx_validate_rmsd_angle.label_alt_id_2 
_pdbx_validate_rmsd_angle.auth_atom_id_3 
_pdbx_validate_rmsd_angle.auth_asym_id_3 
_pdbx_validate_rmsd_angle.auth_comp_id_3 
_pdbx_validate_rmsd_angle.auth_seq_id_3 
_pdbx_validate_rmsd_angle.PDB_ins_code_3 
_pdbx_validate_rmsd_angle.label_alt_id_3 
_pdbx_validate_rmsd_angle.angle_value 
_pdbx_validate_rmsd_angle.angle_target_value 
_pdbx_validate_rmsd_angle.angle_deviation 
_pdbx_validate_rmsd_angle.angle_standard_deviation 
_pdbx_validate_rmsd_angle.linker_flag 
1 1 CB A ASP 113 ? ? CG A ASP 113 ? ? OD2 A ASP 113 ? ? 124.00 118.30 5.70  0.90 N 
2 1 NE A ARG 126 ? ? CZ A ARG 126 ? ? NH2 A ARG 126 ? ? 116.57 120.30 -3.73 0.50 N 
3 1 CB A ASP 129 ? ? CG A ASP 129 ? ? OD1 A ASP 129 ? ? 125.50 118.30 7.20  0.90 N 
4 1 CB A ASP 167 ? ? CG A ASP 167 ? ? OD1 A ASP 167 ? ? 112.53 118.30 -5.77 0.90 N 
5 1 CB A ASP 167 ? ? CG A ASP 167 ? ? OD2 A ASP 167 ? ? 127.98 118.30 9.68  0.90 N 
6 1 NE A ARG 178 ? ? CZ A ARG 178 ? ? NH1 A ARG 178 ? ? 126.37 120.30 6.07  0.50 N 
7 1 NE A ARG 178 ? ? CZ A ARG 178 ? ? NH2 A ARG 178 ? ? 114.72 120.30 -5.58 0.50 N 
8 1 CB A ASP 180 ? ? CG A ASP 180 ? ? OD1 A ASP 180 ? ? 124.34 118.30 6.04  0.90 N 
# 
_pdbx_validate_torsion.id              1 
_pdbx_validate_torsion.PDB_model_num   1 
_pdbx_validate_torsion.auth_comp_id    LYS 
_pdbx_validate_torsion.auth_asym_id    A 
_pdbx_validate_torsion.auth_seq_id     146 
_pdbx_validate_torsion.PDB_ins_code    ? 
_pdbx_validate_torsion.label_alt_id    ? 
_pdbx_validate_torsion.phi             55.12 
_pdbx_validate_torsion.psi             -116.83 
# 
_pdbx_database_remark.id     999 
_pdbx_database_remark.text   
;SEQUENCE
Thrombin cleavage results in a vector-derived linker 
peptide (RASVGSPG) before coding sequence starting 
at residue 109.
;
# 
loop_
_pdbx_unobs_or_zero_occ_residues.id 
_pdbx_unobs_or_zero_occ_residues.PDB_model_num 
_pdbx_unobs_or_zero_occ_residues.polymer_flag 
_pdbx_unobs_or_zero_occ_residues.occupancy_flag 
_pdbx_unobs_or_zero_occ_residues.auth_asym_id 
_pdbx_unobs_or_zero_occ_residues.auth_comp_id 
_pdbx_unobs_or_zero_occ_residues.auth_seq_id 
_pdbx_unobs_or_zero_occ_residues.PDB_ins_code 
_pdbx_unobs_or_zero_occ_residues.label_asym_id 
_pdbx_unobs_or_zero_occ_residues.label_comp_id 
_pdbx_unobs_or_zero_occ_residues.label_seq_id 
1  1 Y 1 A ASP 220 ? A ASP 120 
2  1 Y 1 A LEU 221 ? A LEU 121 
3  1 Y 1 A GLY 222 ? A GLY 122 
4  1 Y 1 A SER 223 ? A SER 123 
5  1 Y 1 A ASP 224 ? A ASP 124 
6  1 Y 1 A VAL 225 ? A VAL 125 
7  1 Y 1 A ILE 226 ? A ILE 126 
8  1 Y 1 A PRO 227 ? A PRO 127 
9  1 Y 1 A GLU 228 ? A GLU 128 
10 1 Y 1 A ASP 229 ? A ASP 129 
11 1 Y 1 A ASP 230 ? A ASP 130 
12 1 Y 1 A GLU 231 ? A GLU 131 
13 1 Y 1 A GLU 232 ? A GLU 132 
14 1 Y 1 A ARG 233 ? A ARG 133 
15 1 Y 1 A GLY 234 ? A GLY 134 
16 1 Y 1 A GLU 235 ? A GLU 135 
17 1 Y 1 A LEU 236 ? A LEU 136 
18 1 Y 1 A TYR 237 ? A TYR 137 
19 1 Y 1 A ASP 238 ? A ASP 138 
20 1 Y 1 A ASP 239 ? A ASP 139 
21 1 Y 1 A VAL 240 ? A VAL 140 
22 1 Y 1 A ASP 241 ? A ASP 141 
23 1 Y 1 A HIS 242 ? A HIS 142 
24 1 Y 1 A PRO 243 ? A PRO 143 
25 1 Y 1 A ALA 244 ? A ALA 144 
26 1 Y 1 A ALA 245 ? A ALA 145 
27 1 Y 1 A VAL 246 ? A VAL 146 
28 1 Y 1 A SER 247 ? A SER 147 
29 1 Y 1 A SER 248 ? A SER 148 
# 
loop_
_chem_comp_atom.comp_id 
_chem_comp_atom.atom_id 
_chem_comp_atom.type_symbol 
_chem_comp_atom.pdbx_aromatic_flag 
_chem_comp_atom.pdbx_stereo_config 
_chem_comp_atom.pdbx_ordinal 
ALA N    N N N 1   
ALA CA   C N S 2   
ALA C    C N N 3   
ALA O    O N N 4   
ALA CB   C N N 5   
ALA OXT  O N N 6   
ALA H    H N N 7   
ALA H2   H N N 8   
ALA HA   H N N 9   
ALA HB1  H N N 10  
ALA HB2  H N N 11  
ALA HB3  H N N 12  
ALA HXT  H N N 13  
ARG N    N N N 14  
ARG CA   C N S 15  
ARG C    C N N 16  
ARG O    O N N 17  
ARG CB   C N N 18  
ARG CG   C N N 19  
ARG CD   C N N 20  
ARG NE   N N N 21  
ARG CZ   C N N 22  
ARG NH1  N N N 23  
ARG NH2  N N N 24  
ARG OXT  O N N 25  
ARG H    H N N 26  
ARG H2   H N N 27  
ARG HA   H N N 28  
ARG HB2  H N N 29  
ARG HB3  H N N 30  
ARG HG2  H N N 31  
ARG HG3  H N N 32  
ARG HD2  H N N 33  
ARG HD3  H N N 34  
ARG HE   H N N 35  
ARG HH11 H N N 36  
ARG HH12 H N N 37  
ARG HH21 H N N 38  
ARG HH22 H N N 39  
ARG HXT  H N N 40  
ASN N    N N N 41  
ASN CA   C N S 42  
ASN C    C N N 43  
ASN O    O N N 44  
ASN CB   C N N 45  
ASN CG   C N N 46  
ASN OD1  O N N 47  
ASN ND2  N N N 48  
ASN OXT  O N N 49  
ASN H    H N N 50  
ASN H2   H N N 51  
ASN HA   H N N 52  
ASN HB2  H N N 53  
ASN HB3  H N N 54  
ASN HD21 H N N 55  
ASN HD22 H N N 56  
ASN HXT  H N N 57  
ASP N    N N N 58  
ASP CA   C N S 59  
ASP C    C N N 60  
ASP O    O N N 61  
ASP CB   C N N 62  
ASP CG   C N N 63  
ASP OD1  O N N 64  
ASP OD2  O N N 65  
ASP OXT  O N N 66  
ASP H    H N N 67  
ASP H2   H N N 68  
ASP HA   H N N 69  
ASP HB2  H N N 70  
ASP HB3  H N N 71  
ASP HD2  H N N 72  
ASP HXT  H N N 73  
CYS N    N N N 74  
CYS CA   C N R 75  
CYS C    C N N 76  
CYS O    O N N 77  
CYS CB   C N N 78  
CYS SG   S N N 79  
CYS OXT  O N N 80  
CYS H    H N N 81  
CYS H2   H N N 82  
CYS HA   H N N 83  
CYS HB2  H N N 84  
CYS HB3  H N N 85  
CYS HG   H N N 86  
CYS HXT  H N N 87  
GLN N    N N N 88  
GLN CA   C N S 89  
GLN C    C N N 90  
GLN O    O N N 91  
GLN CB   C N N 92  
GLN CG   C N N 93  
GLN CD   C N N 94  
GLN OE1  O N N 95  
GLN NE2  N N N 96  
GLN OXT  O N N 97  
GLN H    H N N 98  
GLN H2   H N N 99  
GLN HA   H N N 100 
GLN HB2  H N N 101 
GLN HB3  H N N 102 
GLN HG2  H N N 103 
GLN HG3  H N N 104 
GLN HE21 H N N 105 
GLN HE22 H N N 106 
GLN HXT  H N N 107 
GLU N    N N N 108 
GLU CA   C N S 109 
GLU C    C N N 110 
GLU O    O N N 111 
GLU CB   C N N 112 
GLU CG   C N N 113 
GLU CD   C N N 114 
GLU OE1  O N N 115 
GLU OE2  O N N 116 
GLU OXT  O N N 117 
GLU H    H N N 118 
GLU H2   H N N 119 
GLU HA   H N N 120 
GLU HB2  H N N 121 
GLU HB3  H N N 122 
GLU HG2  H N N 123 
GLU HG3  H N N 124 
GLU HE2  H N N 125 
GLU HXT  H N N 126 
GLY N    N N N 127 
GLY CA   C N N 128 
GLY C    C N N 129 
GLY O    O N N 130 
GLY OXT  O N N 131 
GLY H    H N N 132 
GLY H2   H N N 133 
GLY HA2  H N N 134 
GLY HA3  H N N 135 
GLY HXT  H N N 136 
HIS N    N N N 137 
HIS CA   C N S 138 
HIS C    C N N 139 
HIS O    O N N 140 
HIS CB   C N N 141 
HIS CG   C Y N 142 
HIS ND1  N Y N 143 
HIS CD2  C Y N 144 
HIS CE1  C Y N 145 
HIS NE2  N Y N 146 
HIS OXT  O N N 147 
HIS H    H N N 148 
HIS H2   H N N 149 
HIS HA   H N N 150 
HIS HB2  H N N 151 
HIS HB3  H N N 152 
HIS HD1  H N N 153 
HIS HD2  H N N 154 
HIS HE1  H N N 155 
HIS HE2  H N N 156 
HIS HXT  H N N 157 
HOH O    O N N 158 
HOH H1   H N N 159 
HOH H2   H N N 160 
ILE N    N N N 161 
ILE CA   C N S 162 
ILE C    C N N 163 
ILE O    O N N 164 
ILE CB   C N S 165 
ILE CG1  C N N 166 
ILE CG2  C N N 167 
ILE CD1  C N N 168 
ILE OXT  O N N 169 
ILE H    H N N 170 
ILE H2   H N N 171 
ILE HA   H N N 172 
ILE HB   H N N 173 
ILE HG12 H N N 174 
ILE HG13 H N N 175 
ILE HG21 H N N 176 
ILE HG22 H N N 177 
ILE HG23 H N N 178 
ILE HD11 H N N 179 
ILE HD12 H N N 180 
ILE HD13 H N N 181 
ILE HXT  H N N 182 
LEU N    N N N 183 
LEU CA   C N S 184 
LEU C    C N N 185 
LEU O    O N N 186 
LEU CB   C N N 187 
LEU CG   C N N 188 
LEU CD1  C N N 189 
LEU CD2  C N N 190 
LEU OXT  O N N 191 
LEU H    H N N 192 
LEU H2   H N N 193 
LEU HA   H N N 194 
LEU HB2  H N N 195 
LEU HB3  H N N 196 
LEU HG   H N N 197 
LEU HD11 H N N 198 
LEU HD12 H N N 199 
LEU HD13 H N N 200 
LEU HD21 H N N 201 
LEU HD22 H N N 202 
LEU HD23 H N N 203 
LEU HXT  H N N 204 
LYS N    N N N 205 
LYS CA   C N S 206 
LYS C    C N N 207 
LYS O    O N N 208 
LYS CB   C N N 209 
LYS CG   C N N 210 
LYS CD   C N N 211 
LYS CE   C N N 212 
LYS NZ   N N N 213 
LYS OXT  O N N 214 
LYS H    H N N 215 
LYS H2   H N N 216 
LYS HA   H N N 217 
LYS HB2  H N N 218 
LYS HB3  H N N 219 
LYS HG2  H N N 220 
LYS HG3  H N N 221 
LYS HD2  H N N 222 
LYS HD3  H N N 223 
LYS HE2  H N N 224 
LYS HE3  H N N 225 
LYS HZ1  H N N 226 
LYS HZ2  H N N 227 
LYS HZ3  H N N 228 
LYS HXT  H N N 229 
MET N    N N N 230 
MET CA   C N S 231 
MET C    C N N 232 
MET O    O N N 233 
MET CB   C N N 234 
MET CG   C N N 235 
MET SD   S N N 236 
MET CE   C N N 237 
MET OXT  O N N 238 
MET H    H N N 239 
MET H2   H N N 240 
MET HA   H N N 241 
MET HB2  H N N 242 
MET HB3  H N N 243 
MET HG2  H N N 244 
MET HG3  H N N 245 
MET HE1  H N N 246 
MET HE2  H N N 247 
MET HE3  H N N 248 
MET HXT  H N N 249 
PHE N    N N N 250 
PHE CA   C N S 251 
PHE C    C N N 252 
PHE O    O N N 253 
PHE CB   C N N 254 
PHE CG   C Y N 255 
PHE CD1  C Y N 256 
PHE CD2  C Y N 257 
PHE CE1  C Y N 258 
PHE CE2  C Y N 259 
PHE CZ   C Y N 260 
PHE OXT  O N N 261 
PHE H    H N N 262 
PHE H2   H N N 263 
PHE HA   H N N 264 
PHE HB2  H N N 265 
PHE HB3  H N N 266 
PHE HD1  H N N 267 
PHE HD2  H N N 268 
PHE HE1  H N N 269 
PHE HE2  H N N 270 
PHE HZ   H N N 271 
PHE HXT  H N N 272 
PRO N    N N N 273 
PRO CA   C N S 274 
PRO C    C N N 275 
PRO O    O N N 276 
PRO CB   C N N 277 
PRO CG   C N N 278 
PRO CD   C N N 279 
PRO OXT  O N N 280 
PRO H    H N N 281 
PRO HA   H N N 282 
PRO HB2  H N N 283 
PRO HB3  H N N 284 
PRO HG2  H N N 285 
PRO HG3  H N N 286 
PRO HD2  H N N 287 
PRO HD3  H N N 288 
PRO HXT  H N N 289 
SER N    N N N 290 
SER CA   C N S 291 
SER C    C N N 292 
SER O    O N N 293 
SER CB   C N N 294 
SER OG   O N N 295 
SER OXT  O N N 296 
SER H    H N N 297 
SER H2   H N N 298 
SER HA   H N N 299 
SER HB2  H N N 300 
SER HB3  H N N 301 
SER HG   H N N 302 
SER HXT  H N N 303 
SO4 S    S N N 304 
SO4 O1   O N N 305 
SO4 O2   O N N 306 
SO4 O3   O N N 307 
SO4 O4   O N N 308 
THR N    N N N 309 
THR CA   C N S 310 
THR C    C N N 311 
THR O    O N N 312 
THR CB   C N R 313 
THR OG1  O N N 314 
THR CG2  C N N 315 
THR OXT  O N N 316 
THR H    H N N 317 
THR H2   H N N 318 
THR HA   H N N 319 
THR HB   H N N 320 
THR HG1  H N N 321 
THR HG21 H N N 322 
THR HG22 H N N 323 
THR HG23 H N N 324 
THR HXT  H N N 325 
TRP N    N N N 326 
TRP CA   C N S 327 
TRP C    C N N 328 
TRP O    O N N 329 
TRP CB   C N N 330 
TRP CG   C Y N 331 
TRP CD1  C Y N 332 
TRP CD2  C Y N 333 
TRP NE1  N Y N 334 
TRP CE2  C Y N 335 
TRP CE3  C Y N 336 
TRP CZ2  C Y N 337 
TRP CZ3  C Y N 338 
TRP CH2  C Y N 339 
TRP OXT  O N N 340 
TRP H    H N N 341 
TRP H2   H N N 342 
TRP HA   H N N 343 
TRP HB2  H N N 344 
TRP HB3  H N N 345 
TRP HD1  H N N 346 
TRP HE1  H N N 347 
TRP HE3  H N N 348 
TRP HZ2  H N N 349 
TRP HZ3  H N N 350 
TRP HH2  H N N 351 
TRP HXT  H N N 352 
TYR N    N N N 353 
TYR CA   C N S 354 
TYR C    C N N 355 
TYR O    O N N 356 
TYR CB   C N N 357 
TYR CG   C Y N 358 
TYR CD1  C Y N 359 
TYR CD2  C Y N 360 
TYR CE1  C Y N 361 
TYR CE2  C Y N 362 
TYR CZ   C Y N 363 
TYR OH   O N N 364 
TYR OXT  O N N 365 
TYR H    H N N 366 
TYR H2   H N N 367 
TYR HA   H N N 368 
TYR HB2  H N N 369 
TYR HB3  H N N 370 
TYR HD1  H N N 371 
TYR HD2  H N N 372 
TYR HE1  H N N 373 
TYR HE2  H N N 374 
TYR HH   H N N 375 
TYR HXT  H N N 376 
VAL N    N N N 377 
VAL CA   C N S 378 
VAL C    C N N 379 
VAL O    O N N 380 
VAL CB   C N N 381 
VAL CG1  C N N 382 
VAL CG2  C N N 383 
VAL OXT  O N N 384 
VAL H    H N N 385 
VAL H2   H N N 386 
VAL HA   H N N 387 
VAL HB   H N N 388 
VAL HG11 H N N 389 
VAL HG12 H N N 390 
VAL HG13 H N N 391 
VAL HG21 H N N 392 
VAL HG22 H N N 393 
VAL HG23 H N N 394 
VAL HXT  H N N 395 
# 
loop_
_chem_comp_bond.comp_id 
_chem_comp_bond.atom_id_1 
_chem_comp_bond.atom_id_2 
_chem_comp_bond.value_order 
_chem_comp_bond.pdbx_aromatic_flag 
_chem_comp_bond.pdbx_stereo_config 
_chem_comp_bond.pdbx_ordinal 
ALA N   CA   sing N N 1   
ALA N   H    sing N N 2   
ALA N   H2   sing N N 3   
ALA CA  C    sing N N 4   
ALA CA  CB   sing N N 5   
ALA CA  HA   sing N N 6   
ALA C   O    doub N N 7   
ALA C   OXT  sing N N 8   
ALA CB  HB1  sing N N 9   
ALA CB  HB2  sing N N 10  
ALA CB  HB3  sing N N 11  
ALA OXT HXT  sing N N 12  
ARG N   CA   sing N N 13  
ARG N   H    sing N N 14  
ARG N   H2   sing N N 15  
ARG CA  C    sing N N 16  
ARG CA  CB   sing N N 17  
ARG CA  HA   sing N N 18  
ARG C   O    doub N N 19  
ARG C   OXT  sing N N 20  
ARG CB  CG   sing N N 21  
ARG CB  HB2  sing N N 22  
ARG CB  HB3  sing N N 23  
ARG CG  CD   sing N N 24  
ARG CG  HG2  sing N N 25  
ARG CG  HG3  sing N N 26  
ARG CD  NE   sing N N 27  
ARG CD  HD2  sing N N 28  
ARG CD  HD3  sing N N 29  
ARG NE  CZ   sing N N 30  
ARG NE  HE   sing N N 31  
ARG CZ  NH1  sing N N 32  
ARG CZ  NH2  doub N N 33  
ARG NH1 HH11 sing N N 34  
ARG NH1 HH12 sing N N 35  
ARG NH2 HH21 sing N N 36  
ARG NH2 HH22 sing N N 37  
ARG OXT HXT  sing N N 38  
ASN N   CA   sing N N 39  
ASN N   H    sing N N 40  
ASN N   H2   sing N N 41  
ASN CA  C    sing N N 42  
ASN CA  CB   sing N N 43  
ASN CA  HA   sing N N 44  
ASN C   O    doub N N 45  
ASN C   OXT  sing N N 46  
ASN CB  CG   sing N N 47  
ASN CB  HB2  sing N N 48  
ASN CB  HB3  sing N N 49  
ASN CG  OD1  doub N N 50  
ASN CG  ND2  sing N N 51  
ASN ND2 HD21 sing N N 52  
ASN ND2 HD22 sing N N 53  
ASN OXT HXT  sing N N 54  
ASP N   CA   sing N N 55  
ASP N   H    sing N N 56  
ASP N   H2   sing N N 57  
ASP CA  C    sing N N 58  
ASP CA  CB   sing N N 59  
ASP CA  HA   sing N N 60  
ASP C   O    doub N N 61  
ASP C   OXT  sing N N 62  
ASP CB  CG   sing N N 63  
ASP CB  HB2  sing N N 64  
ASP CB  HB3  sing N N 65  
ASP CG  OD1  doub N N 66  
ASP CG  OD2  sing N N 67  
ASP OD2 HD2  sing N N 68  
ASP OXT HXT  sing N N 69  
CYS N   CA   sing N N 70  
CYS N   H    sing N N 71  
CYS N   H2   sing N N 72  
CYS CA  C    sing N N 73  
CYS CA  CB   sing N N 74  
CYS CA  HA   sing N N 75  
CYS C   O    doub N N 76  
CYS C   OXT  sing N N 77  
CYS CB  SG   sing N N 78  
CYS CB  HB2  sing N N 79  
CYS CB  HB3  sing N N 80  
CYS SG  HG   sing N N 81  
CYS OXT HXT  sing N N 82  
GLN N   CA   sing N N 83  
GLN N   H    sing N N 84  
GLN N   H2   sing N N 85  
GLN CA  C    sing N N 86  
GLN CA  CB   sing N N 87  
GLN CA  HA   sing N N 88  
GLN C   O    doub N N 89  
GLN C   OXT  sing N N 90  
GLN CB  CG   sing N N 91  
GLN CB  HB2  sing N N 92  
GLN CB  HB3  sing N N 93  
GLN CG  CD   sing N N 94  
GLN CG  HG2  sing N N 95  
GLN CG  HG3  sing N N 96  
GLN CD  OE1  doub N N 97  
GLN CD  NE2  sing N N 98  
GLN NE2 HE21 sing N N 99  
GLN NE2 HE22 sing N N 100 
GLN OXT HXT  sing N N 101 
GLU N   CA   sing N N 102 
GLU N   H    sing N N 103 
GLU N   H2   sing N N 104 
GLU CA  C    sing N N 105 
GLU CA  CB   sing N N 106 
GLU CA  HA   sing N N 107 
GLU C   O    doub N N 108 
GLU C   OXT  sing N N 109 
GLU CB  CG   sing N N 110 
GLU CB  HB2  sing N N 111 
GLU CB  HB3  sing N N 112 
GLU CG  CD   sing N N 113 
GLU CG  HG2  sing N N 114 
GLU CG  HG3  sing N N 115 
GLU CD  OE1  doub N N 116 
GLU CD  OE2  sing N N 117 
GLU OE2 HE2  sing N N 118 
GLU OXT HXT  sing N N 119 
GLY N   CA   sing N N 120 
GLY N   H    sing N N 121 
GLY N   H2   sing N N 122 
GLY CA  C    sing N N 123 
GLY CA  HA2  sing N N 124 
GLY CA  HA3  sing N N 125 
GLY C   O    doub N N 126 
GLY C   OXT  sing N N 127 
GLY OXT HXT  sing N N 128 
HIS N   CA   sing N N 129 
HIS N   H    sing N N 130 
HIS N   H2   sing N N 131 
HIS CA  C    sing N N 132 
HIS CA  CB   sing N N 133 
HIS CA  HA   sing N N 134 
HIS C   O    doub N N 135 
HIS C   OXT  sing N N 136 
HIS CB  CG   sing N N 137 
HIS CB  HB2  sing N N 138 
HIS CB  HB3  sing N N 139 
HIS CG  ND1  sing Y N 140 
HIS CG  CD2  doub Y N 141 
HIS ND1 CE1  doub Y N 142 
HIS ND1 HD1  sing N N 143 
HIS CD2 NE2  sing Y N 144 
HIS CD2 HD2  sing N N 145 
HIS CE1 NE2  sing Y N 146 
HIS CE1 HE1  sing N N 147 
HIS NE2 HE2  sing N N 148 
HIS OXT HXT  sing N N 149 
HOH O   H1   sing N N 150 
HOH O   H2   sing N N 151 
ILE N   CA   sing N N 152 
ILE N   H    sing N N 153 
ILE N   H2   sing N N 154 
ILE CA  C    sing N N 155 
ILE CA  CB   sing N N 156 
ILE CA  HA   sing N N 157 
ILE C   O    doub N N 158 
ILE C   OXT  sing N N 159 
ILE CB  CG1  sing N N 160 
ILE CB  CG2  sing N N 161 
ILE CB  HB   sing N N 162 
ILE CG1 CD1  sing N N 163 
ILE CG1 HG12 sing N N 164 
ILE CG1 HG13 sing N N 165 
ILE CG2 HG21 sing N N 166 
ILE CG2 HG22 sing N N 167 
ILE CG2 HG23 sing N N 168 
ILE CD1 HD11 sing N N 169 
ILE CD1 HD12 sing N N 170 
ILE CD1 HD13 sing N N 171 
ILE OXT HXT  sing N N 172 
LEU N   CA   sing N N 173 
LEU N   H    sing N N 174 
LEU N   H2   sing N N 175 
LEU CA  C    sing N N 176 
LEU CA  CB   sing N N 177 
LEU CA  HA   sing N N 178 
LEU C   O    doub N N 179 
LEU C   OXT  sing N N 180 
LEU CB  CG   sing N N 181 
LEU CB  HB2  sing N N 182 
LEU CB  HB3  sing N N 183 
LEU CG  CD1  sing N N 184 
LEU CG  CD2  sing N N 185 
LEU CG  HG   sing N N 186 
LEU CD1 HD11 sing N N 187 
LEU CD1 HD12 sing N N 188 
LEU CD1 HD13 sing N N 189 
LEU CD2 HD21 sing N N 190 
LEU CD2 HD22 sing N N 191 
LEU CD2 HD23 sing N N 192 
LEU OXT HXT  sing N N 193 
LYS N   CA   sing N N 194 
LYS N   H    sing N N 195 
LYS N   H2   sing N N 196 
LYS CA  C    sing N N 197 
LYS CA  CB   sing N N 198 
LYS CA  HA   sing N N 199 
LYS C   O    doub N N 200 
LYS C   OXT  sing N N 201 
LYS CB  CG   sing N N 202 
LYS CB  HB2  sing N N 203 
LYS CB  HB3  sing N N 204 
LYS CG  CD   sing N N 205 
LYS CG  HG2  sing N N 206 
LYS CG  HG3  sing N N 207 
LYS CD  CE   sing N N 208 
LYS CD  HD2  sing N N 209 
LYS CD  HD3  sing N N 210 
LYS CE  NZ   sing N N 211 
LYS CE  HE2  sing N N 212 
LYS CE  HE3  sing N N 213 
LYS NZ  HZ1  sing N N 214 
LYS NZ  HZ2  sing N N 215 
LYS NZ  HZ3  sing N N 216 
LYS OXT HXT  sing N N 217 
MET N   CA   sing N N 218 
MET N   H    sing N N 219 
MET N   H2   sing N N 220 
MET CA  C    sing N N 221 
MET CA  CB   sing N N 222 
MET CA  HA   sing N N 223 
MET C   O    doub N N 224 
MET C   OXT  sing N N 225 
MET CB  CG   sing N N 226 
MET CB  HB2  sing N N 227 
MET CB  HB3  sing N N 228 
MET CG  SD   sing N N 229 
MET CG  HG2  sing N N 230 
MET CG  HG3  sing N N 231 
MET SD  CE   sing N N 232 
MET CE  HE1  sing N N 233 
MET CE  HE2  sing N N 234 
MET CE  HE3  sing N N 235 
MET OXT HXT  sing N N 236 
PHE N   CA   sing N N 237 
PHE N   H    sing N N 238 
PHE N   H2   sing N N 239 
PHE CA  C    sing N N 240 
PHE CA  CB   sing N N 241 
PHE CA  HA   sing N N 242 
PHE C   O    doub N N 243 
PHE C   OXT  sing N N 244 
PHE CB  CG   sing N N 245 
PHE CB  HB2  sing N N 246 
PHE CB  HB3  sing N N 247 
PHE CG  CD1  doub Y N 248 
PHE CG  CD2  sing Y N 249 
PHE CD1 CE1  sing Y N 250 
PHE CD1 HD1  sing N N 251 
PHE CD2 CE2  doub Y N 252 
PHE CD2 HD2  sing N N 253 
PHE CE1 CZ   doub Y N 254 
PHE CE1 HE1  sing N N 255 
PHE CE2 CZ   sing Y N 256 
PHE CE2 HE2  sing N N 257 
PHE CZ  HZ   sing N N 258 
PHE OXT HXT  sing N N 259 
PRO N   CA   sing N N 260 
PRO N   CD   sing N N 261 
PRO N   H    sing N N 262 
PRO CA  C    sing N N 263 
PRO CA  CB   sing N N 264 
PRO CA  HA   sing N N 265 
PRO C   O    doub N N 266 
PRO C   OXT  sing N N 267 
PRO CB  CG   sing N N 268 
PRO CB  HB2  sing N N 269 
PRO CB  HB3  sing N N 270 
PRO CG  CD   sing N N 271 
PRO CG  HG2  sing N N 272 
PRO CG  HG3  sing N N 273 
PRO CD  HD2  sing N N 274 
PRO CD  HD3  sing N N 275 
PRO OXT HXT  sing N N 276 
SER N   CA   sing N N 277 
SER N   H    sing N N 278 
SER N   H2   sing N N 279 
SER CA  C    sing N N 280 
SER CA  CB   sing N N 281 
SER CA  HA   sing N N 282 
SER C   O    doub N N 283 
SER C   OXT  sing N N 284 
SER CB  OG   sing N N 285 
SER CB  HB2  sing N N 286 
SER CB  HB3  sing N N 287 
SER OG  HG   sing N N 288 
SER OXT HXT  sing N N 289 
SO4 S   O1   doub N N 290 
SO4 S   O2   doub N N 291 
SO4 S   O3   sing N N 292 
SO4 S   O4   sing N N 293 
THR N   CA   sing N N 294 
THR N   H    sing N N 295 
THR N   H2   sing N N 296 
THR CA  C    sing N N 297 
THR CA  CB   sing N N 298 
THR CA  HA   sing N N 299 
THR C   O    doub N N 300 
THR C   OXT  sing N N 301 
THR CB  OG1  sing N N 302 
THR CB  CG2  sing N N 303 
THR CB  HB   sing N N 304 
THR OG1 HG1  sing N N 305 
THR CG2 HG21 sing N N 306 
THR CG2 HG22 sing N N 307 
THR CG2 HG23 sing N N 308 
THR OXT HXT  sing N N 309 
TRP N   CA   sing N N 310 
TRP N   H    sing N N 311 
TRP N   H2   sing N N 312 
TRP CA  C    sing N N 313 
TRP CA  CB   sing N N 314 
TRP CA  HA   sing N N 315 
TRP C   O    doub N N 316 
TRP C   OXT  sing N N 317 
TRP CB  CG   sing N N 318 
TRP CB  HB2  sing N N 319 
TRP CB  HB3  sing N N 320 
TRP CG  CD1  doub Y N 321 
TRP CG  CD2  sing Y N 322 
TRP CD1 NE1  sing Y N 323 
TRP CD1 HD1  sing N N 324 
TRP CD2 CE2  doub Y N 325 
TRP CD2 CE3  sing Y N 326 
TRP NE1 CE2  sing Y N 327 
TRP NE1 HE1  sing N N 328 
TRP CE2 CZ2  sing Y N 329 
TRP CE3 CZ3  doub Y N 330 
TRP CE3 HE3  sing N N 331 
TRP CZ2 CH2  doub Y N 332 
TRP CZ2 HZ2  sing N N 333 
TRP CZ3 CH2  sing Y N 334 
TRP CZ3 HZ3  sing N N 335 
TRP CH2 HH2  sing N N 336 
TRP OXT HXT  sing N N 337 
TYR N   CA   sing N N 338 
TYR N   H    sing N N 339 
TYR N   H2   sing N N 340 
TYR CA  C    sing N N 341 
TYR CA  CB   sing N N 342 
TYR CA  HA   sing N N 343 
TYR C   O    doub N N 344 
TYR C   OXT  sing N N 345 
TYR CB  CG   sing N N 346 
TYR CB  HB2  sing N N 347 
TYR CB  HB3  sing N N 348 
TYR CG  CD1  doub Y N 349 
TYR CG  CD2  sing Y N 350 
TYR CD1 CE1  sing Y N 351 
TYR CD1 HD1  sing N N 352 
TYR CD2 CE2  doub Y N 353 
TYR CD2 HD2  sing N N 354 
TYR CE1 CZ   doub Y N 355 
TYR CE1 HE1  sing N N 356 
TYR CE2 CZ   sing Y N 357 
TYR CE2 HE2  sing N N 358 
TYR CZ  OH   sing N N 359 
TYR OH  HH   sing N N 360 
TYR OXT HXT  sing N N 361 
VAL N   CA   sing N N 362 
VAL N   H    sing N N 363 
VAL N   H2   sing N N 364 
VAL CA  C    sing N N 365 
VAL CA  CB   sing N N 366 
VAL CA  HA   sing N N 367 
VAL C   O    doub N N 368 
VAL C   OXT  sing N N 369 
VAL CB  CG1  sing N N 370 
VAL CB  CG2  sing N N 371 
VAL CB  HB   sing N N 372 
VAL CG1 HG11 sing N N 373 
VAL CG1 HG12 sing N N 374 
VAL CG1 HG13 sing N N 375 
VAL CG2 HG21 sing N N 376 
VAL CG2 HG22 sing N N 377 
VAL CG2 HG23 sing N N 378 
VAL OXT HXT  sing N N 379 
# 
_atom_sites.entry_id                    1U5F 
_atom_sites.fract_transf_matrix[1][1]   -0.01341939 
_atom_sites.fract_transf_matrix[1][2]   -0.00509427 
_atom_sites.fract_transf_matrix[1][3]   0.00299185 
_atom_sites.fract_transf_matrix[2][1]   -0.00857968 
_atom_sites.fract_transf_matrix[2][2]   0.00710110 
_atom_sites.fract_transf_matrix[2][3]   0.00953766 
_atom_sites.fract_transf_matrix[3][1]   -0.00288234 
_atom_sites.fract_transf_matrix[3][2]   0.00422326 
_atom_sites.fract_transf_matrix[3][3]   -0.00573719 
_atom_sites.fract_transf_vector[1]      -0.054784 
_atom_sites.fract_transf_vector[2]      0.457209 
_atom_sites.fract_transf_vector[3]      0.133051 
# 
loop_
_atom_type.symbol 
C 
N 
O 
S 
# 
loop_
_atom_site.group_PDB 
_atom_site.id 
_atom_site.type_symbol 
_atom_site.label_atom_id 
_atom_site.label_alt_id 
_atom_site.label_comp_id 
_atom_site.label_asym_id 
_atom_site.label_entity_id 
_atom_site.label_seq_id 
_atom_site.pdbx_PDB_ins_code 
_atom_site.Cartn_x 
_atom_site.Cartn_y 
_atom_site.Cartn_z 
_atom_site.occupancy 
_atom_site.B_iso_or_equiv 
_atom_site.pdbx_formal_charge 
_atom_site.auth_seq_id 
_atom_site.auth_comp_id 
_atom_site.auth_asym_id 
_atom_site.auth_atom_id 
_atom_site.pdbx_PDB_model_num 
ATOM   1   N N   . ARG A 1 1   H -2.056  -12.317 -17.067 1.00 42.38 ? 109 ARG A N   1 
ATOM   2   C CA  . ARG A 1 1   H -2.303  -10.882 -17.069 1.00 46.57 ? 109 ARG A CA  1 
ATOM   3   C C   . ARG A 1 1   H -3.686  -10.523 -17.633 1.00 42.25 ? 109 ARG A C   1 
ATOM   4   O O   . ARG A 1 1   H -4.286  -11.355 -18.308 1.00 43.37 ? 109 ARG A O   1 
ATOM   5   C CB  . ARG A 1 1   H -1.232  -10.242 -17.967 1.00 49.01 ? 109 ARG A CB  1 
ATOM   6   C CG  . ARG A 1 1   H 0.135   -10.157 -17.319 1.00 57.41 ? 109 ARG A CG  1 
ATOM   7   C CD  . ARG A 1 1   H 1.255   -10.834 -18.100 1.00 69.88 ? 109 ARG A CD  1 
ATOM   8   N NE  . ARG A 1 1   H 1.414   -10.438 -19.500 1.00 72.86 ? 109 ARG A NE  1 
ATOM   9   C CZ  . ARG A 1 1   H 1.642   -11.315 -20.476 1.00 80.45 ? 109 ARG A CZ  1 
ATOM   10  N NH1 . ARG A 1 1   H 1.753   -12.629 -20.217 1.00 82.20 ? 109 ARG A NH1 1 
ATOM   11  N NH2 . ARG A 1 1   H 1.776   -10.888 -21.733 1.00 84.29 ? 109 ARG A NH2 1 
ATOM   12  N N   . ALA A 1 2   G -4.129  -9.337  -17.290 1.00 40.49 ? 109 ALA A N   1 
ATOM   13  C CA  . ALA A 1 2   G -5.396  -8.742  -17.820 1.00 40.23 ? 109 ALA A CA  1 
ATOM   14  C C   . ALA A 1 2   G -5.262  -8.559  -19.328 1.00 40.58 ? 109 ALA A C   1 
ATOM   15  O O   . ALA A 1 2   G -4.144  -8.696  -19.890 1.00 43.11 ? 109 ALA A O   1 
ATOM   16  C CB  . ALA A 1 2   G -5.694  -7.443  -17.197 1.00 39.84 ? 109 ALA A CB  1 
ATOM   17  N N   . SER A 1 3   F -6.405  -8.372  -19.990 1.00 38.45 ? 109 SER A N   1 
ATOM   18  C CA  . SER A 1 3   F -6.477  -8.084  -21.387 1.00 36.88 ? 109 SER A CA  1 
ATOM   19  C C   . SER A 1 3   F -6.273  -6.670  -21.646 1.00 38.46 ? 109 SER A C   1 
ATOM   20  O O   . SER A 1 3   F -5.718  -6.320  -22.740 1.00 37.11 ? 109 SER A O   1 
ATOM   21  C CB  . SER A 1 3   F -7.844  -8.486  -21.919 1.00 39.48 ? 109 SER A CB  1 
ATOM   22  O OG  . SER A 1 3   F -8.018  -9.892  -21.786 1.00 37.57 ? 109 SER A OG  1 
ATOM   23  N N   . VAL A 1 4   E -6.697  -5.818  -20.721 1.00 38.88 ? 109 VAL A N   1 
ATOM   24  C CA  . VAL A 1 4   E -6.600  -4.313  -20.866 1.00 39.18 ? 109 VAL A CA  1 
ATOM   25  C C   . VAL A 1 4   E -6.108  -3.853  -19.511 1.00 41.36 ? 109 VAL A C   1 
ATOM   26  O O   . VAL A 1 4   E -6.694  -4.184  -18.460 1.00 38.36 ? 109 VAL A O   1 
ATOM   27  C CB  . VAL A 1 4   E -7.967  -3.657  -21.125 1.00 40.60 ? 109 VAL A CB  1 
ATOM   28  C CG1 . VAL A 1 4   E -7.867  -2.155  -21.226 1.00 44.70 ? 109 VAL A CG1 1 
ATOM   29  C CG2 . VAL A 1 4   E -8.562  -4.191  -22.408 1.00 40.85 ? 109 VAL A CG2 1 
ATOM   30  N N   . GLY A 1 5   D -4.986  -3.148  -19.512 1.00 38.92 ? 109 GLY A N   1 
ATOM   31  C CA  . GLY A 1 5   D -4.381  -2.699  -18.275 1.00 40.96 ? 109 GLY A CA  1 
ATOM   32  C C   . GLY A 1 5   D -5.102  -1.496  -17.678 1.00 41.45 ? 109 GLY A C   1 
ATOM   33  O O   . GLY A 1 5   D -5.971  -0.846  -18.274 1.00 42.57 ? 109 GLY A O   1 
ATOM   34  N N   . SER A 1 6   C -4.738  -1.193  -16.443 1.00 43.37 ? 109 SER A N   1 
ATOM   35  C CA  . SER A 1 6   C -5.289  -0.066  -15.728 1.00 43.37 ? 109 SER A CA  1 
ATOM   36  C C   . SER A 1 6   C -4.733  1.248   -16.330 1.00 46.98 ? 109 SER A C   1 
ATOM   37  O O   . SER A 1 6   C -3.581  1.392   -16.466 1.00 44.05 ? 109 SER A O   1 
ATOM   38  C CB  . SER A 1 6   C -4.842  -0.160  -14.268 1.00 42.74 ? 109 SER A CB  1 
ATOM   39  O OG  . SER A 1 6   C -5.613  0.732   -13.440 1.00 46.49 ? 109 SER A OG  1 
ATOM   40  N N   . PRO A 1 7   B -5.577  2.226   -16.576 1.00 50.30 ? 109 PRO A N   1 
ATOM   41  C CA  . PRO A 1 7   B -5.123  3.524   -17.097 1.00 52.13 ? 109 PRO A CA  1 
ATOM   42  C C   . PRO A 1 7   B -4.167  4.196   -16.153 1.00 51.10 ? 109 PRO A C   1 
ATOM   43  O O   . PRO A 1 7   B -4.385  4.240   -14.938 1.00 51.87 ? 109 PRO A O   1 
ATOM   44  C CB  . PRO A 1 7   B -6.418  4.335   -17.130 1.00 53.49 ? 109 PRO A CB  1 
ATOM   45  C CG  . PRO A 1 7   B -7.443  3.343   -17.252 1.00 53.95 ? 109 PRO A CG  1 
ATOM   46  C CD  . PRO A 1 7   B -7.032  2.162   -16.445 1.00 51.45 ? 109 PRO A CD  1 
ATOM   47  N N   . GLY A 1 8   A -3.087  4.716   -16.678 1.00 52.17 ? 109 GLY A N   1 
ATOM   48  C CA  . GLY A 1 8   A -2.171  5.528   -15.894 1.00 52.49 ? 109 GLY A CA  1 
ATOM   49  C C   . GLY A 1 8   A -2.788  6.845   -15.491 1.00 53.39 ? 109 GLY A C   1 
ATOM   50  O O   . GLY A 1 8   A -3.384  7.487   -16.322 1.00 54.95 ? 109 GLY A O   1 
ATOM   51  N N   . ILE A 1 9   ? -2.732  7.212   -14.208 1.00 52.12 ? 109 ILE A N   1 
ATOM   52  C CA  . ILE A 1 9   ? -3.392  8.409   -13.696 1.00 52.30 ? 109 ILE A CA  1 
ATOM   53  C C   . ILE A 1 9   ? -2.380  9.103   -12.827 1.00 52.33 ? 109 ILE A C   1 
ATOM   54  O O   . ILE A 1 9   ? -1.773  8.467   -11.970 1.00 49.23 ? 109 ILE A O   1 
ATOM   55  C CB  . ILE A 1 9   ? -4.599  8.114   -12.858 1.00 52.85 ? 109 ILE A CB  1 
ATOM   56  C CG1 . ILE A 1 9   ? -5.631  7.364   -13.651 1.00 54.95 ? 109 ILE A CG1 1 
ATOM   57  C CG2 . ILE A 1 9   ? -5.250  9.412   -12.313 1.00 53.16 ? 109 ILE A CG2 1 
ATOM   58  C CD1 . ILE A 1 9   ? -6.877  7.058   -12.834 1.00 58.80 ? 109 ILE A CD1 1 
ATOM   59  N N   . PRO A 1 10  ? -2.093  10.379  -13.134 1.00 51.08 ? 110 PRO A N   1 
ATOM   60  C CA  . PRO A 1 10  ? -1.186  11.126  -12.315 1.00 51.18 ? 110 PRO A CA  1 
ATOM   61  C C   . PRO A 1 10  ? -1.691  11.205  -10.849 1.00 49.19 ? 110 PRO A C   1 
ATOM   62  O O   . PRO A 1 10  ? -2.861  11.352  -10.566 1.00 49.25 ? 110 PRO A O   1 
ATOM   63  C CB  . PRO A 1 10  ? -1.175  12.558  -13.016 1.00 52.52 ? 110 PRO A CB  1 
ATOM   64  C CG  . PRO A 1 10  ? -1.487  12.209  -14.479 1.00 53.61 ? 110 PRO A CG  1 
ATOM   65  C CD  . PRO A 1 10  ? -2.630  11.191  -14.260 1.00 53.04 ? 110 PRO A CD  1 
ATOM   66  N N   . ALA A 1 11  ? -0.733  11.117  -9.950  1.00 50.25 ? 111 ALA A N   1 
ATOM   67  C CA  . ALA A 1 11  ? -0.979  11.072  -8.537  1.00 51.82 ? 111 ALA A CA  1 
ATOM   68  C C   . ALA A 1 11  ? -1.849  12.269  -8.109  1.00 53.08 ? 111 ALA A C   1 
ATOM   69  O O   . ALA A 1 11  ? -2.800  12.133  -7.342  1.00 52.30 ? 111 ALA A O   1 
ATOM   70  C CB  . ALA A 1 11  ? 0.338   11.101  -7.855  1.00 52.38 ? 111 ALA A CB  1 
ATOM   71  N N   . GLN A 1 12  ? -1.511  13.414  -8.681  1.00 55.56 ? 112 GLN A N   1 
ATOM   72  C CA  . GLN A 1 12  ? -2.219  14.672  -8.421  1.00 58.48 ? 112 GLN A CA  1 
ATOM   73  C C   . GLN A 1 12  ? -3.672  14.681  -8.893  1.00 58.15 ? 112 GLN A C   1 
ATOM   74  O O   . GLN A 1 12  ? -4.514  15.497  -8.389  1.00 58.21 ? 112 GLN A O   1 
ATOM   75  C CB  . GLN A 1 12  ? -1.450  15.781  -9.135  1.00 60.52 ? 112 GLN A CB  1 
ATOM   76  C CG  . GLN A 1 12  ? -1.036  16.916  -8.241  1.00 69.06 ? 112 GLN A CG  1 
ATOM   77  C CD  . GLN A 1 12  ? 0.347   16.757  -7.759  1.00 74.13 ? 112 GLN A CD  1 
ATOM   78  O OE1 . GLN A 1 12  ? 0.609   15.758  -7.123  1.00 76.82 ? 112 GLN A OE1 1 
ATOM   79  N NE2 . GLN A 1 12  ? 1.260   17.732  -8.050  1.00 73.04 ? 112 GLN A NE2 1 
ATOM   80  N N   . ASP A 1 13  ? -3.975  13.834  -9.879  1.00 56.30 ? 113 ASP A N   1 
ATOM   81  C CA  . ASP A 1 13  ? -5.281  13.833  -10.499 1.00 56.54 ? 113 ASP A CA  1 
ATOM   82  C C   . ASP A 1 13  ? -6.212  12.773  -9.933  1.00 55.98 ? 113 ASP A C   1 
ATOM   83  O O   . ASP A 1 13  ? -7.370  12.590  -10.398 1.00 54.61 ? 113 ASP A O   1 
ATOM   84  C CB  . ASP A 1 13  ? -5.140  13.709  -12.039 1.00 57.13 ? 113 ASP A CB  1 
ATOM   85  C CG  . ASP A 1 13  ? -4.202  14.772  -12.638 1.00 59.13 ? 113 ASP A CG  1 
ATOM   86  O OD1 . ASP A 1 13  ? -3.879  15.770  -11.935 1.00 60.70 ? 113 ASP A OD1 1 
ATOM   87  O OD2 . ASP A 1 13  ? -3.652  14.671  -13.774 1.00 59.91 ? 113 ASP A OD2 1 
ATOM   88  N N   . LEU A 1 14  ? -5.748  12.022  -8.916  1.00 53.36 ? 114 LEU A N   1 
ATOM   89  C CA  . LEU A 1 14  ? -6.571  10.916  -8.524  1.00 52.08 ? 114 LEU A CA  1 
ATOM   90  C C   . LEU A 1 14  ? -7.797  11.479  -7.874  1.00 51.35 ? 114 LEU A C   1 
ATOM   91  O O   . LEU A 1 14  ? -7.650  12.285  -6.986  1.00 52.14 ? 114 LEU A O   1 
ATOM   92  C CB  . LEU A 1 14  ? -5.857  10.004  -7.499  1.00 51.30 ? 114 LEU A CB  1 
ATOM   93  C CG  . LEU A 1 14  ? -5.014  8.837   -7.936  1.00 50.60 ? 114 LEU A CG  1 
ATOM   94  C CD1 . LEU A 1 14  ? -4.440  8.198   -6.665  1.00 49.94 ? 114 LEU A CD1 1 
ATOM   95  C CD2 . LEU A 1 14  ? -5.806  7.883   -8.700  1.00 48.92 ? 114 LEU A CD2 1 
ATOM   96  N N   . PRO A 1 15  ? -8.963  10.970  -8.215  1.00 52.49 ? 115 PRO A N   1 
ATOM   97  C CA  . PRO A 1 15  ? -10.210 11.334  -7.575  1.00 53.59 ? 115 PRO A CA  1 
ATOM   98  C C   . PRO A 1 15  ? -10.502 10.593  -6.271  1.00 54.98 ? 115 PRO A C   1 
ATOM   99  O O   . PRO A 1 15  ? -9.978  9.467   -6.061  1.00 55.90 ? 115 PRO A O   1 
ATOM   100 C CB  . PRO A 1 15  ? -11.277 10.818  -8.556  1.00 53.50 ? 115 PRO A CB  1 
ATOM   101 C CG  . PRO A 1 15  ? -10.610 10.068  -9.569  1.00 56.99 ? 115 PRO A CG  1 
ATOM   102 C CD  . PRO A 1 15  ? -9.193  9.941   -9.254  1.00 52.89 ? 115 PRO A CD  1 
ATOM   103 N N   . PHE A 1 16  ? -11.352 11.208  -5.444  1.00 54.14 ? 116 PHE A N   1 
ATOM   104 C CA  . PHE A 1 16  ? -11.994 10.599  -4.282  1.00 53.45 ? 116 PHE A CA  1 
ATOM   105 C C   . PHE A 1 16  ? -10.933 9.941   -3.377  1.00 52.32 ? 116 PHE A C   1 
ATOM   106 O O   . PHE A 1 16  ? -11.156 8.845   -2.881  1.00 50.29 ? 116 PHE A O   1 
ATOM   107 C CB  . PHE A 1 16  ? -13.033 9.560   -4.694  1.00 56.02 ? 116 PHE A CB  1 
ATOM   108 C CG  . PHE A 1 16  ? -14.263 9.510   -3.809  1.00 62.19 ? 116 PHE A CG  1 
ATOM   109 C CD1 . PHE A 1 16  ? -15.442 10.164  -4.208  1.00 70.87 ? 116 PHE A CD1 1 
ATOM   110 C CD2 . PHE A 1 16  ? -14.259 8.813   -2.584  1.00 68.11 ? 116 PHE A CD2 1 
ATOM   111 C CE1 . PHE A 1 16  ? -16.594 10.121  -3.377  1.00 72.41 ? 116 PHE A CE1 1 
ATOM   112 C CE2 . PHE A 1 16  ? -15.384 8.753   -1.804  1.00 70.20 ? 116 PHE A CE2 1 
ATOM   113 C CZ  . PHE A 1 16  ? -16.545 9.416   -2.186  1.00 72.76 ? 116 PHE A CZ  1 
ATOM   114 N N   . VAL A 1 17  ? -9.858  10.648  -3.140  1.00 50.73 ? 117 VAL A N   1 
ATOM   115 C CA  . VAL A 1 17  ? -8.754  10.113  -2.306  1.00 51.00 ? 117 VAL A CA  1 
ATOM   116 C C   . VAL A 1 17  ? -9.152  10.249  -0.847  1.00 51.75 ? 117 VAL A C   1 
ATOM   117 O O   . VAL A 1 17  ? -9.302  11.387  -0.381  1.00 52.14 ? 117 VAL A O   1 
ATOM   118 C CB  . VAL A 1 17  ? -7.460  10.869  -2.561  1.00 50.05 ? 117 VAL A CB  1 
ATOM   119 C CG1 . VAL A 1 17  ? -6.349  10.342  -1.640  1.00 49.43 ? 117 VAL A CG1 1 
ATOM   120 C CG2 . VAL A 1 17  ? -7.075  10.772  -3.949  1.00 52.73 ? 117 VAL A CG2 1 
ATOM   121 N N   . ILE A 1 18  ? -9.429  9.114   -0.188  1.00 50.84 ? 118 ILE A N   1 
ATOM   122 C CA  . ILE A 1 18  ? -9.847  8.965   1.249   1.00 52.96 ? 118 ILE A CA  1 
ATOM   123 C C   . ILE A 1 18  ? -8.654  9.166   2.187   1.00 53.12 ? 118 ILE A C   1 
ATOM   124 O O   . ILE A 1 18  ? -8.776  9.713   3.279   1.00 50.81 ? 118 ILE A O   1 
ATOM   125 C CB  . ILE A 1 18  ? -10.353 7.516   1.405   1.00 53.31 ? 118 ILE A CB  1 
ATOM   126 C CG1 . ILE A 1 18  ? -11.584 7.310   0.547   1.00 56.58 ? 118 ILE A CG1 1 
ATOM   127 C CG2 . ILE A 1 18  ? -10.680 7.134   2.813   1.00 60.34 ? 118 ILE A CG2 1 
ATOM   128 C CD1 . ILE A 1 18  ? -12.178 6.029   0.759   1.00 59.55 ? 118 ILE A CD1 1 
ATOM   129 N N   . LYS A 1 19  ? -7.487  8.672   1.764   1.00 51.21 ? 119 LYS A N   1 
ATOM   130 C CA  . LYS A 1 19  ? -6.259  8.784   2.558   1.00 49.92 ? 119 LYS A CA  1 
ATOM   131 C C   . LYS A 1 19  ? -5.074  8.574   1.678   1.00 48.51 ? 119 LYS A C   1 
ATOM   132 O O   . LYS A 1 19  ? -5.151  7.798   0.685   1.00 46.86 ? 119 LYS A O   1 
ATOM   133 C CB  . LYS A 1 19  ? -6.284  7.743   3.696   1.00 51.26 ? 119 LYS A CB  1 
ATOM   134 C CG  . LYS A 1 19  ? -4.992  7.828   4.603   1.00 52.11 ? 119 LYS A CG  1 
ATOM   135 C CD  . LYS A 1 19  ? -5.172  7.069   5.813   1.00 55.32 ? 119 LYS A CD  1 
ATOM   136 C CE  . LYS A 1 19  ? -3.919  7.104   6.657   1.00 53.62 ? 119 LYS A CE  1 
ATOM   137 N NZ  . LYS A 1 19  ? -3.894  8.293   7.481   1.00 54.15 ? 119 LYS A NZ  1 
ATOM   138 N N   . ALA A 1 20  ? -4.033  9.327   1.934   1.00 46.38 ? 120 ALA A N   1 
ATOM   139 C CA  . ALA A 1 20  ? -2.811  9.311   1.127   1.00 47.17 ? 120 ALA A CA  1 
ATOM   140 C C   . ALA A 1 20  ? -1.590  9.660   1.914   1.00 48.30 ? 120 ALA A C   1 
ATOM   141 O O   . ALA A 1 20  ? -1.649  10.495  2.884   1.00 47.69 ? 120 ALA A O   1 
ATOM   142 C CB  . ALA A 1 20  ? -2.899  10.198  -0.046  1.00 47.69 ? 120 ALA A CB  1 
ATOM   143 N N   . GLY A 1 21  ? -0.470  9.086   1.529   1.00 45.50 ? 121 GLY A N   1 
ATOM   144 C CA  . GLY A 1 21  ? 0.756   9.350   2.293   1.00 46.14 ? 121 GLY A CA  1 
ATOM   145 C C   . GLY A 1 21  ? 1.879   8.414   1.872   1.00 46.04 ? 121 GLY A C   1 
ATOM   146 O O   . GLY A 1 21  ? 1.619   7.453   1.202   1.00 44.44 ? 121 GLY A O   1 
ATOM   147 N N   . TYR A 1 22  ? 3.100   8.732   2.252   1.00 44.55 ? 122 TYR A N   1 
ATOM   148 C CA  . TYR A 1 22  ? 4.210   7.887   2.002   1.00 46.19 ? 122 TYR A CA  1 
ATOM   149 C C   . TYR A 1 22  ? 4.174   6.693   2.933   1.00 44.60 ? 122 TYR A C   1 
ATOM   150 O O   . TYR A 1 22  ? 3.818   6.796   4.151   1.00 40.71 ? 122 TYR A O   1 
ATOM   151 C CB  . TYR A 1 22  ? 5.539   8.647   2.116   1.00 47.07 ? 122 TYR A CB  1 
ATOM   152 C CG  . TYR A 1 22  ? 5.817   9.447   0.884   1.00 48.33 ? 122 TYR A CG  1 
ATOM   153 C CD1 . TYR A 1 22  ? 5.631   10.811  0.867   1.00 53.85 ? 122 TYR A CD1 1 
ATOM   154 C CD2 . TYR A 1 22  ? 6.252   8.834   -0.276  1.00 50.20 ? 122 TYR A CD2 1 
ATOM   155 C CE1 . TYR A 1 22  ? 5.939   11.564  -0.308  1.00 55.05 ? 122 TYR A CE1 1 
ATOM   156 C CE2 . TYR A 1 22  ? 6.504   9.543   -1.407  1.00 50.39 ? 122 TYR A CE2 1 
ATOM   157 C CZ  . TYR A 1 22  ? 6.342   10.927  -1.421  1.00 51.67 ? 122 TYR A CZ  1 
ATOM   158 O OH  . TYR A 1 22  ? 6.589   11.636  -2.627  1.00 53.11 ? 122 TYR A OH  1 
ATOM   159 N N   . LEU A 1 23  ? 4.433   5.511   2.321   1.00 43.35 ? 123 LEU A N   1 
ATOM   160 C CA  . LEU A 1 23  ? 4.636   4.262   3.061   1.00 41.04 ? 123 LEU A CA  1 
ATOM   161 C C   . LEU A 1 23  ? 5.809   3.573   2.413   1.00 42.10 ? 123 LEU A C   1 
ATOM   162 O O   . LEU A 1 23  ? 6.237   3.924   1.282   1.00 45.31 ? 123 LEU A O   1 
ATOM   163 C CB  . LEU A 1 23  ? 3.451   3.326   2.992   1.00 41.96 ? 123 LEU A CB  1 
ATOM   164 C CG  . LEU A 1 23  ? 2.169   3.848   3.625   1.00 41.25 ? 123 LEU A CG  1 
ATOM   165 C CD1 . LEU A 1 23  ? 1.043   3.047   3.211   1.00 39.93 ? 123 LEU A CD1 1 
ATOM   166 C CD2 . LEU A 1 23  ? 2.233   3.861   5.100   1.00 43.57 ? 123 LEU A CD2 1 
ATOM   167 N N   . GLU A 1 24  ? 6.368   2.594   3.089   1.00 42.31 ? 124 GLU A N   1 
ATOM   168 C CA  . GLU A 1 24  ? 7.320   1.665   2.408   1.00 39.26 ? 124 GLU A CA  1 
ATOM   169 C C   . GLU A 1 24  ? 6.658   0.412   2.118   1.00 39.07 ? 124 GLU A C   1 
ATOM   170 O O   . GLU A 1 24  ? 6.003   -0.157  2.985   1.00 39.30 ? 124 GLU A O   1 
ATOM   171 C CB  . GLU A 1 24  ? 8.560   1.422   3.333   1.00 40.23 ? 124 GLU A CB  1 
ATOM   172 C CG  . GLU A 1 24  ? 9.501   2.626   3.389   1.00 41.38 ? 124 GLU A CG  1 
ATOM   173 C CD  . GLU A 1 24  ? 10.565  2.499   4.471   1.00 44.66 ? 124 GLU A CD  1 
ATOM   174 O OE1 . GLU A 1 24  ? 10.408  1.628   5.293   1.00 48.39 ? 124 GLU A OE1 1 
ATOM   175 O OE2 . GLU A 1 24  ? 11.514  3.299   4.448   1.00 48.83 ? 124 GLU A OE2 1 
ATOM   176 N N   . LYS A 1 25  ? 6.772   -0.094  0.897   1.00 38.36 ? 125 LYS A N   1 
ATOM   177 C CA  . LYS A 1 25  ? 6.185   -1.374  0.507   1.00 37.15 ? 125 LYS A CA  1 
ATOM   178 C C   . LYS A 1 25  ? 7.289   -2.432  0.364   1.00 38.07 ? 125 LYS A C   1 
ATOM   179 O O   . LYS A 1 25  ? 8.325   -2.181  -0.249  1.00 36.96 ? 125 LYS A O   1 
ATOM   180 C CB  . LYS A 1 25  ? 5.440   -1.321  -0.825  1.00 38.68 ? 125 LYS A CB  1 
ATOM   181 C CG  . LYS A 1 25  ? 4.827   -2.661  -1.208  1.00 38.48 ? 125 LYS A CG  1 
ATOM   182 C CD  . LYS A 1 25  ? 3.776   -2.556  -2.413  1.00 44.58 ? 125 LYS A CD  1 
ATOM   183 C CE  . LYS A 1 25  ? 4.315   -2.070  -3.686  1.00 45.20 ? 125 LYS A CE  1 
ATOM   184 N NZ  . LYS A 1 25  ? 5.378   -2.975  -4.264  1.00 46.16 ? 125 LYS A NZ  1 
ATOM   185 N N   . ARG A 1 26  ? 7.051   -3.613  0.920   1.00 38.17 ? 126 ARG A N   1 
ATOM   186 C CA  . ARG A 1 26  ? 8.065   -4.660  0.812   1.00 41.13 ? 126 ARG A CA  1 
ATOM   187 C C   . ARG A 1 26  ? 8.106   -5.234  -0.616  1.00 42.19 ? 126 ARG A C   1 
ATOM   188 O O   . ARG A 1 26  ? 7.044   -5.610  -1.172  1.00 40.14 ? 126 ARG A O   1 
ATOM   189 C CB  . ARG A 1 26  ? 7.780   -5.759  1.782   1.00 41.86 ? 126 ARG A CB  1 
ATOM   190 C CG  . ARG A 1 26  ? 8.989   -6.626  2.079   1.00 45.84 ? 126 ARG A CG  1 
ATOM   191 C CD  . ARG A 1 26  ? 8.815   -7.581  3.220   1.00 51.49 ? 126 ARG A CD  1 
ATOM   192 N NE  . ARG A 1 26  ? 8.374   -8.790  2.698   1.00 60.12 ? 126 ARG A NE  1 
ATOM   193 C CZ  . ARG A 1 26  ? 8.240   -9.943  3.371   1.00 70.07 ? 126 ARG A CZ  1 
ATOM   194 N NH1 . ARG A 1 26  ? 8.574   -10.065 4.684   1.00 66.33 ? 126 ARG A NH1 1 
ATOM   195 N NH2 . ARG A 1 26  ? 7.694   -10.977 2.695   1.00 69.84 ? 126 ARG A NH2 1 
ATOM   196 N N   . ARG A 1 27  ? 9.331   -5.335  -1.168  1.00 45.36 ? 127 ARG A N   1 
ATOM   197 C CA  . ARG A 1 27  ? 9.627   -6.037  -2.417  1.00 47.60 ? 127 ARG A CA  1 
ATOM   198 C C   . ARG A 1 27  ? 9.249   -7.483  -2.339  1.00 47.30 ? 127 ARG A C   1 
ATOM   199 O O   . ARG A 1 27  ? 9.458   -8.146  -1.341  1.00 47.49 ? 127 ARG A O   1 
ATOM   200 C CB  . ARG A 1 27  ? 11.204  -6.110  -2.654  1.00 47.21 ? 127 ARG A CB  1 
ATOM   201 C CG  . ARG A 1 27  ? 11.892  -4.854  -2.995  1.00 53.84 ? 127 ARG A CG  1 
ATOM   202 C CD  . ARG A 1 27  ? 13.275  -5.073  -3.596  1.00 56.58 ? 127 ARG A CD  1 
ATOM   203 N NE  . ARG A 1 27  ? 13.860  -3.832  -4.147  1.00 62.74 ? 127 ARG A NE  1 
ATOM   204 C CZ  . ARG A 1 27  ? 13.987  -3.588  -5.438  1.00 65.06 ? 127 ARG A CZ  1 
ATOM   205 N NH1 . ARG A 1 27  ? 13.614  -4.469  -6.334  1.00 63.01 ? 127 ARG A NH1 1 
ATOM   206 N NH2 . ARG A 1 27  ? 14.503  -2.443  -5.837  1.00 74.45 ? 127 ARG A NH2 1 
ATOM   207 N N   . LYS A 1 28  ? 8.842   -8.009  -3.468  1.00 49.70 ? 128 LYS A N   1 
ATOM   208 C CA  . LYS A 1 28  ? 8.456   -9.399  -3.589  1.00 52.77 ? 128 LYS A CA  1 
ATOM   209 C C   . LYS A 1 28  ? 9.681   -10.265 -3.828  1.00 55.11 ? 128 LYS A C   1 
ATOM   210 O O   . LYS A 1 28  ? 9.882   -11.279 -3.183  1.00 54.37 ? 128 LYS A O   1 
ATOM   211 C CB  . LYS A 1 28  ? 7.532   -9.518  -4.790  1.00 52.61 ? 128 LYS A CB  1 
ATOM   212 C CG  . LYS A 1 28  ? 7.110   -10.883 -5.041  1.00 57.32 ? 128 LYS A CG  1 
ATOM   213 C CD  . LYS A 1 28  ? 6.115   -10.886 -6.240  1.00 60.57 ? 128 LYS A CD  1 
ATOM   214 C CE  . LYS A 1 28  ? 5.769   -12.298 -6.506  1.00 58.82 ? 128 LYS A CE  1 
ATOM   215 N NZ  . LYS A 1 28  ? 4.893   -12.410 -7.650  1.00 59.44 ? 128 LYS A NZ  1 
ATOM   216 N N   . ASP A 1 29  ? 10.509  -9.748  -4.723  1.00 58.38 ? 129 ASP A N   1 
ATOM   217 C CA  . ASP A 1 29  ? 11.725  -10.357 -5.218  1.00 62.35 ? 129 ASP A CA  1 
ATOM   218 C C   . ASP A 1 29  ? 12.677  -10.755 -4.031  1.00 63.70 ? 129 ASP A C   1 
ATOM   219 O O   . ASP A 1 29  ? 12.899  -10.023 -3.088  1.00 63.92 ? 129 ASP A O   1 
ATOM   220 C CB  . ASP A 1 29  ? 12.344  -9.413  -6.308  1.00 64.00 ? 129 ASP A CB  1 
ATOM   221 C CG  . ASP A 1 29  ? 11.730  -7.847  -6.287  1.00 69.42 ? 129 ASP A CG  1 
ATOM   222 O OD1 . ASP A 1 29  ? 10.491  -7.530  -6.411  1.00 70.68 ? 129 ASP A OD1 1 
ATOM   223 O OD2 . ASP A 1 29  ? 12.465  -6.844  -6.164  1.00 76.65 ? 129 ASP A OD2 1 
ATOM   224 N N   . HIS A 1 30  ? 13.103  -12.001 -4.056  1.00 66.67 ? 130 HIS A N   1 
ATOM   225 C CA  . HIS A 1 30  ? 14.078  -12.572 -3.113  1.00 69.43 ? 130 HIS A CA  1 
ATOM   226 C C   . HIS A 1 30  ? 15.493  -11.917 -3.291  1.00 68.04 ? 130 HIS A C   1 
ATOM   227 O O   . HIS A 1 30  ? 16.191  -11.623 -2.302  1.00 69.09 ? 130 HIS A O   1 
ATOM   228 C CB  . HIS A 1 30  ? 14.097  -14.114 -3.296  1.00 71.40 ? 130 HIS A CB  1 
ATOM   229 C CG  . HIS A 1 30  ? 14.070  -14.568 -4.746  1.00 78.50 ? 130 HIS A CG  1 
ATOM   230 N ND1 . HIS A 1 30  ? 13.065  -14.220 -5.636  1.00 83.13 ? 130 HIS A ND1 1 
ATOM   231 C CD2 . HIS A 1 30  ? 14.955  -15.324 -5.463  1.00 85.61 ? 130 HIS A CD2 1 
ATOM   232 C CE1 . HIS A 1 30  ? 13.345  -14.715 -6.837  1.00 86.89 ? 130 HIS A CE1 1 
ATOM   233 N NE2 . HIS A 1 30  ? 14.478  -15.402 -6.757  1.00 87.89 ? 130 HIS A NE2 1 
ATOM   234 N N   . SER A 1 31  ? 15.824  -11.619 -4.556  1.00 65.29 ? 131 SER A N   1 
ATOM   235 C CA  . SER A 1 31  ? 17.100  -11.077 -4.973  1.00 63.70 ? 131 SER A CA  1 
ATOM   236 C C   . SER A 1 31  ? 16.873  -9.732  -5.624  1.00 59.94 ? 131 SER A C   1 
ATOM   237 O O   . SER A 1 31  ? 16.152  -9.617  -6.626  1.00 59.90 ? 131 SER A O   1 
ATOM   238 C CB  . SER A 1 31  ? 17.811  -12.033 -5.964  1.00 63.98 ? 131 SER A CB  1 
ATOM   239 O OG  . SER A 1 31  ? 18.393  -13.163 -5.283  1.00 67.21 ? 131 SER A OG  1 
ATOM   240 N N   . PHE A 1 32  ? 17.464  -8.706  -5.033  1.00 56.18 ? 132 PHE A N   1 
ATOM   241 C CA  . PHE A 1 32  ? 17.314  -7.362  -5.564  1.00 54.52 ? 132 PHE A CA  1 
ATOM   242 C C   . PHE A 1 32  ? 18.509  -6.447  -5.212  1.00 52.24 ? 132 PHE A C   1 
ATOM   243 O O   . PHE A 1 32  ? 19.337  -6.726  -4.302  1.00 50.00 ? 132 PHE A O   1 
ATOM   244 C CB  . PHE A 1 32  ? 15.992  -6.783  -4.992  1.00 54.31 ? 132 PHE A CB  1 
ATOM   245 C CG  . PHE A 1 32  ? 15.956  -6.863  -3.498  1.00 53.57 ? 132 PHE A CG  1 
ATOM   246 C CD1 . PHE A 1 32  ? 16.553  -5.890  -2.757  1.00 52.12 ? 132 PHE A CD1 1 
ATOM   247 C CD2 . PHE A 1 32  ? 15.387  -7.950  -2.838  1.00 54.98 ? 132 PHE A CD2 1 
ATOM   248 C CE1 . PHE A 1 32  ? 16.613  -5.976  -1.381  1.00 53.11 ? 132 PHE A CE1 1 
ATOM   249 C CE2 . PHE A 1 32  ? 15.435  -8.020  -1.435  1.00 59.09 ? 132 PHE A CE2 1 
ATOM   250 C CZ  . PHE A 1 32  ? 16.044  -7.021  -0.731  1.00 58.61 ? 132 PHE A CZ  1 
ATOM   251 N N   . LEU A 1 33  ? 18.531  -5.316  -5.894  1.00 51.48 ? 133 LEU A N   1 
ATOM   252 C CA  . LEU A 1 33  ? 19.415  -4.206  -5.649  1.00 53.43 ? 133 LEU A CA  1 
ATOM   253 C C   . LEU A 1 33  ? 18.706  -3.106  -4.849  1.00 55.39 ? 133 LEU A C   1 
ATOM   254 O O   . LEU A 1 33  ? 17.651  -2.558  -5.306  1.00 57.42 ? 133 LEU A O   1 
ATOM   255 C CB  . LEU A 1 33  ? 19.767  -3.605  -7.028  1.00 56.06 ? 133 LEU A CB  1 
ATOM   256 C CG  . LEU A 1 33  ? 21.184  -3.637  -7.568  1.00 57.58 ? 133 LEU A CG  1 
ATOM   257 C CD1 . LEU A 1 33  ? 22.081  -4.565  -6.912  1.00 57.83 ? 133 LEU A CD1 1 
ATOM   258 C CD2 . LEU A 1 33  ? 21.142  -3.823  -8.978  1.00 61.16 ? 133 LEU A CD2 1 
ATOM   259 N N   . GLY A 1 34  ? 19.313  -2.674  -3.763  1.00 53.13 ? 134 GLY A N   1 
ATOM   260 C CA  . GLY A 1 34  ? 18.743  -1.553  -3.018  1.00 54.91 ? 134 GLY A CA  1 
ATOM   261 C C   . GLY A 1 34  ? 18.070  -2.101  -1.769  1.00 53.36 ? 134 GLY A C   1 
ATOM   262 O O   . GLY A 1 34  ? 18.565  -3.039  -1.198  1.00 55.96 ? 134 GLY A O   1 
ATOM   263 N N   . PHE A 1 35  ? 16.970  -1.519  -1.342  1.00 54.21 ? 135 PHE A N   1 
ATOM   264 C CA  . PHE A 1 35  ? 16.388  -1.852  -0.032  1.00 54.11 ? 135 PHE A CA  1 
ATOM   265 C C   . PHE A 1 35  ? 15.200  -2.756  -0.219  1.00 50.35 ? 135 PHE A C   1 
ATOM   266 O O   . PHE A 1 35  ? 14.474  -2.627  -1.188  1.00 49.29 ? 135 PHE A O   1 
ATOM   267 C CB  . PHE A 1 35  ? 15.901  -0.592  0.708   1.00 56.55 ? 135 PHE A CB  1 
ATOM   268 C CG  . PHE A 1 35  ? 16.959  0.432   0.865   1.00 60.62 ? 135 PHE A CG  1 
ATOM   269 C CD1 . PHE A 1 35  ? 16.967  1.530   0.030   1.00 63.43 ? 135 PHE A CD1 1 
ATOM   270 C CD2 . PHE A 1 35  ? 18.000  0.206   1.736   1.00 65.99 ? 135 PHE A CD2 1 
ATOM   271 C CE1 . PHE A 1 35  ? 17.938  2.458   0.096   1.00 68.43 ? 135 PHE A CE1 1 
ATOM   272 C CE2 . PHE A 1 35  ? 19.039  1.131   1.813   1.00 70.80 ? 135 PHE A CE2 1 
ATOM   273 C CZ  . PHE A 1 35  ? 18.993  2.271   0.976   1.00 71.41 ? 135 PHE A CZ  1 
ATOM   274 N N   . GLU A 1 36  ? 14.945  -3.579  0.759   1.00 48.14 ? 136 GLU A N   1 
ATOM   275 C CA  . GLU A 1 36  ? 13.795  -4.437  0.735   1.00 48.00 ? 136 GLU A CA  1 
ATOM   276 C C   . GLU A 1 36  ? 12.456  -3.675  0.763   1.00 45.89 ? 136 GLU A C   1 
ATOM   277 O O   . GLU A 1 36  ? 11.501  -4.009  0.060   1.00 46.35 ? 136 GLU A O   1 
ATOM   278 C CB  . GLU A 1 36  ? 13.873  -5.409  1.889   1.00 47.67 ? 136 GLU A CB  1 
ATOM   279 C CG  . GLU A 1 36  ? 12.895  -6.560  1.736   1.00 53.65 ? 136 GLU A CG  1 
ATOM   280 C CD  . GLU A 1 36  ? 12.887  -7.550  2.886   1.00 59.63 ? 136 GLU A CD  1 
ATOM   281 O OE1 . GLU A 1 36  ? 13.653  -7.336  3.854   1.00 62.45 ? 136 GLU A OE1 1 
ATOM   282 O OE2 . GLU A 1 36  ? 12.123  -8.540  2.798   1.00 63.82 ? 136 GLU A OE2 1 
ATOM   283 N N   . TRP A 1 37  ? 12.409  -2.672  1.569   1.00 44.26 ? 137 TRP A N   1 
ATOM   284 C CA  . TRP A 1 37  ? 11.234  -1.829  1.780   1.00 44.12 ? 137 TRP A CA  1 
ATOM   285 C C   . TRP A 1 37  ? 11.385  -0.526  0.963   1.00 44.65 ? 137 TRP A C   1 
ATOM   286 O O   . TRP A 1 37  ? 12.273  0.288   1.255   1.00 46.15 ? 137 TRP A O   1 
ATOM   287 C CB  . TRP A 1 37  ? 11.137  -1.493  3.236   1.00 43.04 ? 137 TRP A CB  1 
ATOM   288 C CG  . TRP A 1 37  ? 10.792  -2.753  4.075   1.00 42.22 ? 137 TRP A CG  1 
ATOM   289 C CD1 . TRP A 1 37  ? 11.713  -3.659  4.642   1.00 50.40 ? 137 TRP A CD1 1 
ATOM   290 C CD2 . TRP A 1 37  ? 9.499   -3.286  4.368   1.00 41.91 ? 137 TRP A CD2 1 
ATOM   291 N NE1 . TRP A 1 37  ? 11.040  -4.664  5.282   1.00 42.78 ? 137 TRP A NE1 1 
ATOM   292 C CE2 . TRP A 1 37  ? 9.679   -4.446  5.149   1.00 44.23 ? 137 TRP A CE2 1 
ATOM   293 C CE3 . TRP A 1 37  ? 8.183   -2.831  4.161   1.00 38.82 ? 137 TRP A CE3 1 
ATOM   294 C CZ2 . TRP A 1 37  ? 8.583   -5.185  5.664   1.00 42.59 ? 137 TRP A CZ2 1 
ATOM   295 C CZ3 . TRP A 1 37  ? 7.102   -3.603  4.663   1.00 39.87 ? 137 TRP A CZ3 1 
ATOM   296 C CH2 . TRP A 1 37  ? 7.304   -4.727  5.394   1.00 43.34 ? 137 TRP A CH2 1 
ATOM   297 N N   . GLN A 1 38  ? 10.554  -0.353  -0.067  1.00 43.51 ? 138 GLN A N   1 
ATOM   298 C CA  . GLN A 1 38  ? 10.782  0.761   -1.008  1.00 44.22 ? 138 GLN A CA  1 
ATOM   299 C C   . GLN A 1 38  ? 9.743   1.805   -0.777  1.00 44.42 ? 138 GLN A C   1 
ATOM   300 O O   . GLN A 1 38  ? 8.540   1.469   -0.649  1.00 42.09 ? 138 GLN A O   1 
ATOM   301 C CB  . GLN A 1 38  ? 10.590  0.252   -2.430  1.00 45.12 ? 138 GLN A CB  1 
ATOM   302 C CG  . GLN A 1 38  ? 11.455  -1.018  -2.838  1.00 48.30 ? 138 GLN A CG  1 
ATOM   303 C CD  . GLN A 1 38  ? 11.118  -1.440  -4.195  1.00 49.86 ? 138 GLN A CD  1 
ATOM   304 O OE1 . GLN A 1 38  ? 10.168  -2.262  -4.388  1.00 42.52 ? 138 GLN A OE1 1 
ATOM   305 N NE2 . GLN A 1 38  ? 11.754  -0.792  -5.192  1.00 50.71 ? 138 GLN A NE2 1 
ATOM   306 N N   . LYS A 1 39  ? 10.173  3.058   -0.730  1.00 45.96 ? 139 LYS A N   1 
ATOM   307 C CA  . LYS A 1 39  ? 9.284   4.192   -0.453  1.00 46.62 ? 139 LYS A CA  1 
ATOM   308 C C   . LYS A 1 39  ? 8.321   4.398   -1.566  1.00 44.74 ? 139 LYS A C   1 
ATOM   309 O O   . LYS A 1 39  ? 8.701   4.377   -2.758  1.00 43.09 ? 139 LYS A O   1 
ATOM   310 C CB  . LYS A 1 39  ? 10.066  5.476   -0.240  1.00 48.93 ? 139 LYS A CB  1 
ATOM   311 C CG  . LYS A 1 39  ? 9.221   6.537   0.519   1.00 55.70 ? 139 LYS A CG  1 
ATOM   312 C CD  . LYS A 1 39  ? 10.097  7.775   0.750   1.00 64.27 ? 139 LYS A CD  1 
ATOM   313 C CE  . LYS A 1 39  ? 10.293  8.597   -0.588  1.00 66.94 ? 139 LYS A CE  1 
ATOM   314 N NZ  . LYS A 1 39  ? 10.490  10.095  -0.191  1.00 72.16 ? 139 LYS A NZ  1 
ATOM   315 N N   . ARG A 1 40  ? 7.059   4.531   -1.224  1.00 44.33 ? 140 ARG A N   1 
ATOM   316 C CA  . ARG A 1 40  ? 5.978   4.629   -2.246  1.00 44.36 ? 140 ARG A CA  1 
ATOM   317 C C   . ARG A 1 40  ? 4.984   5.633   -1.707  1.00 43.90 ? 140 ARG A C   1 
ATOM   318 O O   . ARG A 1 40  ? 4.613   5.616   -0.505  1.00 45.05 ? 140 ARG A O   1 
ATOM   319 C CB  . ARG A 1 40  ? 5.253   3.314   -2.576  1.00 44.22 ? 140 ARG A CB  1 
ATOM   320 C CG  . ARG A 1 40  ? 6.152   2.255   -3.180  1.00 42.04 ? 140 ARG A CG  1 
ATOM   321 C CD  . ARG A 1 40  ? 6.350   2.486   -4.616  1.00 46.28 ? 140 ARG A CD  1 
ATOM   322 N NE  . ARG A 1 40  ? 7.167   1.520   -5.297  1.00 47.53 ? 140 ARG A NE  1 
ATOM   323 C CZ  . ARG A 1 40  ? 8.443   1.690   -5.581  1.00 47.60 ? 140 ARG A CZ  1 
ATOM   324 N NH1 . ARG A 1 40  ? 9.109   2.717   -5.056  1.00 47.49 ? 140 ARG A NH1 1 
ATOM   325 N NH2 . ARG A 1 40  ? 9.051   0.788   -6.338  1.00 49.05 ? 140 ARG A NH2 1 
ATOM   326 N N   . TRP A 1 41  ? 4.545   6.499   -2.584  1.00 43.91 ? 141 TRP A N   1 
ATOM   327 C CA  . TRP A 1 41  ? 3.403   7.386   -2.276  1.00 44.18 ? 141 TRP A CA  1 
ATOM   328 C C   . TRP A 1 41  ? 2.112   6.579   -2.576  1.00 43.29 ? 141 TRP A C   1 
ATOM   329 O O   . TRP A 1 41  ? 1.909   6.114   -3.688  1.00 40.62 ? 141 TRP A O   1 
ATOM   330 C CB  . TRP A 1 41  ? 3.434   8.679   -3.158  1.00 45.78 ? 141 TRP A CB  1 
ATOM   331 C CG  . TRP A 1 41  ? 2.390   9.638   -2.649  1.00 50.68 ? 141 TRP A CG  1 
ATOM   332 C CD1 . TRP A 1 41  ? 2.415   10.312  -1.404  1.00 54.66 ? 141 TRP A CD1 1 
ATOM   333 C CD2 . TRP A 1 41  ? 1.117   9.952   -3.233  1.00 53.59 ? 141 TRP A CD2 1 
ATOM   334 N NE1 . TRP A 1 41  ? 1.254   11.030  -1.268  1.00 60.47 ? 141 TRP A NE1 1 
ATOM   335 C CE2 . TRP A 1 41  ? 0.446   10.827  -2.358  1.00 55.80 ? 141 TRP A CE2 1 
ATOM   336 C CE3 . TRP A 1 41  ? 0.491   9.605   -4.420  1.00 56.60 ? 141 TRP A CE3 1 
ATOM   337 C CZ2 . TRP A 1 41  ? -0.808  11.368  -2.637  1.00 62.89 ? 141 TRP A CZ2 1 
ATOM   338 C CZ3 . TRP A 1 41  ? -0.769  10.123  -4.713  1.00 64.26 ? 141 TRP A CZ3 1 
ATOM   339 C CH2 . TRP A 1 41  ? -1.411  11.033  -3.830  1.00 63.76 ? 141 TRP A CH2 1 
ATOM   340 N N   . CYS A 1 42  ? 1.299   6.353   -1.551  1.00 41.82 ? 142 CYS A N   1 
ATOM   341 C CA  . CYS A 1 42  ? 0.137   5.520   -1.628  1.00 41.78 ? 142 CYS A CA  1 
ATOM   342 C C   . CYS A 1 42  ? -1.126  6.372   -1.449  1.00 39.29 ? 142 CYS A C   1 
ATOM   343 O O   . CYS A 1 42  ? -1.174  7.243   -0.568  1.00 43.89 ? 142 CYS A O   1 
ATOM   344 C CB  . CYS A 1 42  ? 0.119   4.457   -0.556  1.00 41.23 ? 142 CYS A CB  1 
ATOM   345 S SG  . CYS A 1 42  ? 1.609   3.385   -0.677  1.00 39.90 ? 142 CYS A SG  1 
ATOM   346 N N   . ALA A 1 43  ? -2.118  5.993   -2.135  1.00 42.04 ? 143 ALA A N   1 
ATOM   347 C CA  . ALA A 1 43  ? -3.412  6.687   -2.141  1.00 43.02 ? 143 ALA A CA  1 
ATOM   348 C C   . ALA A 1 43  ? -4.576  5.792   -2.321  1.00 43.95 ? 143 ALA A C   1 
ATOM   349 O O   . ALA A 1 43  ? -4.650  5.034   -3.258  1.00 44.18 ? 143 ALA A O   1 
ATOM   350 C CB  . ALA A 1 43  ? -3.374  7.831   -3.127  1.00 44.63 ? 143 ALA A CB  1 
ATOM   351 N N   . LEU A 1 44  ? -5.569  5.902   -1.437  1.00 42.73 ? 144 LEU A N   1 
ATOM   352 C CA  . LEU A 1 44  ? -6.752  5.105   -1.551  1.00 45.04 ? 144 LEU A CA  1 
ATOM   353 C C   . LEU A 1 44  ? -7.816  5.952   -2.243  1.00 47.40 ? 144 LEU A C   1 
ATOM   354 O O   . LEU A 1 44  ? -8.280  6.916   -1.667  1.00 47.62 ? 144 LEU A O   1 
ATOM   355 C CB  . LEU A 1 44  ? -7.163  4.596   -0.116  1.00 44.39 ? 144 LEU A CB  1 
ATOM   356 C CG  . LEU A 1 44  ? -8.346  3.718   -0.134  1.00 48.53 ? 144 LEU A CG  1 
ATOM   357 C CD1 . LEU A 1 44  ? -8.090  2.386   -0.895  1.00 49.77 ? 144 LEU A CD1 1 
ATOM   358 C CD2 . LEU A 1 44  ? -8.818  3.464   1.313   1.00 51.82 ? 144 LEU A CD2 1 
ATOM   359 N N   . SER A 1 45  ? -8.106  5.657   -3.524  1.00 48.24 ? 145 SER A N   1 
ATOM   360 C CA  . SER A 1 45  ? -9.152  6.343   -4.317  1.00 48.11 ? 145 SER A CA  1 
ATOM   361 C C   . SER A 1 45  ? -10.374 5.472   -4.380  1.00 49.43 ? 145 SER A C   1 
ATOM   362 O O   . SER A 1 45  ? -10.403 4.438   -5.057  1.00 45.97 ? 145 SER A O   1 
ATOM   363 C CB  . SER A 1 45  ? -8.585  6.711   -5.744  1.00 50.38 ? 145 SER A CB  1 
ATOM   364 O OG  . SER A 1 45  ? -9.714  6.967   -6.611  1.00 49.46 ? 145 SER A OG  1 
ATOM   365 N N   . LYS A 1 46  ? -11.376 5.821   -3.575  1.00 51.10 ? 146 LYS A N   1 
ATOM   366 C CA  . LYS A 1 46  ? -12.501 4.970   -3.305  1.00 54.28 ? 146 LYS A CA  1 
ATOM   367 C C   . LYS A 1 46  ? -11.984 3.621   -2.781  1.00 53.69 ? 146 LYS A C   1 
ATOM   368 O O   . LYS A 1 46  ? -11.333 3.565   -1.722  1.00 53.92 ? 146 LYS A O   1 
ATOM   369 C CB  . LYS A 1 46  ? -13.437 4.793   -4.540  1.00 56.68 ? 146 LYS A CB  1 
ATOM   370 C CG  . LYS A 1 46  ? -14.010 6.116   -5.157  1.00 64.73 ? 146 LYS A CG  1 
ATOM   371 C CD  . LYS A 1 46  ? -15.114 5.813   -6.223  1.00 71.62 ? 146 LYS A CD  1 
ATOM   372 C CE  . LYS A 1 46  ? -15.313 6.967   -7.221  1.00 75.86 ? 146 LYS A CE  1 
ATOM   373 N NZ  . LYS A 1 46  ? -16.287 6.573   -8.318  1.00 79.63 ? 146 LYS A NZ  1 
ATOM   374 N N   . THR A 1 47  ? -12.224 2.535   -3.492  1.00 50.68 ? 147 THR A N   1 
ATOM   375 C CA  . THR A 1 47  ? -11.735 1.250   -2.950  1.00 50.55 ? 147 THR A CA  1 
ATOM   376 C C   . THR A 1 47  ? -10.464 0.779   -3.647  1.00 47.14 ? 147 THR A C   1 
ATOM   377 O O   . THR A 1 47  ? -10.014 -0.375  -3.445  1.00 50.89 ? 147 THR A O   1 
ATOM   378 C CB  . THR A 1 47  ? -12.818 0.151   -3.026  1.00 51.17 ? 147 THR A CB  1 
ATOM   379 O OG1 . THR A 1 47  ? -12.956 -0.274  -4.400  1.00 52.50 ? 147 THR A OG1 1 
ATOM   380 C CG2 . THR A 1 47  ? -14.143 0.724   -2.628  1.00 57.28 ? 147 THR A CG2 1 
ATOM   381 N N   . VAL A 1 48  ? -9.873  1.614   -4.463  1.00 43.98 ? 148 VAL A N   1 
ATOM   382 C CA  . VAL A 1 48  ? -8.674  1.270   -5.174  1.00 41.24 ? 148 VAL A CA  1 
ATOM   383 C C   . VAL A 1 48  ? -7.473  1.881   -4.532  1.00 40.54 ? 148 VAL A C   1 
ATOM   384 O O   . VAL A 1 48  ? -7.380  3.128   -4.356  1.00 40.72 ? 148 VAL A O   1 
ATOM   385 C CB  . VAL A 1 48  ? -8.707  1.638   -6.683  1.00 40.31 ? 148 VAL A CB  1 
ATOM   386 C CG1 . VAL A 1 48  ? -7.476  1.254   -7.315  1.00 41.58 ? 148 VAL A CG1 1 
ATOM   387 C CG2 . VAL A 1 48  ? -9.838  0.988   -7.395  1.00 40.02 ? 148 VAL A CG2 1 
ATOM   388 N N   . PHE A 1 49  ? -6.494  1.030   -4.183  1.00 38.47 ? 149 PHE A N   1 
ATOM   389 C CA  . PHE A 1 49  ? -5.256  1.485   -3.579  1.00 36.20 ? 149 PHE A CA  1 
ATOM   390 C C   . PHE A 1 49  ? -4.222  1.647   -4.616  1.00 39.36 ? 149 PHE A C   1 
ATOM   391 O O   . PHE A 1 49  ? -3.810  0.683   -5.233  1.00 37.73 ? 149 PHE A O   1 
ATOM   392 C CB  . PHE A 1 49  ? -4.827  0.434   -2.572  1.00 39.89 ? 149 PHE A CB  1 
ATOM   393 C CG  . PHE A 1 49  ? -3.701  0.834   -1.641  1.00 34.50 ? 149 PHE A CG  1 
ATOM   394 C CD1 . PHE A 1 49  ? -3.957  0.994   -0.340  1.00 35.47 ? 149 PHE A CD1 1 
ATOM   395 C CD2 . PHE A 1 49  ? -2.385  0.868   -2.090  1.00 37.82 ? 149 PHE A CD2 1 
ATOM   396 C CE1 . PHE A 1 49  ? -2.907  1.282   0.521   1.00 35.11 ? 149 PHE A CE1 1 
ATOM   397 C CE2 . PHE A 1 49  ? -1.338  1.203   -1.251  1.00 36.34 ? 149 PHE A CE2 1 
ATOM   398 C CZ  . PHE A 1 49  ? -1.615  1.426   0.048   1.00 37.56 ? 149 PHE A CZ  1 
ATOM   399 N N   . TYR A 1 50  ? -3.779  2.899   -4.883  1.00 37.96 ? 150 TYR A N   1 
ATOM   400 C CA  . TYR A 1 50  ? -2.737  3.208   -5.813  1.00 39.70 ? 150 TYR A CA  1 
ATOM   401 C C   . TYR A 1 50  ? -1.434  3.402   -5.096  1.00 40.66 ? 150 TYR A C   1 
ATOM   402 O O   . TYR A 1 50  ? -1.406  3.914   -3.978  1.00 42.08 ? 150 TYR A O   1 
ATOM   403 C CB  . TYR A 1 50  ? -3.060  4.522   -6.630  1.00 40.30 ? 150 TYR A CB  1 
ATOM   404 C CG  . TYR A 1 50  ? -4.177  4.383   -7.671  1.00 38.72 ? 150 TYR A CG  1 
ATOM   405 C CD1 . TYR A 1 50  ? -5.477  4.345   -7.296  1.00 39.80 ? 150 TYR A CD1 1 
ATOM   406 C CD2 . TYR A 1 50  ? -3.891  4.252   -8.999  1.00 46.62 ? 150 TYR A CD2 1 
ATOM   407 C CE1 . TYR A 1 50  ? -6.491  4.222   -8.230  1.00 44.79 ? 150 TYR A CE1 1 
ATOM   408 C CE2 . TYR A 1 50  ? -4.917  4.100   -9.955  1.00 43.59 ? 150 TYR A CE2 1 
ATOM   409 C CZ  . TYR A 1 50  ? -6.157  4.118   -9.565  1.00 39.86 ? 150 TYR A CZ  1 
ATOM   410 O OH  . TYR A 1 50  ? -7.127  3.992   -10.426 1.00 42.14 ? 150 TYR A OH  1 
ATOM   411 N N   . TYR A 1 51  ? -0.333  3.061   -5.780  1.00 42.85 ? 151 TYR A N   1 
ATOM   412 C CA  . TYR A 1 51  ? 1.006   3.388   -5.311  1.00 42.02 ? 151 TYR A CA  1 
ATOM   413 C C   . TYR A 1 51  ? 1.907   3.917   -6.396  1.00 43.31 ? 151 TYR A C   1 
ATOM   414 O O   . TYR A 1 51  ? 1.842   3.462   -7.524  1.00 42.39 ? 151 TYR A O   1 
ATOM   415 C CB  . TYR A 1 51  ? 1.705   2.286   -4.518  1.00 41.31 ? 151 TYR A CB  1 
ATOM   416 C CG  . TYR A 1 51  ? 1.677   0.972   -5.213  1.00 40.77 ? 151 TYR A CG  1 
ATOM   417 C CD1 . TYR A 1 51  ? 2.725   0.590   -5.999  1.00 44.35 ? 151 TYR A CD1 1 
ATOM   418 C CD2 . TYR A 1 51  ? 0.578   0.118   -5.089  1.00 41.66 ? 151 TYR A CD2 1 
ATOM   419 C CE1 . TYR A 1 51  ? 2.697   -0.708  -6.670  1.00 40.45 ? 151 TYR A CE1 1 
ATOM   420 C CE2 . TYR A 1 51  ? 0.557   -1.152  -5.689  1.00 38.61 ? 151 TYR A CE2 1 
ATOM   421 C CZ  . TYR A 1 51  ? 1.617   -1.504  -6.527  1.00 39.39 ? 151 TYR A CZ  1 
ATOM   422 O OH  . TYR A 1 51  ? 1.537   -2.709  -7.161  1.00 44.67 ? 151 TYR A OH  1 
ATOM   423 N N   . TYR A 1 52  ? 2.747   4.888   -6.032  1.00 44.69 ? 152 TYR A N   1 
ATOM   424 C CA  . TYR A 1 52  ? 3.650   5.658   -6.971  1.00 45.11 ? 152 TYR A CA  1 
ATOM   425 C C   . TYR A 1 52  ? 5.040   5.742   -6.376  1.00 47.82 ? 152 TYR A C   1 
ATOM   426 O O   . TYR A 1 52  ? 5.234   5.586   -5.192  1.00 46.80 ? 152 TYR A O   1 
ATOM   427 C CB  . TYR A 1 52  ? 3.144   7.122   -7.168  1.00 45.25 ? 152 TYR A CB  1 
ATOM   428 C CG  . TYR A 1 52  ? 1.776   7.261   -7.747  1.00 42.25 ? 152 TYR A CG  1 
ATOM   429 C CD1 . TYR A 1 52  ? 0.668   7.074   -6.987  1.00 40.16 ? 152 TYR A CD1 1 
ATOM   430 C CD2 . TYR A 1 52  ? 1.567   7.670   -9.096  1.00 41.69 ? 152 TYR A CD2 1 
ATOM   431 C CE1 . TYR A 1 52  ? -0.604  7.257   -7.478  1.00 42.16 ? 152 TYR A CE1 1 
ATOM   432 C CE2 . TYR A 1 52  ? 0.334   7.786   -9.590  1.00 45.77 ? 152 TYR A CE2 1 
ATOM   433 C CZ  . TYR A 1 52  ? -0.757  7.654   -8.789  1.00 39.91 ? 152 TYR A CZ  1 
ATOM   434 O OH  . TYR A 1 52  ? -2.011  7.795   -9.371  1.00 43.42 ? 152 TYR A OH  1 
ATOM   435 N N   . GLY A 1 53  ? 6.043   6.051   -7.193  1.00 48.99 ? 153 GLY A N   1 
ATOM   436 C CA  . GLY A 1 53  ? 7.347   6.401   -6.679  1.00 50.76 ? 153 GLY A CA  1 
ATOM   437 C C   . GLY A 1 53  ? 7.336   7.727   -5.900  1.00 52.62 ? 153 GLY A C   1 
ATOM   438 O O   . GLY A 1 53  ? 8.038   7.883   -4.846  1.00 52.53 ? 153 GLY A O   1 
ATOM   439 N N   . SER A 1 54  ? 6.527   8.688   -6.346  1.00 53.76 ? 154 SER A N   1 
ATOM   440 C CA  . SER A 1 54  ? 6.400   9.953   -5.630  1.00 54.02 ? 154 SER A CA  1 
ATOM   441 C C   . SER A 1 54  ? 5.051   10.552  -5.859  1.00 53.75 ? 154 SER A C   1 
ATOM   442 O O   . SER A 1 54  ? 4.356   10.255  -6.816  1.00 53.61 ? 154 SER A O   1 
ATOM   443 C CB  . SER A 1 54  ? 7.452   10.973  -6.093  1.00 55.40 ? 154 SER A CB  1 
ATOM   444 O OG  . SER A 1 54  ? 6.972   11.673  -7.262  1.00 58.87 ? 154 SER A OG  1 
ATOM   445 N N   . ASP A 1 55  ? 4.700   11.512  -5.024  1.00 55.46 ? 155 ASP A N   1 
ATOM   446 C CA  . ASP A 1 55  ? 3.411   12.136  -5.113  1.00 55.39 ? 155 ASP A CA  1 
ATOM   447 C C   . ASP A 1 55  ? 3.223   13.100  -6.294  1.00 55.73 ? 155 ASP A C   1 
ATOM   448 O O   . ASP A 1 55  ? 2.173   13.708  -6.387  1.00 54.49 ? 155 ASP A O   1 
ATOM   449 C CB  . ASP A 1 55  ? 3.111   12.912  -3.849  1.00 57.84 ? 155 ASP A CB  1 
ATOM   450 C CG  . ASP A 1 55  ? 4.040   14.134  -3.631  1.00 59.08 ? 155 ASP A CG  1 
ATOM   451 O OD1 . ASP A 1 55  ? 5.237   14.107  -3.977  1.00 62.68 ? 155 ASP A OD1 1 
ATOM   452 O OD2 . ASP A 1 55  ? 3.635   15.086  -2.946  1.00 67.59 ? 155 ASP A OD2 1 
ATOM   453 N N   . LYS A 1 56  ? 4.239   13.251  -7.121  1.00 56.93 ? 156 LYS A N   1 
ATOM   454 C CA  . LYS A 1 56  ? 4.187   14.023  -8.366  1.00 58.79 ? 156 LYS A CA  1 
ATOM   455 C C   . LYS A 1 56  ? 4.310   13.207  -9.646  1.00 58.22 ? 156 LYS A C   1 
ATOM   456 O O   . LYS A 1 56  ? 4.345   13.786  -10.759 1.00 57.14 ? 156 LYS A O   1 
ATOM   457 C CB  . LYS A 1 56  ? 5.318   15.078  -8.343  1.00 60.44 ? 156 LYS A CB  1 
ATOM   458 C CG  . LYS A 1 56  ? 5.223   15.994  -7.079  1.00 65.06 ? 156 LYS A CG  1 
ATOM   459 C CD  . LYS A 1 56  ? 6.335   17.037  -7.011  1.00 73.01 ? 156 LYS A CD  1 
ATOM   460 C CE  . LYS A 1 56  ? 6.111   18.097  -5.878  1.00 76.00 ? 156 LYS A CE  1 
ATOM   461 N NZ  . LYS A 1 56  ? 7.373   18.923  -5.523  1.00 76.45 ? 156 LYS A NZ  1 
ATOM   462 N N   . ASP A 1 57  ? 4.355   11.865  -9.540  1.00 54.62 ? 157 ASP A N   1 
ATOM   463 C CA  . ASP A 1 57  ? 4.474   11.024  -10.749 1.00 53.62 ? 157 ASP A CA  1 
ATOM   464 C C   . ASP A 1 57  ? 3.282   11.105  -11.657 1.00 50.83 ? 157 ASP A C   1 
ATOM   465 O O   . ASP A 1 57  ? 2.163   11.309  -11.237 1.00 46.69 ? 157 ASP A O   1 
ATOM   466 C CB  . ASP A 1 57  ? 4.669   9.567   -10.330 1.00 54.02 ? 157 ASP A CB  1 
ATOM   467 C CG  . ASP A 1 57  ? 6.058   9.331   -9.732  1.00 59.07 ? 157 ASP A CG  1 
ATOM   468 O OD1 . ASP A 1 57  ? 6.416   8.182   -9.325  1.00 61.53 ? 157 ASP A OD1 1 
ATOM   469 O OD2 . ASP A 1 57  ? 6.877   10.297  -9.647  1.00 61.45 ? 157 ASP A OD2 1 
ATOM   470 N N   . LYS A 1 58  ? 3.500   10.864  -12.933 1.00 51.74 ? 158 LYS A N   1 
ATOM   471 C CA  . LYS A 1 58  ? 2.380   10.970  -13.876 1.00 53.10 ? 158 LYS A CA  1 
ATOM   472 C C   . LYS A 1 58  ? 1.588   9.659   -14.008 1.00 51.45 ? 158 LYS A C   1 
ATOM   473 O O   . LYS A 1 58  ? 0.452   9.618   -14.512 1.00 50.98 ? 158 LYS A O   1 
ATOM   474 C CB  . LYS A 1 58  ? 2.948   11.386  -15.239 1.00 54.57 ? 158 LYS A CB  1 
ATOM   475 C CG  . LYS A 1 58  ? 3.713   12.751  -15.231 1.00 62.33 ? 158 LYS A CG  1 
ATOM   476 C CD  . LYS A 1 58  ? 4.101   13.122  -16.745 1.00 68.92 ? 158 LYS A CD  1 
ATOM   477 C CE  . LYS A 1 58  ? 5.069   14.321  -16.938 1.00 72.75 ? 158 LYS A CE  1 
ATOM   478 N NZ  . LYS A 1 58  ? 5.712   14.212  -18.333 1.00 72.62 ? 158 LYS A NZ  1 
ATOM   479 N N   . GLN A 1 59  ? 2.235   8.577   -13.595 1.00 51.43 ? 159 GLN A N   1 
ATOM   480 C CA  . GLN A 1 59  ? 1.699   7.221   -13.750 1.00 51.63 ? 159 GLN A CA  1 
ATOM   481 C C   . GLN A 1 59  ? 2.052   6.385   -12.475 1.00 50.11 ? 159 GLN A C   1 
ATOM   482 O O   . GLN A 1 59  ? 3.143   6.497   -11.923 1.00 48.95 ? 159 GLN A O   1 
ATOM   483 C CB  . GLN A 1 59  ? 2.310   6.573   -14.980 1.00 54.46 ? 159 GLN A CB  1 
ATOM   484 C CG  . GLN A 1 59  ? 1.526   5.475   -15.450 1.00 62.73 ? 159 GLN A CG  1 
ATOM   485 C CD  . GLN A 1 59  ? 2.016   4.838   -16.676 1.00 70.75 ? 159 GLN A CD  1 
ATOM   486 O OE1 . GLN A 1 59  ? 3.203   4.977   -17.043 1.00 80.06 ? 159 GLN A OE1 1 
ATOM   487 N NE2 . GLN A 1 59  ? 1.123   4.091   -17.325 1.00 73.39 ? 159 GLN A NE2 1 
ATOM   488 N N   . GLN A 1 60  ? 1.102   5.564   -12.053 1.00 47.63 ? 160 GLN A N   1 
ATOM   489 C CA  . GLN A 1 60  ? 1.273   4.737   -10.864 1.00 45.16 ? 160 GLN A CA  1 
ATOM   490 C C   . GLN A 1 60  ? 2.208   3.597   -11.208 1.00 46.90 ? 160 GLN A C   1 
ATOM   491 O O   . GLN A 1 60  ? 2.372   3.211   -12.381 1.00 45.93 ? 160 GLN A O   1 
ATOM   492 C CB  . GLN A 1 60  ? -0.103  4.248   -10.355 1.00 44.31 ? 160 GLN A CB  1 
ATOM   493 C CG  . GLN A 1 60  ? -0.835  3.257   -11.288 1.00 44.43 ? 160 GLN A CG  1 
ATOM   494 C CD  . GLN A 1 60  ? -1.740  3.944   -12.296 1.00 48.14 ? 160 GLN A CD  1 
ATOM   495 O OE1 . GLN A 1 60  ? -1.467  5.147   -12.649 1.00 49.05 ? 160 GLN A OE1 1 
ATOM   496 N NE2 . GLN A 1 60  ? -2.766  3.219   -12.818 1.00 42.87 ? 160 GLN A NE2 1 
ATOM   497 N N   . LYS A 1 61  ? 2.917   3.109   -10.209 1.00 46.11 ? 161 LYS A N   1 
ATOM   498 C CA  . LYS A 1 61  ? 3.662   1.853   -10.341 1.00 47.98 ? 161 LYS A CA  1 
ATOM   499 C C   . LYS A 1 61  ? 2.701   0.649   -10.365 1.00 47.08 ? 161 LYS A C   1 
ATOM   500 O O   . LYS A 1 61  ? 2.978   -0.392  -11.017 1.00 45.06 ? 161 LYS A O   1 
ATOM   501 C CB  . LYS A 1 61  ? 4.612   1.739   -9.144  1.00 48.13 ? 161 LYS A CB  1 
ATOM   502 C CG  . LYS A 1 61  ? 5.652   2.837   -9.008  1.00 53.08 ? 161 LYS A CG  1 
ATOM   503 C CD  . LYS A 1 61  ? 6.932   2.330   -9.414  1.00 59.54 ? 161 LYS A CD  1 
ATOM   504 C CE  . LYS A 1 61  ? 8.132   3.230   -9.168  1.00 59.54 ? 161 LYS A CE  1 
ATOM   505 N NZ  . LYS A 1 61  ? 9.192   2.703   -10.102 1.00 56.86 ? 161 LYS A NZ  1 
ATOM   506 N N   . GLY A 1 62  ? 1.567   0.771   -9.651  1.00 44.24 ? 162 GLY A N   1 
ATOM   507 C CA  . GLY A 1 62  ? 0.539   -0.258  -9.665  1.00 42.56 ? 162 GLY A CA  1 
ATOM   508 C C   . GLY A 1 62  ? -0.624  0.150   -8.811  1.00 42.95 ? 162 GLY A C   1 
ATOM   509 O O   . GLY A 1 62  ? -0.657  1.258   -8.229  1.00 40.59 ? 162 GLY A O   1 
ATOM   510 N N   . GLU A 1 63  ? -1.623  -0.685  -8.754  1.00 41.09 ? 163 GLU A N   1 
ATOM   511 C CA  . GLU A 1 63  ? -2.807  -0.437  -7.959  1.00 42.26 ? 163 GLU A CA  1 
ATOM   512 C C   . GLU A 1 63  ? -3.598  -1.723  -7.773  1.00 40.46 ? 163 GLU A C   1 
ATOM   513 O O   . GLU A 1 63  ? -3.438  -2.642  -8.565  1.00 42.71 ? 163 GLU A O   1 
ATOM   514 C CB  . GLU A 1 63  ? -3.684  0.615   -8.614  1.00 41.44 ? 163 GLU A CB  1 
ATOM   515 C CG  . GLU A 1 63  ? -4.468  0.169   -9.794  1.00 44.97 ? 163 GLU A CG  1 
ATOM   516 C CD  . GLU A 1 63  ? -3.600  -0.208  -10.988 1.00 43.12 ? 163 GLU A CD  1 
ATOM   517 O OE1 . GLU A 1 63  ? -2.710  0.506   -11.392 1.00 45.03 ? 163 GLU A OE1 1 
ATOM   518 O OE2 . GLU A 1 63  ? -3.831  -1.262  -11.485 1.00 48.33 ? 163 GLU A OE2 1 
ATOM   519 N N   . PHE A 1 64  ? -4.429  -1.755  -6.789  1.00 40.00 ? 164 PHE A N   1 
ATOM   520 C CA  . PHE A 1 64  ? -5.379  -2.847  -6.617  1.00 41.55 ? 164 PHE A CA  1 
ATOM   521 C C   . PHE A 1 64  ? -6.625  -2.457  -5.917  1.00 41.51 ? 164 PHE A C   1 
ATOM   522 O O   . PHE A 1 64  ? -6.616  -1.630  -5.022  1.00 40.20 ? 164 PHE A O   1 
ATOM   523 C CB  . PHE A 1 64  ? -4.676  -3.958  -5.837  1.00 40.68 ? 164 PHE A CB  1 
ATOM   524 C CG  . PHE A 1 64  ? -4.081  -3.497  -4.461  1.00 37.41 ? 164 PHE A CG  1 
ATOM   525 C CD1 . PHE A 1 64  ? -4.796  -3.696  -3.325  1.00 39.27 ? 164 PHE A CD1 1 
ATOM   526 C CD2 . PHE A 1 64  ? -2.891  -2.980  -4.355  1.00 39.74 ? 164 PHE A CD2 1 
ATOM   527 C CE1 . PHE A 1 64  ? -4.308  -3.338  -2.088  1.00 38.93 ? 164 PHE A CE1 1 
ATOM   528 C CE2 . PHE A 1 64  ? -2.392  -2.592  -3.120  1.00 39.98 ? 164 PHE A CE2 1 
ATOM   529 C CZ  . PHE A 1 64  ? -3.123  -2.794  -2.007  1.00 42.45 ? 164 PHE A CZ  1 
ATOM   530 N N   . ALA A 1 65  ? -7.752  -3.057  -6.318  1.00 44.34 ? 165 ALA A N   1 
ATOM   531 C CA  . ALA A 1 65  ? -9.016  -2.862  -5.601  1.00 44.89 ? 165 ALA A CA  1 
ATOM   532 C C   . ALA A 1 65  ? -8.995  -3.616  -4.298  1.00 44.61 ? 165 ALA A C   1 
ATOM   533 O O   . ALA A 1 65  ? -8.628  -4.784  -4.320  1.00 43.22 ? 165 ALA A O   1 
ATOM   534 C CB  . ALA A 1 65  ? -10.191 -3.376  -6.479  1.00 45.71 ? 165 ALA A CB  1 
ATOM   535 N N   . ILE A 1 66  ? -9.421  -2.992  -3.197  1.00 41.81 ? 166 ILE A N   1 
ATOM   536 C CA  . ILE A 1 66  ? -9.372  -3.666  -1.923  1.00 43.41 ? 166 ILE A CA  1 
ATOM   537 C C   . ILE A 1 66  ? -10.558 -4.479  -1.644  1.00 41.99 ? 166 ILE A C   1 
ATOM   538 O O   . ILE A 1 66  ? -10.649 -5.124  -0.601  1.00 41.62 ? 166 ILE A O   1 
ATOM   539 C CB  . ILE A 1 66  ? -8.994  -2.725  -0.784  1.00 42.66 ? 166 ILE A CB  1 
ATOM   540 C CG1 . ILE A 1 66  ? -10.121 -1.775  -0.457  1.00 47.70 ? 166 ILE A CG1 1 
ATOM   541 C CG2 . ILE A 1 66  ? -7.748  -2.011  -1.188  1.00 45.44 ? 166 ILE A CG2 1 
ATOM   542 C CD1 . ILE A 1 66  ? -9.904  -0.957  0.856   1.00 48.98 ? 166 ILE A CD1 1 
ATOM   543 N N   . ASP A 1 67  ? -11.526 -4.505  -2.550  1.00 42.88 ? 167 ASP A N   1 
ATOM   544 C CA  . ASP A 1 67  ? -12.777 -5.200  -2.283  1.00 45.17 ? 167 ASP A CA  1 
ATOM   545 C C   . ASP A 1 67  ? -12.566 -6.681  -1.915  1.00 44.04 ? 167 ASP A C   1 
ATOM   546 O O   . ASP A 1 67  ? -11.956 -7.428  -2.652  1.00 45.07 ? 167 ASP A O   1 
ATOM   547 C CB  . ASP A 1 67  ? -13.745 -5.119  -3.497  1.00 45.47 ? 167 ASP A CB  1 
ATOM   548 C CG  . ASP A 1 67  ? -13.911 -3.664  -4.012  1.00 50.55 ? 167 ASP A CG  1 
ATOM   549 O OD1 . ASP A 1 67  ? -15.011 -3.201  -3.760  1.00 57.11 ? 167 ASP A OD1 1 
ATOM   550 O OD2 . ASP A 1 67  ? -13.041 -2.936  -4.644  1.00 51.12 ? 167 ASP A OD2 1 
ATOM   551 N N   . GLY A 1 68  ? -13.073 -7.048  -0.764  1.00 45.07 ? 168 GLY A N   1 
ATOM   552 C CA  . GLY A 1 68  ? -13.025 -8.396  -0.205  1.00 46.42 ? 168 GLY A CA  1 
ATOM   553 C C   . GLY A 1 68  ? -11.707 -8.739  0.519   1.00 47.14 ? 168 GLY A C   1 
ATOM   554 O O   . GLY A 1 68  ? -11.489 -9.902  0.921   1.00 44.06 ? 168 GLY A O   1 
ATOM   555 N N   . TYR A 1 69  ? -10.829 -7.740  0.701   1.00 44.55 ? 169 TYR A N   1 
ATOM   556 C CA  . TYR A 1 69  ? -9.525  -8.026  1.188   1.00 44.44 ? 169 TYR A CA  1 
ATOM   557 C C   . TYR A 1 69  ? -9.694  -7.949  2.728   1.00 46.30 ? 169 TYR A C   1 
ATOM   558 O O   . TYR A 1 69  ? -10.715 -7.507  3.261   1.00 44.51 ? 169 TYR A O   1 
ATOM   559 C CB  . TYR A 1 69  ? -8.538  -6.954  0.721   1.00 44.39 ? 169 TYR A CB  1 
ATOM   560 C CG  . TYR A 1 69  ? -7.896  -7.078  -0.599  1.00 42.04 ? 169 TYR A CG  1 
ATOM   561 C CD1 . TYR A 1 69  ? -8.593  -7.417  -1.712  1.00 44.84 ? 169 TYR A CD1 1 
ATOM   562 C CD2 . TYR A 1 69  ? -6.506  -6.907  -0.718  1.00 42.94 ? 169 TYR A CD2 1 
ATOM   563 C CE1 . TYR A 1 69  ? -7.943  -7.504  -2.958  1.00 43.96 ? 169 TYR A CE1 1 
ATOM   564 C CE2 . TYR A 1 69  ? -5.902  -7.007  -1.977  1.00 47.28 ? 169 TYR A CE2 1 
ATOM   565 C CZ  . TYR A 1 69  ? -6.621  -7.272  -3.042  1.00 42.76 ? 169 TYR A CZ  1 
ATOM   566 O OH  . TYR A 1 69  ? -6.040  -7.381  -4.315  1.00 50.92 ? 169 TYR A OH  1 
ATOM   567 N N   . ASP A 1 70  ? -8.656  -8.358  3.415   1.00 45.45 ? 170 ASP A N   1 
ATOM   568 C CA  . ASP A 1 70  ? -8.492  -8.208  4.862   1.00 45.71 ? 170 ASP A CA  1 
ATOM   569 C C   . ASP A 1 70  ? -7.239  -7.389  5.137   1.00 44.40 ? 170 ASP A C   1 
ATOM   570 O O   . ASP A 1 70  ? -6.339  -7.210  4.245   1.00 41.03 ? 170 ASP A O   1 
ATOM   571 C CB  . ASP A 1 70  ? -8.234  -9.578  5.383   1.00 47.72 ? 170 ASP A CB  1 
ATOM   572 C CG  . ASP A 1 70  ? -9.346  -10.065 6.192   1.00 59.80 ? 170 ASP A CG  1 
ATOM   573 O OD1 . ASP A 1 70  ? -10.395 -10.474 5.553   1.00 64.90 ? 170 ASP A OD1 1 
ATOM   574 O OD2 . ASP A 1 70  ? -9.255  -9.982  7.476   1.00 66.81 ? 170 ASP A OD2 1 
ATOM   575 N N   . VAL A 1 71  ? -7.167  -6.852  6.337   1.00 41.90 ? 171 VAL A N   1 
ATOM   576 C CA  . VAL A 1 71  ? -6.056  -5.985  6.757   1.00 42.19 ? 171 VAL A CA  1 
ATOM   577 C C   . VAL A 1 71  ? -5.740  -6.264  8.229   1.00 44.39 ? 171 VAL A C   1 
ATOM   578 O O   . VAL A 1 71  ? -6.717  -6.604  9.041   1.00 42.39 ? 171 VAL A O   1 
ATOM   579 C CB  . VAL A 1 71  ? -6.443  -4.452  6.540   1.00 43.36 ? 171 VAL A CB  1 
ATOM   580 C CG1 . VAL A 1 71  ? -7.625  -4.053  7.441   1.00 45.35 ? 171 VAL A CG1 1 
ATOM   581 C CG2 . VAL A 1 71  ? -5.328  -3.491  6.714   1.00 39.41 ? 171 VAL A CG2 1 
ATOM   582 N N   . ARG A 1 72  ? -4.428  -6.151  8.582   1.00 42.34 ? 172 ARG A N   1 
ATOM   583 C CA  . ARG A 1 72  ? -3.962  -6.216  9.973   1.00 43.27 ? 172 ARG A CA  1 
ATOM   584 C C   . ARG A 1 72  ? -2.628  -5.610  10.177  1.00 42.63 ? 172 ARG A C   1 
ATOM   585 O O   . ARG A 1 72  ? -1.803  -5.573  9.295   1.00 41.95 ? 172 ARG A O   1 
ATOM   586 C CB  . ARG A 1 72  ? -3.891  -7.678  10.493  1.00 45.50 ? 172 ARG A CB  1 
ATOM   587 C CG  . ARG A 1 72  ? -2.884  -8.549  9.805   1.00 43.55 ? 172 ARG A CG  1 
ATOM   588 C CD  . ARG A 1 72  ? -2.989  -10.013 10.174  1.00 45.94 ? 172 ARG A CD  1 
ATOM   589 N NE  . ARG A 1 72  ? -1.895  -10.723 9.586   1.00 44.37 ? 172 ARG A NE  1 
ATOM   590 C CZ  . ARG A 1 72  ? -1.690  -12.027 9.651   1.00 46.47 ? 172 ARG A CZ  1 
ATOM   591 N NH1 . ARG A 1 72  ? -2.496  -12.820 10.319  1.00 45.48 ? 172 ARG A NH1 1 
ATOM   592 N NH2 . ARG A 1 72  ? -0.645  -12.498 9.094   1.00 42.59 ? 172 ARG A NH2 1 
ATOM   593 N N   . MET A 1 73  ? -2.372  -5.200  11.400  1.00 42.31 ? 173 MET A N   1 
ATOM   594 C CA  . MET A 1 73  ? -1.066  -4.841  11.839  1.00 42.32 ? 173 MET A CA  1 
ATOM   595 C C   . MET A 1 73  ? -0.322  -6.141  11.899  1.00 41.61 ? 173 MET A C   1 
ATOM   596 O O   . MET A 1 73  ? -0.977  -7.162  12.031  1.00 43.61 ? 173 MET A O   1 
ATOM   597 C CB  . MET A 1 73  ? -1.128  -4.224  13.242  1.00 43.80 ? 173 MET A CB  1 
ATOM   598 C CG  . MET A 1 73  ? -1.806  -2.827  13.365  1.00 42.78 ? 173 MET A CG  1 
ATOM   599 S SD  . MET A 1 73  ? -0.929  -1.559  12.501  1.00 41.88 ? 173 MET A SD  1 
ATOM   600 C CE  . MET A 1 73  ? 0.578   -1.498  13.622  1.00 43.54 ? 173 MET A CE  1 
ATOM   601 N N   . ASN A 1 74  ? 0.999   -6.094  11.714  1.00 41.81 ? 174 ASN A N   1 
ATOM   602 C CA  . ASN A 1 74  ? 1.871   -7.296  11.776  1.00 41.84 ? 174 ASN A CA  1 
ATOM   603 C C   . ASN A 1 74  ? 3.207   -6.894  12.321  1.00 42.02 ? 174 ASN A C   1 
ATOM   604 O O   . ASN A 1 74  ? 4.017   -6.250  11.631  1.00 41.00 ? 174 ASN A O   1 
ATOM   605 C CB  . ASN A 1 74  ? 1.987   -7.983  10.425  1.00 40.49 ? 174 ASN A CB  1 
ATOM   606 C CG  . ASN A 1 74  ? 2.734   -9.365  10.488  1.00 45.28 ? 174 ASN A CG  1 
ATOM   607 O OD1 . ASN A 1 74  ? 3.658   -9.560  11.327  1.00 43.71 ? 174 ASN A OD1 1 
ATOM   608 N ND2 . ASN A 1 74  ? 2.398   -10.263 9.546   1.00 41.07 ? 174 ASN A ND2 1 
ATOM   609 N N   . ASN A 1 75  ? 3.493   -7.276  13.612  1.00 41.15 ? 175 ASN A N   1 
ATOM   610 C CA  . ASN A 1 75  ? 4.752   -6.887  14.211  1.00 41.92 ? 175 ASN A CA  1 
ATOM   611 C C   . ASN A 1 75  ? 5.906   -7.882  13.946  1.00 44.23 ? 175 ASN A C   1 
ATOM   612 O O   . ASN A 1 75  ? 6.929   -7.831  14.624  1.00 44.57 ? 175 ASN A O   1 
ATOM   613 C CB  . ASN A 1 75  ? 4.589   -6.573  15.711  1.00 43.23 ? 175 ASN A CB  1 
ATOM   614 C CG  . ASN A 1 75  ? 4.179   -7.716  16.499  1.00 43.22 ? 175 ASN A CG  1 
ATOM   615 O OD1 . ASN A 1 75  ? 4.075   -8.808  15.992  1.00 42.19 ? 175 ASN A OD1 1 
ATOM   616 N ND2 . ASN A 1 75  ? 3.904   -7.467  17.850  1.00 43.27 ? 175 ASN A ND2 1 
ATOM   617 N N   . THR A 1 76  ? 5.781   -8.698  12.906  1.00 44.07 ? 176 THR A N   1 
ATOM   618 C CA  . THR A 1 76  ? 6.799   -9.732  12.598  1.00 46.73 ? 176 THR A CA  1 
ATOM   619 C C   . THR A 1 76  ? 7.521   -9.510  11.251  1.00 50.16 ? 176 THR A C   1 
ATOM   620 O O   . THR A 1 76  ? 8.302   -10.343 10.818  1.00 51.25 ? 176 THR A O   1 
ATOM   621 C CB  . THR A 1 76  ? 6.251   -11.087 12.628  1.00 43.47 ? 176 THR A CB  1 
ATOM   622 O OG1 . THR A 1 76  ? 5.392   -11.364 11.522  1.00 47.48 ? 176 THR A OG1 1 
ATOM   623 C CG2 . THR A 1 76  ? 5.493   -11.354 13.887  1.00 47.69 ? 176 THR A CG2 1 
ATOM   624 N N   . LEU A 1 77  ? 7.164   -8.425  10.548  1.00 51.32 ? 177 LEU A N   1 
ATOM   625 C CA  . LEU A 1 77  ? 7.576   -8.285  9.134   1.00 51.67 ? 177 LEU A CA  1 
ATOM   626 C C   . LEU A 1 77  ? 8.923   -7.678  9.105   1.00 54.89 ? 177 LEU A C   1 
ATOM   627 O O   . LEU A 1 77  ? 9.627   -7.869  8.151   1.00 53.19 ? 177 LEU A O   1 
ATOM   628 C CB  . LEU A 1 77  ? 6.621   -7.430  8.353   1.00 51.75 ? 177 LEU A CB  1 
ATOM   629 C CG  . LEU A 1 77  ? 5.205   -7.957  8.284   1.00 48.55 ? 177 LEU A CG  1 
ATOM   630 C CD1 . LEU A 1 77  ? 4.227   -6.930  7.493   1.00 47.07 ? 177 LEU A CD1 1 
ATOM   631 C CD2 . LEU A 1 77  ? 5.300   -9.339  7.722   1.00 50.42 ? 177 LEU A CD2 1 
ATOM   632 N N   . ARG A 1 78  ? 9.302   -6.956  10.143  1.00 58.28 ? 178 ARG A N   1 
ATOM   633 C CA  . ARG A 1 78  ? 10.710  -6.646  10.296  1.00 64.46 ? 178 ARG A CA  1 
ATOM   634 C C   . ARG A 1 78  ? 11.192  -6.734  11.766  1.00 69.18 ? 178 ARG A C   1 
ATOM   635 O O   . ARG A 1 78  ? 10.373  -6.619  12.677  1.00 68.96 ? 178 ARG A O   1 
ATOM   636 C CB  . ARG A 1 78  ? 11.054  -5.276  9.718   1.00 64.33 ? 178 ARG A CB  1 
ATOM   637 C CG  . ARG A 1 78  ? 10.080  -4.185  9.885   1.00 65.92 ? 178 ARG A CG  1 
ATOM   638 C CD  . ARG A 1 78  ? 10.053  -3.193  8.609   1.00 66.77 ? 178 ARG A CD  1 
ATOM   639 N NE  . ARG A 1 78  ? 11.316  -2.478  8.507   1.00 60.53 ? 178 ARG A NE  1 
ATOM   640 C CZ  . ARG A 1 78  ? 11.631  -1.465  7.735   1.00 58.39 ? 178 ARG A CZ  1 
ATOM   641 N NH1 . ARG A 1 78  ? 10.815  -0.852  6.833   1.00 49.51 ? 178 ARG A NH1 1 
ATOM   642 N NH2 . ARG A 1 78  ? 12.854  -1.005  7.902   1.00 57.42 ? 178 ARG A NH2 1 
ATOM   643 N N   . LYS A 1 79  ? 12.514  -6.894  11.966  1.00 74.50 ? 179 LYS A N   1 
ATOM   644 C CA  . LYS A 1 79  ? 13.167  -6.895  13.324  1.00 78.47 ? 179 LYS A CA  1 
ATOM   645 C C   . LYS A 1 79  ? 13.644  -5.500  13.832  1.00 80.14 ? 179 LYS A C   1 
ATOM   646 O O   . LYS A 1 79  ? 13.785  -5.271  15.046  1.00 82.22 ? 179 LYS A O   1 
ATOM   647 C CB  . LYS A 1 79  ? 14.381  -7.841  13.346  1.00 80.09 ? 179 LYS A CB  1 
ATOM   648 C CG  . LYS A 1 79  ? 14.156  -9.312  12.857  1.00 85.08 ? 179 LYS A CG  1 
ATOM   649 C CD  . LYS A 1 79  ? 15.346  -9.815  11.949  1.00 91.43 ? 179 LYS A CD  1 
ATOM   650 C CE  . LYS A 1 79  ? 15.165  -11.271 11.362  1.00 93.61 ? 179 LYS A CE  1 
ATOM   651 N NZ  . LYS A 1 79  ? 15.826  -11.467 10.001  1.00 95.33 ? 179 LYS A NZ  1 
ATOM   652 N N   . ASP A 1 80  ? 13.853  -4.564  12.906  1.00 81.27 ? 180 ASP A N   1 
ATOM   653 C CA  . ASP A 1 80  ? 14.401  -3.228  13.189  1.00 81.61 ? 180 ASP A CA  1 
ATOM   654 C C   . ASP A 1 80  ? 13.392  -2.485  14.077  1.00 79.61 ? 180 ASP A C   1 
ATOM   655 O O   . ASP A 1 80  ? 12.214  -2.837  14.038  1.00 81.09 ? 180 ASP A O   1 
ATOM   656 C CB  . ASP A 1 80  ? 14.608  -2.371  11.874  1.00 82.76 ? 180 ASP A CB  1 
ATOM   657 C CG  . ASP A 1 80  ? 14.763  -3.219  10.539  1.00 86.90 ? 180 ASP A CG  1 
ATOM   658 O OD1 . ASP A 1 80  ? 14.323  -4.413  10.386  1.00 91.95 ? 180 ASP A OD1 1 
ATOM   659 O OD2 . ASP A 1 80  ? 15.344  -2.730  9.532   1.00 91.14 ? 180 ASP A OD2 1 
ATOM   660 N N   . GLY A 1 81  ? 13.818  -1.421  14.787  1.00 76.47 ? 181 GLY A N   1 
ATOM   661 C CA  . GLY A 1 81  ? 12.895  -0.486  15.471  1.00 74.04 ? 181 GLY A CA  1 
ATOM   662 C C   . GLY A 1 81  ? 11.580  -0.015  14.800  1.00 70.49 ? 181 GLY A C   1 
ATOM   663 O O   . GLY A 1 81  ? 10.821  0.750   15.405  1.00 70.93 ? 181 GLY A O   1 
ATOM   664 N N   . LYS A 1 82  ? 11.333  -0.426  13.558  1.00 65.83 ? 182 LYS A N   1 
ATOM   665 C CA  . LYS A 1 82  ? 10.048  -0.205  12.851  1.00 62.52 ? 182 LYS A CA  1 
ATOM   666 C C   . LYS A 1 82  ? 9.058   -1.400  12.932  1.00 59.63 ? 182 LYS A C   1 
ATOM   667 O O   . LYS A 1 82  ? 8.068   -1.430  12.249  1.00 54.34 ? 182 LYS A O   1 
ATOM   668 C CB  . LYS A 1 82  ? 10.338  0.172   11.376  1.00 62.16 ? 182 LYS A CB  1 
ATOM   669 C CG  . LYS A 1 82  ? 11.151  1.468   11.234  1.00 67.32 ? 182 LYS A CG  1 
ATOM   670 C CD  . LYS A 1 82  ? 11.979  1.513   9.915   1.00 71.63 ? 182 LYS A CD  1 
ATOM   671 C CE  . LYS A 1 82  ? 12.962  2.737   9.781   1.00 73.82 ? 182 LYS A CE  1 
ATOM   672 N NZ  . LYS A 1 82  ? 13.602  2.832   8.399   1.00 67.76 ? 182 LYS A NZ  1 
ATOM   673 N N   . LYS A 1 83  ? 9.257   -2.315  13.871  1.00 57.73 ? 183 LYS A N   1 
ATOM   674 C CA  . LYS A 1 83  ? 8.417   -3.535  13.979  1.00 58.98 ? 183 LYS A CA  1 
ATOM   675 C C   . LYS A 1 83  ? 6.983   -3.278  14.265  1.00 55.76 ? 183 LYS A C   1 
ATOM   676 O O   . LYS A 1 83  ? 6.141   -4.010  13.801  1.00 55.34 ? 183 LYS A O   1 
ATOM   677 C CB  . LYS A 1 83  ? 8.931   -4.489  15.085  1.00 60.33 ? 183 LYS A CB  1 
ATOM   678 C CG  . LYS A 1 83  ? 9.086   -3.851  16.457  1.00 64.33 ? 183 LYS A CG  1 
ATOM   679 C CD  . LYS A 1 83  ? 9.938   -4.752  17.484  1.00 71.25 ? 183 LYS A CD  1 
ATOM   680 C CE  . LYS A 1 83  ? 10.534  -3.937  18.711  1.00 75.15 ? 183 LYS A CE  1 
ATOM   681 N NZ  . LYS A 1 83  ? 9.606   -3.573  19.867  1.00 76.97 ? 183 LYS A NZ  1 
ATOM   682 N N   . ASP A 1 84  ? 6.707   -2.216  15.012  1.00 54.45 ? 184 ASP A N   1 
ATOM   683 C CA  . ASP A 1 84  ? 5.351   -1.795  15.357  1.00 55.07 ? 184 ASP A CA  1 
ATOM   684 C C   . ASP A 1 84  ? 4.766   -0.791  14.394  1.00 51.79 ? 184 ASP A C   1 
ATOM   685 O O   . ASP A 1 84  ? 3.706   -0.253  14.657  1.00 48.69 ? 184 ASP A O   1 
ATOM   686 C CB  . ASP A 1 84  ? 5.308   -1.202  16.797  1.00 57.30 ? 184 ASP A CB  1 
ATOM   687 C CG  . ASP A 1 84  ? 5.831   -2.175  17.823  1.00 64.46 ? 184 ASP A CG  1 
ATOM   688 O OD1 . ASP A 1 84  ? 5.320   -3.340  17.789  1.00 70.09 ? 184 ASP A OD1 1 
ATOM   689 O OD2 . ASP A 1 84  ? 6.770   -1.870  18.655  1.00 71.56 ? 184 ASP A OD2 1 
ATOM   690 N N   . CYS A 1 85  ? 5.420   -0.594  13.245  1.00 48.45 ? 185 CYS A N   1 
ATOM   691 C CA  . CYS A 1 85  ? 4.931   0.344   12.241  1.00 45.85 ? 185 CYS A CA  1 
ATOM   692 C C   . CYS A 1 85  ? 4.427   -0.352  10.981  1.00 44.13 ? 185 CYS A C   1 
ATOM   693 O O   . CYS A 1 85  ? 4.189   0.302   9.982   1.00 42.86 ? 185 CYS A O   1 
ATOM   694 C CB  . CYS A 1 85  ? 6.056   1.240   11.790  1.00 47.48 ? 185 CYS A CB  1 
ATOM   695 S SG  . CYS A 1 85  ? 6.773   2.249   13.128  1.00 48.82 ? 185 CYS A SG  1 
ATOM   696 N N   . CYS A 1 86  ? 4.270   -1.655  11.035  1.00 42.59 ? 186 CYS A N   1 
ATOM   697 C CA  . CYS A 1 86  ? 3.968   -2.470  9.795   1.00 41.85 ? 186 CYS A CA  1 
ATOM   698 C C   . CYS A 1 86  ? 2.602   -3.092  9.820   1.00 39.78 ? 186 CYS A C   1 
ATOM   699 O O   . CYS A 1 86  ? 2.091   -3.475  10.858  1.00 38.42 ? 186 CYS A O   1 
ATOM   700 C CB  . CYS A 1 86  ? 4.976   -3.622  9.648   1.00 43.72 ? 186 CYS A CB  1 
ATOM   701 S SG  . CYS A 1 86  ? 6.687   -3.103  9.591   1.00 49.47 ? 186 CYS A SG  1 
ATOM   702 N N   . PHE A 1 87  ? 1.974   -3.155  8.640   1.00 36.92 ? 187 PHE A N   1 
ATOM   703 C CA  . PHE A 1 87  ? 0.664   -3.718  8.458   1.00 35.90 ? 187 PHE A CA  1 
ATOM   704 C C   . PHE A 1 87  ? 0.661   -4.358  7.035   1.00 36.17 ? 187 PHE A C   1 
ATOM   705 O O   . PHE A 1 87  ? 1.568   -4.114  6.230   1.00 38.33 ? 187 PHE A O   1 
ATOM   706 C CB  . PHE A 1 87  ? -0.462  -2.643  8.620   1.00 35.73 ? 187 PHE A CB  1 
ATOM   707 C CG  . PHE A 1 87  ? -0.523  -1.568  7.507   1.00 35.86 ? 187 PHE A CG  1 
ATOM   708 C CD1 . PHE A 1 87  ? -1.392  -1.763  6.436   1.00 40.64 ? 187 PHE A CD1 1 
ATOM   709 C CD2 . PHE A 1 87  ? 0.264   -0.419  7.578   1.00 39.26 ? 187 PHE A CD2 1 
ATOM   710 C CE1 . PHE A 1 87  ? -1.506  -0.808  5.436   1.00 43.00 ? 187 PHE A CE1 1 
ATOM   711 C CE2 . PHE A 1 87  ? 0.191   0.572   6.616   1.00 40.73 ? 187 PHE A CE2 1 
ATOM   712 C CZ  . PHE A 1 87  ? -0.726  0.384   5.524   1.00 39.53 ? 187 PHE A CZ  1 
ATOM   713 N N   . GLU A 1 88  ? -0.320  -5.193  6.811   1.00 36.60 ? 188 GLU A N   1 
ATOM   714 C CA  . GLU A 1 88  ? -0.523  -5.817  5.529   1.00 35.47 ? 188 GLU A CA  1 
ATOM   715 C C   . GLU A 1 88  ? -1.972  -5.830  5.118   1.00 36.81 ? 188 GLU A C   1 
ATOM   716 O O   . GLU A 1 88  ? -2.883  -5.830  5.951   1.00 37.06 ? 188 GLU A O   1 
ATOM   717 C CB  . GLU A 1 88  ? 0.024   -7.205  5.485   1.00 37.39 ? 188 GLU A CB  1 
ATOM   718 C CG  . GLU A 1 88  ? -0.495  -8.074  6.513   1.00 39.00 ? 188 GLU A CG  1 
ATOM   719 C CD  . GLU A 1 88  ? 0.389   -9.304  6.828   1.00 45.35 ? 188 GLU A CD  1 
ATOM   720 O OE1 . GLU A 1 88  ? 0.108   -9.919  7.859   1.00 43.86 ? 188 GLU A OE1 1 
ATOM   721 O OE2 . GLU A 1 88  ? 1.244   -9.663  6.064   1.00 41.31 ? 188 GLU A OE2 1 
ATOM   722 N N   . ILE A 1 89  ? -2.168  -5.925  3.790   1.00 35.64 ? 189 ILE A N   1 
ATOM   723 C CA  . ILE A 1 89  ? -3.506  -6.008  3.189   1.00 37.12 ? 189 ILE A CA  1 
ATOM   724 C C   . ILE A 1 89  ? -3.472  -7.259  2.418   1.00 38.47 ? 189 ILE A C   1 
ATOM   725 O O   . ILE A 1 89  ? -2.579  -7.417  1.562   1.00 39.85 ? 189 ILE A O   1 
ATOM   726 C CB  . ILE A 1 89  ? -3.778  -4.819  2.235   1.00 35.94 ? 189 ILE A CB  1 
ATOM   727 C CG1 . ILE A 1 89  ? -3.269  -3.498  2.832   1.00 40.05 ? 189 ILE A CG1 1 
ATOM   728 C CG2 . ILE A 1 89  ? -5.294  -4.701  2.175   1.00 42.16 ? 189 ILE A CG2 1 
ATOM   729 C CD1 . ILE A 1 89  ? -3.424  -2.214  1.971   1.00 39.54 ? 189 ILE A CD1 1 
ATOM   730 N N   . CYS A 1 90  ? -4.399  -8.180  2.724   1.00 38.75 ? 190 CYS A N   1 
ATOM   731 C CA  . CYS A 1 90  ? -4.421  -9.567  2.194   1.00 41.17 ? 190 CYS A CA  1 
ATOM   732 C C   . CYS A 1 90  ? -5.555  -9.742  1.271   1.00 39.93 ? 190 CYS A C   1 
ATOM   733 O O   . CYS A 1 90  ? -6.718  -9.494  1.638   1.00 39.96 ? 190 CYS A O   1 
ATOM   734 C CB  . CYS A 1 90  ? -4.564  -10.610 3.342   1.00 42.19 ? 190 CYS A CB  1 
ATOM   735 S SG  . CYS A 1 90  ? -3.282  -10.178 4.637   1.00 50.68 ? 190 CYS A SG  1 
ATOM   736 N N   . ALA A 1 91  ? -5.264  -10.226 0.104   1.00 40.91 ? 191 ALA A N   1 
ATOM   737 C CA  . ALA A 1 91  ? -6.339  -10.480 -0.953  1.00 38.76 ? 191 ALA A CA  1 
ATOM   738 C C   . ALA A 1 91  ? -6.997  -11.849 -0.830  1.00 41.43 ? 191 ALA A C   1 
ATOM   739 O O   . ALA A 1 91  ? -6.413  -12.743 -0.246  1.00 40.54 ? 191 ALA A O   1 
ATOM   740 C CB  . ALA A 1 91  ? -5.656  -10.383 -2.351  1.00 38.98 ? 191 ALA A CB  1 
ATOM   741 N N   . PRO A 1 92  ? -8.206  -12.030 -1.388  1.00 40.97 ? 192 PRO A N   1 
ATOM   742 C CA  . PRO A 1 92  ? -8.860  -13.362 -1.458  1.00 44.21 ? 192 PRO A CA  1 
ATOM   743 C C   . PRO A 1 92  ? -8.021  -14.448 -2.101  1.00 46.09 ? 192 PRO A C   1 
ATOM   744 O O   . PRO A 1 92  ? -8.220  -15.605 -1.822  1.00 46.65 ? 192 PRO A O   1 
ATOM   745 C CB  . PRO A 1 92  ? -10.164 -13.100 -2.221  1.00 43.20 ? 192 PRO A CB  1 
ATOM   746 C CG  . PRO A 1 92  ? -10.421 -11.649 -2.068  1.00 43.68 ? 192 PRO A CG  1 
ATOM   747 C CD  . PRO A 1 92  ? -9.029  -10.963 -1.953  1.00 41.23 ? 192 PRO A CD  1 
ATOM   748 N N   . ASP A 1 93  ? -7.093  -14.092 -2.961  1.00 45.87 ? 193 ASP A N   1 
ATOM   749 C CA  . ASP A 1 93  ? -6.180  -15.013 -3.561  1.00 47.28 ? 193 ASP A CA  1 
ATOM   750 C C   . ASP A 1 93  ? -4.846  -15.163 -2.848  1.00 47.50 ? 193 ASP A C   1 
ATOM   751 O O   . ASP A 1 93  ? -3.914  -15.811 -3.375  1.00 49.30 ? 193 ASP A O   1 
ATOM   752 C CB  . ASP A 1 93  ? -5.978  -14.664 -5.043  1.00 48.80 ? 193 ASP A CB  1 
ATOM   753 C CG  . ASP A 1 93  ? -5.345  -13.261 -5.254  1.00 47.67 ? 193 ASP A CG  1 
ATOM   754 O OD1 . ASP A 1 93  ? -4.936  -12.916 -6.384  1.00 47.76 ? 193 ASP A OD1 1 
ATOM   755 O OD2 . ASP A 1 93  ? -5.089  -12.488 -4.326  1.00 46.82 ? 193 ASP A OD2 1 
ATOM   756 N N   . LYS A 1 94  ? -4.811  -14.724 -1.602  1.00 47.01 ? 194 LYS A N   1 
ATOM   757 C CA  . LYS A 1 94  ? -3.629  -14.751 -0.726  1.00 47.48 ? 194 LYS A CA  1 
ATOM   758 C C   . LYS A 1 94  ? -2.462  -13.958 -1.214  1.00 45.29 ? 194 LYS A C   1 
ATOM   759 O O   . LYS A 1 94  ? -1.393  -14.123 -0.699  1.00 44.34 ? 194 LYS A O   1 
ATOM   760 C CB  . LYS A 1 94  ? -3.111  -16.215 -0.504  1.00 49.06 ? 194 LYS A CB  1 
ATOM   761 C CG  . LYS A 1 94  ? -4.113  -17.236 -0.281  1.00 59.82 ? 194 LYS A CG  1 
ATOM   762 C CD  . LYS A 1 94  ? -4.940  -17.038 0.944   1.00 65.99 ? 194 LYS A CD  1 
ATOM   763 C CE  . LYS A 1 94  ? -5.606  -18.420 1.354   1.00 71.96 ? 194 LYS A CE  1 
ATOM   764 N NZ  . LYS A 1 94  ? -5.793  -18.653 2.844   1.00 72.71 ? 194 LYS A NZ  1 
ATOM   765 N N   . ARG A 1 95  ? -2.594  -13.110 -2.224  1.00 43.45 ? 195 ARG A N   1 
ATOM   766 C CA  . ARG A 1 95  ? -1.582  -12.108 -2.449  1.00 41.29 ? 195 ARG A CA  1 
ATOM   767 C C   . ARG A 1 95  ? -1.629  -11.167 -1.228  1.00 41.17 ? 195 ARG A C   1 
ATOM   768 O O   . ARG A 1 95  ? -2.716  -10.905 -0.657  1.00 40.78 ? 195 ARG A O   1 
ATOM   769 C CB  . ARG A 1 95  ? -1.833  -11.226 -3.703  1.00 42.07 ? 195 ARG A CB  1 
ATOM   770 C CG  . ARG A 1 95  ? -1.735  -11.904 -4.970  1.00 46.77 ? 195 ARG A CG  1 
ATOM   771 C CD  . ARG A 1 95  ? -2.060  -10.961 -6.147  1.00 53.81 ? 195 ARG A CD  1 
ATOM   772 N NE  . ARG A 1 95  ? -1.608  -11.470 -7.416  1.00 60.52 ? 195 ARG A NE  1 
ATOM   773 C CZ  . ARG A 1 95  ? -2.374  -11.688 -8.520  1.00 61.84 ? 195 ARG A CZ  1 
ATOM   774 N NH1 . ARG A 1 95  ? -3.696  -11.442 -8.528  1.00 60.33 ? 195 ARG A NH1 1 
ATOM   775 N NH2 . ARG A 1 95  ? -1.790  -12.199 -9.623  1.00 57.28 ? 195 ARG A NH2 1 
ATOM   776 N N   . ILE A 1 96  ? -0.459  -10.643 -0.868  1.00 39.27 ? 196 ILE A N   1 
ATOM   777 C CA  . ILE A 1 96  ? -0.323  -9.710  0.259   1.00 37.87 ? 196 ILE A CA  1 
ATOM   778 C C   . ILE A 1 96  ? 0.477   -8.532  -0.121  1.00 37.56 ? 196 ILE A C   1 
ATOM   779 O O   . ILE A 1 96  ? 1.548   -8.685  -0.701  1.00 36.80 ? 196 ILE A O   1 
ATOM   780 C CB  . ILE A 1 96  ? 0.334   -10.397 1.509   1.00 39.82 ? 196 ILE A CB  1 
ATOM   781 C CG1 . ILE A 1 96  ? -0.351  -11.730 1.867   1.00 41.22 ? 196 ILE A CG1 1 
ATOM   782 C CG2 . ILE A 1 96  ? 0.107   -9.547  2.698   1.00 38.57 ? 196 ILE A CG2 1 
ATOM   783 C CD1 . ILE A 1 96  ? 0.458   -12.532 2.898   1.00 47.71 ? 196 ILE A CD1 1 
ATOM   784 N N   . TYR A 1 97  ? 0.002   -7.311  0.228   1.00 35.67 ? 197 TYR A N   1 
ATOM   785 C CA  . TYR A 1 97  ? 0.811   -6.151  0.147   1.00 36.84 ? 197 TYR A CA  1 
ATOM   786 C C   . TYR A 1 97  ? 1.230   -5.718  1.556   1.00 34.99 ? 197 TYR A C   1 
ATOM   787 O O   . TYR A 1 97  ? 0.356   -5.508  2.420   1.00 36.37 ? 197 TYR A O   1 
ATOM   788 C CB  . TYR A 1 97  ? 0.028   -5.012  -0.521  1.00 37.27 ? 197 TYR A CB  1 
ATOM   789 C CG  . TYR A 1 97  ? -0.362  -5.319  -1.944  1.00 35.79 ? 197 TYR A CG  1 
ATOM   790 C CD1 . TYR A 1 97  ? -1.465  -6.079  -2.205  1.00 36.83 ? 197 TYR A CD1 1 
ATOM   791 C CD2 . TYR A 1 97  ? 0.293   -4.722  -2.965  1.00 38.45 ? 197 TYR A CD2 1 
ATOM   792 C CE1 . TYR A 1 97  ? -1.882  -6.344  -3.536  1.00 41.00 ? 197 TYR A CE1 1 
ATOM   793 C CE2 . TYR A 1 97  ? -0.048  -5.031  -4.352  1.00 39.48 ? 197 TYR A CE2 1 
ATOM   794 C CZ  . TYR A 1 97  ? -1.160  -5.795  -4.579  1.00 41.24 ? 197 TYR A CZ  1 
ATOM   795 O OH  . TYR A 1 97  ? -1.552  -5.989  -5.896  1.00 40.51 ? 197 TYR A OH  1 
ATOM   796 N N   . GLN A 1 98  ? 2.510   -5.579  1.787   1.00 33.68 ? 198 GLN A N   1 
ATOM   797 C CA  . GLN A 1 98  ? 3.005   -5.336  3.146   1.00 34.03 ? 198 GLN A CA  1 
ATOM   798 C C   . GLN A 1 98  ? 3.669   -4.005  3.203   1.00 33.94 ? 198 GLN A C   1 
ATOM   799 O O   . GLN A 1 98  ? 4.468   -3.628  2.294   1.00 36.58 ? 198 GLN A O   1 
ATOM   800 C CB  . GLN A 1 98  ? 4.025   -6.475  3.495   1.00 35.87 ? 198 GLN A CB  1 
ATOM   801 C CG  . GLN A 1 98  ? 3.352   -7.809  3.557   1.00 35.28 ? 198 GLN A CG  1 
ATOM   802 C CD  . GLN A 1 98  ? 4.332   -9.009  3.766   1.00 42.22 ? 198 GLN A CD  1 
ATOM   803 O OE1 . GLN A 1 98  ? 5.447   -8.963  3.261   1.00 42.30 ? 198 GLN A OE1 1 
ATOM   804 N NE2 . GLN A 1 98  ? 3.883   -10.031 4.487   1.00 38.85 ? 198 GLN A NE2 1 
ATOM   805 N N   . PHE A 1 99  ? 3.374   -3.209  4.251   1.00 34.06 ? 199 PHE A N   1 
ATOM   806 C CA  . PHE A 1 99  ? 3.730   -1.828  4.340   1.00 35.48 ? 199 PHE A CA  1 
ATOM   807 C C   . PHE A 1 99  ? 4.366   -1.484  5.676   1.00 36.70 ? 199 PHE A C   1 
ATOM   808 O O   . PHE A 1 99  ? 3.929   -2.064  6.695   1.00 38.00 ? 199 PHE A O   1 
ATOM   809 C CB  . PHE A 1 99  ? 2.479   -0.929  4.165   1.00 34.76 ? 199 PHE A CB  1 
ATOM   810 C CG  . PHE A 1 99  ? 1.924   -1.017  2.803   1.00 32.88 ? 199 PHE A CG  1 
ATOM   811 C CD1 . PHE A 1 99  ? 0.864   -1.818  2.621   1.00 38.63 ? 199 PHE A CD1 1 
ATOM   812 C CD2 . PHE A 1 99  ? 2.479   -0.371  1.734   1.00 38.41 ? 199 PHE A CD2 1 
ATOM   813 C CE1 . PHE A 1 99  ? 0.256   -1.962  1.360   1.00 32.51 ? 199 PHE A CE1 1 
ATOM   814 C CE2 . PHE A 1 99  ? 1.880   -0.541  0.464   1.00 34.76 ? 199 PHE A CE2 1 
ATOM   815 C CZ  . PHE A 1 99  ? 0.756   -1.389  0.364   1.00 34.66 ? 199 PHE A CZ  1 
ATOM   816 N N   . THR A 1 100 ? 5.238   -0.498  5.650   1.00 38.56 ? 200 THR A N   1 
ATOM   817 C CA  . THR A 1 100 ? 5.769   0.134   6.881   1.00 38.82 ? 200 THR A CA  1 
ATOM   818 C C   . THR A 1 100 ? 5.387   1.614   6.846   1.00 39.26 ? 200 THR A C   1 
ATOM   819 O O   . THR A 1 100 ? 5.580   2.283   5.796   1.00 38.66 ? 200 THR A O   1 
ATOM   820 C CB  . THR A 1 100 ? 7.341   0.070   6.895   1.00 39.37 ? 200 THR A CB  1 
ATOM   821 O OG1 . THR A 1 100 ? 7.812   -1.288  6.919   1.00 37.46 ? 200 THR A OG1 1 
ATOM   822 C CG2 . THR A 1 100 ? 7.850   0.665   8.252   1.00 44.59 ? 200 THR A CG2 1 
ATOM   823 N N   . ALA A 1 101 ? 4.840   2.140   7.949   1.00 39.83 ? 201 ALA A N   1 
ATOM   824 C CA  . ALA A 1 101 ? 4.475   3.565   8.053   1.00 40.50 ? 201 ALA A CA  1 
ATOM   825 C C   . ALA A 1 101 ? 5.517   4.282   8.962   1.00 42.70 ? 201 ALA A C   1 
ATOM   826 O O   . ALA A 1 101 ? 6.394   3.632   9.478   1.00 43.54 ? 201 ALA A O   1 
ATOM   827 C CB  . ALA A 1 101 ? 3.100   3.685   8.608   1.00 40.64 ? 201 ALA A CB  1 
ATOM   828 N N   . ALA A 1 102 ? 5.443   5.610   9.015   1.00 45.81 ? 202 ALA A N   1 
ATOM   829 C CA  . ALA A 1 102 ? 6.467   6.427   9.731   1.00 47.59 ? 202 ALA A CA  1 
ATOM   830 C C   . ALA A 1 102 ? 6.395   6.161   11.211  1.00 48.49 ? 202 ALA A C   1 
ATOM   831 O O   . ALA A 1 102 ? 7.429   6.333   11.892  1.00 53.44 ? 202 ALA A O   1 
ATOM   832 C CB  . ALA A 1 102 ? 6.234   7.789   9.498   1.00 47.65 ? 202 ALA A CB  1 
ATOM   833 N N   . SER A 1 103 ? 5.242   5.678   11.723  1.00 48.29 ? 203 SER A N   1 
ATOM   834 C CA  . SER A 1 103 ? 5.071   5.464   13.167  1.00 48.35 ? 203 SER A CA  1 
ATOM   835 C C   . SER A 1 103 ? 3.967   4.489   13.463  1.00 49.11 ? 203 SER A C   1 
ATOM   836 O O   . SER A 1 103 ? 3.136   4.274   12.576  1.00 43.82 ? 203 SER A O   1 
ATOM   837 C CB  . SER A 1 103 ? 4.740   6.778   13.853  1.00 49.15 ? 203 SER A CB  1 
ATOM   838 O OG  . SER A 1 103 ? 3.438   7.206   13.580  1.00 44.79 ? 203 SER A OG  1 
ATOM   839 N N   . PRO A 1 104 ? 3.920   3.953   14.685  1.00 49.42 ? 204 PRO A N   1 
ATOM   840 C CA  . PRO A 1 104 ? 2.813   3.061   15.032  1.00 50.94 ? 204 PRO A CA  1 
ATOM   841 C C   . PRO A 1 104 ? 1.436   3.718   14.868  1.00 50.81 ? 204 PRO A C   1 
ATOM   842 O O   . PRO A 1 104 ? 0.520   3.089   14.320  1.00 50.13 ? 204 PRO A O   1 
ATOM   843 C CB  . PRO A 1 104 ? 3.126   2.586   16.475  1.00 50.74 ? 204 PRO A CB  1 
ATOM   844 C CG  . PRO A 1 104 ? 4.612   2.788   16.595  1.00 50.67 ? 204 PRO A CG  1 
ATOM   845 C CD  . PRO A 1 104 ? 4.952   4.017   15.761  1.00 50.62 ? 204 PRO A CD  1 
ATOM   846 N N   . LYS A 1 105 ? 1.308   4.976   15.257  1.00 50.73 ? 205 LYS A N   1 
ATOM   847 C CA  . LYS A 1 105 ? 0.060   5.684   15.039  1.00 53.13 ? 205 LYS A CA  1 
ATOM   848 C C   . LYS A 1 105 ? -0.333  5.776   13.547  1.00 51.94 ? 205 LYS A C   1 
ATOM   849 O O   . LYS A 1 105 ? -1.463  5.572   13.213  1.00 50.78 ? 205 LYS A O   1 
ATOM   850 C CB  . LYS A 1 105 ? 0.139   7.114   15.628  1.00 54.54 ? 205 LYS A CB  1 
ATOM   851 C CG  . LYS A 1 105 ? -1.208  7.863   15.626  1.00 61.75 ? 205 LYS A CG  1 
ATOM   852 C CD  . LYS A 1 105 ? -1.006  9.419   15.649  1.00 72.35 ? 205 LYS A CD  1 
ATOM   853 C CE  . LYS A 1 105 ? -0.631  9.995   14.219  1.00 78.11 ? 205 LYS A CE  1 
ATOM   854 N NZ  . LYS A 1 105 ? -0.499  11.512  14.070  1.00 78.44 ? 205 LYS A NZ  1 
ATOM   855 N N   . ASP A 1 106 ? 0.639   6.085   12.672  1.00 51.17 ? 206 ASP A N   1 
ATOM   856 C CA  . ASP A 1 106 ? 0.368   6.225   11.234  1.00 49.82 ? 206 ASP A CA  1 
ATOM   857 C C   . ASP A 1 106 ? -0.081  4.921   10.669  1.00 46.85 ? 206 ASP A C   1 
ATOM   858 O O   . ASP A 1 106 ? -1.019  4.889   9.948   1.00 43.69 ? 206 ASP A O   1 
ATOM   859 C CB  . ASP A 1 106 ? 1.571   6.735   10.483  1.00 51.00 ? 206 ASP A CB  1 
ATOM   860 C CG  . ASP A 1 106 ? 1.835   8.227   10.761  1.00 61.80 ? 206 ASP A CG  1 
ATOM   861 O OD1 . ASP A 1 106 ? 0.888   8.929   11.261  1.00 65.69 ? 206 ASP A OD1 1 
ATOM   862 O OD2 . ASP A 1 106 ? 2.985   8.740   10.592  1.00 71.54 ? 206 ASP A OD2 1 
ATOM   863 N N   . ALA A 1 107 ? 0.539   3.838   11.102  1.00 45.98 ? 207 ALA A N   1 
ATOM   864 C CA  . ALA A 1 107 ? 0.139   2.485   10.608  1.00 45.09 ? 207 ALA A CA  1 
ATOM   865 C C   . ALA A 1 107 ? -1.236  2.148   11.090  1.00 46.39 ? 207 ALA A C   1 
ATOM   866 O O   . ALA A 1 107 ? -2.086  1.726   10.357  1.00 44.59 ? 207 ALA A O   1 
ATOM   867 C CB  . ALA A 1 107 ? 1.128   1.476   11.135  1.00 44.47 ? 207 ALA A CB  1 
ATOM   868 N N   . GLU A 1 108 ? -1.477  2.374   12.379  1.00 48.88 ? 208 GLU A N   1 
ATOM   869 C CA  . GLU A 1 108 ? -2.810  2.128   12.922  1.00 50.80 ? 208 GLU A CA  1 
ATOM   870 C C   . GLU A 1 108 ? -3.893  2.955   12.223  1.00 48.50 ? 208 GLU A C   1 
ATOM   871 O O   . GLU A 1 108 ? -4.923  2.438   11.956  1.00 48.95 ? 208 GLU A O   1 
ATOM   872 C CB  . GLU A 1 108 ? -2.768  2.158   14.463  1.00 52.86 ? 208 GLU A CB  1 
ATOM   873 C CG  . GLU A 1 108 ? -4.093  1.788   15.118  1.00 64.18 ? 208 GLU A CG  1 
ATOM   874 C CD  . GLU A 1 108 ? -4.140  1.875   16.681  1.00 75.51 ? 208 GLU A CD  1 
ATOM   875 O OE1 . GLU A 1 108 ? -3.659  2.903   17.294  1.00 78.68 ? 208 GLU A OE1 1 
ATOM   876 O OE2 . GLU A 1 108 ? -4.751  0.923   17.303  1.00 83.59 ? 208 GLU A OE2 1 
ATOM   877 N N   . GLU A 1 109 ? -3.653  4.185   11.844  1.00 50.25 ? 209 GLU A N   1 
ATOM   878 C CA  . GLU A 1 109 ? -4.653  4.986   11.119  1.00 50.85 ? 209 GLU A CA  1 
ATOM   879 C C   . GLU A 1 109 ? -4.958  4.396   9.788   1.00 51.20 ? 209 GLU A C   1 
ATOM   880 O O   . GLU A 1 109 ? -6.081  4.387   9.363   1.00 48.58 ? 209 GLU A O   1 
ATOM   881 C CB  . GLU A 1 109 ? -4.146  6.411   10.905  1.00 51.68 ? 209 GLU A CB  1 
ATOM   882 C CG  . GLU A 1 109 ? -3.995  7.167   12.244  1.00 57.13 ? 209 GLU A CG  1 
ATOM   883 C CD  . GLU A 1 109 ? -3.587  8.639   12.098  1.00 62.58 ? 209 GLU A CD  1 
ATOM   884 O OE1 . GLU A 1 109 ? -3.787  9.407   13.068  1.00 71.13 ? 209 GLU A OE1 1 
ATOM   885 O OE2 . GLU A 1 109 ? -3.110  9.048   11.051  1.00 65.60 ? 209 GLU A OE2 1 
ATOM   886 N N   . TRP A 1 110 ? -3.920  3.955   9.056   1.00 49.74 ? 210 TRP A N   1 
ATOM   887 C CA  . TRP A 1 110 ? -4.160  3.199   7.794   1.00 46.04 ? 210 TRP A CA  1 
ATOM   888 C C   . TRP A 1 110 ? -5.000  1.979   7.976   1.00 45.48 ? 210 TRP A C   1 
ATOM   889 O O   . TRP A 1 110 ? -5.999  1.780   7.279   1.00 46.53 ? 210 TRP A O   1 
ATOM   890 C CB  . TRP A 1 110 ? -2.813  2.814   7.108   1.00 45.14 ? 210 TRP A CB  1 
ATOM   891 C CG  . TRP A 1 110 ? -2.205  3.867   6.271   1.00 40.32 ? 210 TRP A CG  1 
ATOM   892 C CD1 . TRP A 1 110 ? -1.164  4.713   6.609   1.00 41.76 ? 210 TRP A CD1 1 
ATOM   893 C CD2 . TRP A 1 110 ? -2.524  4.178   4.932   1.00 43.02 ? 210 TRP A CD2 1 
ATOM   894 N NE1 . TRP A 1 110 ? -0.868  5.556   5.561   1.00 42.06 ? 210 TRP A NE1 1 
ATOM   895 C CE2 . TRP A 1 110 ? -1.686  5.250   4.523   1.00 38.24 ? 210 TRP A CE2 1 
ATOM   896 C CE3 . TRP A 1 110 ? -3.451  3.691   4.039   1.00 41.56 ? 210 TRP A CE3 1 
ATOM   897 C CZ2 . TRP A 1 110 ? -1.686  5.748   3.250   1.00 46.09 ? 210 TRP A CZ2 1 
ATOM   898 C CZ3 . TRP A 1 110 ? -3.497  4.266   2.784   1.00 45.62 ? 210 TRP A CZ3 1 
ATOM   899 C CH2 . TRP A 1 110 ? -2.639  5.266   2.419   1.00 45.02 ? 210 TRP A CH2 1 
ATOM   900 N N   . VAL A 1 111 ? -4.635  1.132   8.902   1.00 43.73 ? 211 VAL A N   1 
ATOM   901 C CA  . VAL A 1 111 ? -5.409  -0.060  9.180   1.00 44.09 ? 211 VAL A CA  1 
ATOM   902 C C   . VAL A 1 111 ? -6.891  0.281   9.542   1.00 48.43 ? 211 VAL A C   1 
ATOM   903 O O   . VAL A 1 111 ? -7.801  -0.368  9.077   1.00 48.27 ? 211 VAL A O   1 
ATOM   904 C CB  . VAL A 1 111 ? -4.797  -0.883  10.258  1.00 43.16 ? 211 VAL A CB  1 
ATOM   905 C CG1 . VAL A 1 111 ? -5.674  -1.967  10.746  1.00 46.54 ? 211 VAL A CG1 1 
ATOM   906 C CG2 . VAL A 1 111 ? -3.429  -1.499  9.768   1.00 44.95 ? 211 VAL A CG2 1 
ATOM   907 N N   . GLN A 1 112 ? -7.077  1.260   10.408  1.00 51.93 ? 212 GLN A N   1 
ATOM   908 C CA  . GLN A 1 112 ? -8.456  1.695   10.835  1.00 52.85 ? 212 GLN A CA  1 
ATOM   909 C C   . GLN A 1 112 ? -9.221  2.164   9.649   1.00 52.55 ? 212 GLN A C   1 
ATOM   910 O O   . GLN A 1 112 ? -10.336 1.765   9.447   1.00 54.22 ? 212 GLN A O   1 
ATOM   911 C CB  . GLN A 1 112 ? -8.369  2.776   11.909  1.00 53.89 ? 212 GLN A CB  1 
ATOM   912 C CG  . GLN A 1 112 ? -7.961  2.274   13.234  1.00 59.32 ? 212 GLN A CG  1 
ATOM   913 C CD  . GLN A 1 112 ? -7.902  3.379   14.340  1.00 64.08 ? 212 GLN A CD  1 
ATOM   914 O OE1 . GLN A 1 112 ? -7.768  4.595   14.048  1.00 65.39 ? 212 GLN A OE1 1 
ATOM   915 N NE2 . GLN A 1 112 ? -7.981  2.927   15.616  1.00 66.34 ? 212 GLN A NE2 1 
ATOM   916 N N   . GLN A 1 113 ? -8.615  2.976   8.815   1.00 53.04 ? 213 GLN A N   1 
ATOM   917 C CA  . GLN A 1 113 ? -9.285  3.452   7.636   1.00 52.80 ? 213 GLN A CA  1 
ATOM   918 C C   . GLN A 1 113 ? -9.682  2.266   6.734   1.00 54.32 ? 213 GLN A C   1 
ATOM   919 O O   . GLN A 1 113 ? -10.808 2.171   6.221   1.00 51.27 ? 213 GLN A O   1 
ATOM   920 C CB  . GLN A 1 113 ? -8.332  4.376   6.943   1.00 54.27 ? 213 GLN A CB  1 
ATOM   921 C CG  . GLN A 1 113 ? -8.798  5.090   5.739   1.00 58.64 ? 213 GLN A CG  1 
ATOM   922 C CD  . GLN A 1 113 ? -9.877  6.169   6.029   1.00 60.88 ? 213 GLN A CD  1 
ATOM   923 O OE1 . GLN A 1 113 ? -9.537  7.269   6.353   1.00 60.43 ? 213 GLN A OE1 1 
ATOM   924 N NE2 . GLN A 1 113 ? -11.144 5.819   5.885   1.00 62.05 ? 213 GLN A NE2 1 
ATOM   925 N N   . LEU A 1 114 ? -8.734  1.335   6.511   1.00 52.58 ? 214 LEU A N   1 
ATOM   926 C CA  . LEU A 1 114 ? -9.019  0.234   5.596   1.00 51.63 ? 214 LEU A CA  1 
ATOM   927 C C   . LEU A 1 114 ? -10.009 -0.705  6.269   1.00 52.37 ? 214 LEU A C   1 
ATOM   928 O O   . LEU A 1 114 ? -10.927 -1.223  5.649   1.00 53.29 ? 214 LEU A O   1 
ATOM   929 C CB  . LEU A 1 114 ? -7.699  -0.505  5.283   1.00 49.28 ? 214 LEU A CB  1 
ATOM   930 C CG  . LEU A 1 114 ? -6.753  0.221   4.390   1.00 47.79 ? 214 LEU A CG  1 
ATOM   931 C CD1 . LEU A 1 114 ? -5.257  -0.354  4.577   1.00 43.64 ? 214 LEU A CD1 1 
ATOM   932 C CD2 . LEU A 1 114 ? -7.268  0.147   2.910   1.00 49.31 ? 214 LEU A CD2 1 
ATOM   933 N N   . LYS A 1 115 ? -9.832  -0.934  7.550   1.00 54.42 ? 215 LYS A N   1 
ATOM   934 C CA  . LYS A 1 115 ? -10.617 -1.928  8.243   1.00 59.33 ? 215 LYS A CA  1 
ATOM   935 C C   . LYS A 1 115 ? -12.073 -1.496  8.236   1.00 61.51 ? 215 LYS A C   1 
ATOM   936 O O   . LYS A 1 115 ? -13.008 -2.299  8.156   1.00 61.89 ? 215 LYS A O   1 
ATOM   937 C CB  . LYS A 1 115 ? -10.149 -2.028  9.678   1.00 59.76 ? 215 LYS A CB  1 
ATOM   938 C CG  . LYS A 1 115 ? -10.772 -3.106  10.436  1.00 66.75 ? 215 LYS A CG  1 
ATOM   939 C CD  . LYS A 1 115 ? -10.171 -3.193  11.848  1.00 70.94 ? 215 LYS A CD  1 
ATOM   940 C CE  . LYS A 1 115 ? -8.819  -3.905  11.769  1.00 73.07 ? 215 LYS A CE  1 
ATOM   941 N NZ  . LYS A 1 115 ? -8.232  -4.151  13.087  1.00 77.83 ? 215 LYS A NZ  1 
ATOM   942 N N   . PHE A 1 116 ? -12.250 -0.193  8.297   1.00 65.22 ? 216 PHE A N   1 
ATOM   943 C CA  . PHE A 1 116 ? -13.583 0.369   8.356   1.00 67.46 ? 216 PHE A CA  1 
ATOM   944 C C   . PHE A 1 116 ? -14.294 0.095   7.040   1.00 67.83 ? 216 PHE A C   1 
ATOM   945 O O   . PHE A 1 116 ? -15.479 -0.261  7.055   1.00 69.64 ? 216 PHE A O   1 
ATOM   946 C CB  . PHE A 1 116 ? -13.530 1.866   8.715   1.00 67.68 ? 216 PHE A CB  1 
ATOM   947 C CG  . PHE A 1 116 ? -14.880 2.444   9.067   1.00 69.72 ? 216 PHE A CG  1 
ATOM   948 C CD1 . PHE A 1 116 ? -15.793 1.720   9.869   1.00 73.05 ? 216 PHE A CD1 1 
ATOM   949 C CD2 . PHE A 1 116 ? -15.276 3.656   8.543   1.00 76.23 ? 216 PHE A CD2 1 
ATOM   950 C CE1 . PHE A 1 116 ? -17.067 2.232   10.164  1.00 74.87 ? 216 PHE A CE1 1 
ATOM   951 C CE2 . PHE A 1 116 ? -16.552 4.171   8.858   1.00 74.70 ? 216 PHE A CE2 1 
ATOM   952 C CZ  . PHE A 1 116 ? -17.426 3.448   9.667   1.00 72.12 ? 216 PHE A CZ  1 
ATOM   953 N N   . ILE A 1 117 ? -13.576 0.171   5.917   1.00 68.78 ? 217 ILE A N   1 
ATOM   954 C CA  . ILE A 1 117 ? -14.102 -0.209  4.581   1.00 68.56 ? 217 ILE A CA  1 
ATOM   955 C C   . ILE A 1 117 ? -14.349 -1.712  4.399   1.00 69.73 ? 217 ILE A C   1 
ATOM   956 O O   . ILE A 1 117 ? -15.389 -2.128  3.902   1.00 68.62 ? 217 ILE A O   1 
ATOM   957 C CB  . ILE A 1 117 ? -13.157 0.274   3.472   1.00 69.52 ? 217 ILE A CB  1 
ATOM   958 C CG1 . ILE A 1 117 ? -12.996 1.811   3.522   1.00 67.35 ? 217 ILE A CG1 1 
ATOM   959 C CG2 . ILE A 1 117 ? -13.647 -0.208  2.114   1.00 70.03 ? 217 ILE A CG2 1 
ATOM   960 C CD1 . ILE A 1 117 ? -11.896 2.383   2.640   1.00 66.60 ? 217 ILE A CD1 1 
ATOM   961 N N   . LEU A 1 118 ? -13.414 -2.528  4.833   1.00 70.13 ? 218 LEU A N   1 
ATOM   962 C CA  . LEU A 1 118 ? -13.547 -3.960  4.684   1.00 72.00 ? 218 LEU A CA  1 
ATOM   963 C C   . LEU A 1 118 ? -14.564 -4.479  5.764   1.00 75.74 ? 218 LEU A C   1 
ATOM   964 O O   . LEU A 1 118 ? -14.353 -4.445  6.966   1.00 76.18 ? 218 LEU A O   1 
ATOM   965 C CB  . LEU A 1 118 ? -12.174 -4.619  4.704   1.00 70.44 ? 218 LEU A CB  1 
ATOM   966 C CG  . LEU A 1 118 ? -11.135 -3.906  3.813   1.00 66.17 ? 218 LEU A CG  1 
ATOM   967 C CD1 . LEU A 1 118 ? -9.802  -4.444  4.106   1.00 62.95 ? 218 LEU A CD1 1 
ATOM   968 C CD2 . LEU A 1 118 ? -11.506 -4.079  2.348   1.00 62.42 ? 218 LEU A CD2 1 
ATOM   969 N N   . GLN A 1 119 ? -15.730 -4.852  5.258   1.00 80.43 ? 219 GLN A N   1 
ATOM   970 C CA  . GLN A 1 119 ? -16.972 -5.064  6.031   1.00 82.99 ? 219 GLN A CA  1 
ATOM   971 C C   . GLN A 1 119 ? -17.879 -5.953  5.134   1.00 84.38 ? 219 GLN A C   1 
ATOM   972 O O   . GLN A 1 119 ? -18.534 -5.523  4.141   1.00 85.46 ? 219 GLN A O   1 
ATOM   973 C CB  . GLN A 1 119 ? -17.704 -3.728  6.299   1.00 84.41 ? 219 GLN A CB  1 
ATOM   974 C CG  . GLN A 1 119 ? -17.051 -2.736  7.312   1.00 86.70 ? 219 GLN A CG  1 
ATOM   975 C CD  . GLN A 1 119 ? -17.068 -3.206  8.763   1.00 90.62 ? 219 GLN A CD  1 
ATOM   976 O OE1 . GLN A 1 119 ? -16.177 -2.825  9.555   1.00 92.63 ? 219 GLN A OE1 1 
ATOM   977 N NE2 . GLN A 1 119 ? -18.087 -4.017  9.133   1.00 91.60 ? 219 GLN A NE2 1 
HETATM 978 S S   . SO4 B 2 .   ? 6.520   -1.762  -7.496  1.00 49.11 ? 1   SO4 A S   1 
HETATM 979 O O1  . SO4 B 2 .   ? 6.332   -3.127  -7.022  1.00 44.72 ? 1   SO4 A O1  1 
HETATM 980 O O2  . SO4 B 2 .   ? 6.052   -0.821  -6.470  1.00 46.21 ? 1   SO4 A O2  1 
HETATM 981 O O3  . SO4 B 2 .   ? 7.920   -1.443  -7.801  1.00 44.15 ? 1   SO4 A O3  1 
HETATM 982 O O4  . SO4 B 2 .   ? 5.570   -1.655  -8.679  1.00 49.21 ? 1   SO4 A O4  1 
HETATM 983 S S   . SO4 C 2 .   ? -0.402  -4.401  -9.056  1.00 63.29 ? 2   SO4 A S   1 
HETATM 984 O O1  . SO4 C 2 .   ? -1.422  -5.512  -9.249  1.00 63.01 ? 2   SO4 A O1  1 
HETATM 985 O O2  . SO4 C 2 .   ? -0.461  -4.140  -7.566  1.00 56.60 ? 2   SO4 A O2  1 
HETATM 986 O O3  . SO4 C 2 .   ? 0.934   -4.883  -9.498  1.00 56.88 ? 2   SO4 A O3  1 
HETATM 987 O O4  . SO4 C 2 .   ? -0.750  -3.198  -9.981  1.00 48.31 ? 2   SO4 A O4  1 
HETATM 988 O O   . HOH D 3 .   ? 14.640  -1.685  3.670   1.00 54.94 ? 249 HOH A O   1 
HETATM 989 O O   . HOH D 3 .   ? 5.032   6.152   -9.936  1.00 42.77 ? 250 HOH A O   1 
HETATM 990 O O   . HOH D 3 .   ? 3.707   -3.788  13.305  1.00 51.27 ? 251 HOH A O   1 
HETATM 991 O O   . HOH D 3 .   ? -2.323  -2.853  -15.377 1.00 54.66 ? 252 HOH A O   1 
HETATM 992 O O   . HOH D 3 .   ? 8.037   -2.567  -3.065  1.00 46.10 ? 253 HOH A O   1 
HETATM 993 O O   . HOH D 3 .   ? -4.973  11.300  3.976   1.00 54.69 ? 254 HOH A O   1 
HETATM 994 O O   . HOH D 3 .   ? -3.629  -2.267  -22.044 1.00 50.21 ? 255 HOH A O   1 
HETATM 995 O O   . HOH D 3 .   ? -7.229  -5.408  -8.127  1.00 50.96 ? 256 HOH A O   1 
# 
